data_8P2E
#
_entry.id   8P2E
#
_cell.length_a   1.00
_cell.length_b   1.00
_cell.length_c   1.00
_cell.angle_alpha   90.00
_cell.angle_beta   90.00
_cell.angle_gamma   90.00
#
_symmetry.space_group_name_H-M   'P 1'
#
loop_
_entity.id
_entity.type
_entity.pdbx_description
1 polymer 'B1 fab light'
2 polymer 'B1 fab heavy'
#
loop_
_entity_poly.entity_id
_entity_poly.type
_entity_poly.pdbx_seq_one_letter_code
_entity_poly.pdbx_strand_id
1 'polypeptide(L)'
;MEVQLLESGGGLVQPGGSLRLSCAASGFTFTSYAMSWVRQAPGKGLEWVSGISYGSGDTYYADSVKGRFTISRDNSKNTL
YLQMNSLRAEDTAVYYCARSRGSQTFDYWGQGTLVTVSSASTKGPSVFPLAPSSKSTSGGTAALGCLVKDYFPEPVTVSW
NSGALTSGVHTFPAVLQSSGLYSLSSVVTVPSSSLGTQTYICNVNHKPSNTKVDKKVEPKSEF
;
A,C,E,G
2 'polypeptide(L)'
;DIVLTQSPATLSLSPGERATLSCRASQSVSRSLAWYQQKPGQAPRLLIYGSSNRATGIPARFSGSGSGTDFTLTISSLEP
EDFAVYYCQQRIHTSWTFGQGTKVEIKRTVAAPSVFIFPPSDEQLKSGTASVVCLLNNFYPREAKVQWKVDNALQSGNSQ
ESVTEQDSKDSTYSLSSTLTLSKADYEKHKVYACEVTHQGLSSPVTKSFNRGEAGKPIPNPLLGLDSTGGSAHIVMVDAY
KPTK
;
B,D,F,H
#
# COMPACT_ATOMS: atom_id res chain seq x y z
N GLN A 4 24.53 13.36 14.14
CA GLN A 4 25.96 13.70 14.34
C GLN A 4 26.82 12.82 13.44
N LEU A 5 26.50 11.53 13.35
CA LEU A 5 27.30 10.59 12.53
C LEU A 5 26.39 9.90 11.51
N LEU A 6 26.10 10.58 10.39
CA LEU A 6 25.22 10.01 9.38
C LEU A 6 25.98 9.02 8.53
N GLU A 7 25.66 7.73 8.59
CA GLU A 7 26.49 6.82 7.80
C GLU A 7 25.79 5.82 6.91
N SER A 8 26.48 5.51 5.81
CA SER A 8 26.04 4.57 4.79
C SER A 8 27.17 3.94 3.96
N GLY A 9 26.79 3.45 2.77
CA GLY A 9 27.73 2.80 1.86
C GLY A 9 27.89 1.30 2.07
N GLY A 10 26.95 0.65 2.72
CA GLY A 10 27.12 -0.78 2.95
C GLY A 10 26.70 -1.58 1.75
N GLY A 11 26.57 -2.88 1.93
CA GLY A 11 26.23 -3.74 0.83
C GLY A 11 26.97 -5.07 0.85
N LEU A 12 26.65 -5.90 -0.12
CA LEU A 12 27.22 -7.22 -0.28
C LEU A 12 28.40 -7.20 -1.25
N VAL A 13 29.52 -7.75 -0.79
CA VAL A 13 30.77 -7.79 -1.52
C VAL A 13 31.23 -9.25 -1.65
N GLN A 14 31.79 -9.61 -2.78
CA GLN A 14 32.29 -10.95 -2.95
C GLN A 14 33.66 -11.05 -2.24
N PRO A 15 34.11 -12.20 -1.75
CA PRO A 15 35.40 -12.37 -1.14
C PRO A 15 36.46 -11.89 -2.10
N GLY A 16 37.40 -11.13 -1.57
CA GLY A 16 38.49 -10.57 -2.33
C GLY A 16 38.13 -9.22 -2.92
N GLY A 17 36.87 -8.82 -2.79
CA GLY A 17 36.40 -7.57 -3.36
C GLY A 17 36.62 -6.42 -2.41
N SER A 18 35.99 -5.29 -2.73
CA SER A 18 36.17 -4.11 -1.92
C SER A 18 34.93 -3.26 -1.83
N LEU A 19 34.90 -2.42 -0.80
CA LEU A 19 33.80 -1.51 -0.55
C LEU A 19 34.21 -0.19 0.12
N ARG A 20 33.62 0.92 -0.30
CA ARG A 20 33.90 2.18 0.36
C ARG A 20 32.76 2.61 1.29
N LEU A 21 33.06 2.80 2.58
CA LEU A 21 32.07 3.28 3.55
C LEU A 21 32.28 4.73 3.83
N SER A 22 31.22 5.44 4.20
CA SER A 22 31.42 6.83 4.58
C SER A 22 30.42 7.37 5.60
N CYS A 23 30.86 8.40 6.32
CA CYS A 23 30.01 9.07 7.30
C CYS A 23 30.14 10.56 7.40
N ALA A 24 29.00 11.26 7.37
CA ALA A 24 29.01 12.70 7.47
C ALA A 24 28.77 13.18 8.88
N ALA A 25 29.47 14.24 9.26
CA ALA A 25 29.23 14.86 10.56
C ALA A 25 27.89 15.57 10.53
N SER A 26 27.20 15.61 11.66
CA SER A 26 25.95 16.35 11.71
C SER A 26 25.71 17.08 13.03
N GLY A 27 26.55 18.06 13.32
CA GLY A 27 26.44 18.82 14.57
C GLY A 27 27.82 19.32 15.03
N PHE A 28 28.63 18.39 15.52
CA PHE A 28 29.99 18.71 15.95
C PHE A 28 30.86 19.01 14.77
N THR A 29 31.77 19.96 14.94
CA THR A 29 32.70 20.25 13.89
C THR A 29 33.52 19.00 13.68
N PHE A 30 33.57 18.53 12.45
CA PHE A 30 34.27 17.31 12.11
C PHE A 30 35.73 17.42 12.44
N THR A 31 36.29 18.56 12.10
CA THR A 31 37.70 18.80 12.19
C THR A 31 38.18 18.98 13.62
N SER A 32 37.27 19.05 14.58
CA SER A 32 37.66 19.24 15.96
C SER A 32 37.86 17.92 16.69
N TYR A 33 37.49 16.80 16.06
CA TYR A 33 37.57 15.51 16.73
C TYR A 33 38.22 14.39 15.94
N ALA A 34 38.81 13.46 16.67
CA ALA A 34 39.31 12.21 16.12
C ALA A 34 38.12 11.31 15.84
N MET A 35 38.28 10.43 14.87
CA MET A 35 37.22 9.52 14.47
C MET A 35 37.65 8.07 14.31
N SER A 36 36.73 7.16 14.58
CA SER A 36 37.02 5.75 14.40
C SER A 36 35.87 4.90 13.91
N TRP A 37 36.24 3.72 13.43
CA TRP A 37 35.28 2.73 13.00
C TRP A 37 35.39 1.50 13.89
N VAL A 38 34.23 0.99 14.26
CA VAL A 38 34.08 -0.19 15.10
C VAL A 38 33.17 -1.17 14.41
N ARG A 39 33.46 -2.44 14.43
CA ARG A 39 32.54 -3.34 13.75
C ARG A 39 32.02 -4.42 14.65
N GLN A 40 30.78 -4.79 14.43
CA GLN A 40 30.19 -5.86 15.21
C GLN A 40 29.67 -6.99 14.35
N ALA A 41 30.35 -8.12 14.39
CA ALA A 41 29.90 -9.25 13.60
C ALA A 41 28.64 -9.74 14.26
N PRO A 42 27.67 -10.32 13.55
CA PRO A 42 26.50 -10.88 14.17
C PRO A 42 26.92 -11.88 15.22
N GLY A 43 26.34 -11.79 16.41
CA GLY A 43 26.63 -12.72 17.50
C GLY A 43 27.91 -12.37 18.30
N LYS A 44 28.58 -11.29 17.92
CA LYS A 44 29.83 -10.89 18.55
C LYS A 44 29.77 -9.54 19.23
N GLY A 45 30.85 -9.20 19.94
CA GLY A 45 30.96 -7.93 20.64
C GLY A 45 31.55 -6.88 19.71
N LEU A 46 32.07 -5.82 20.28
CA LEU A 46 32.56 -4.71 19.49
C LEU A 46 34.05 -4.76 19.21
N GLU A 47 34.41 -4.84 17.93
CA GLU A 47 35.81 -4.90 17.54
C GLU A 47 36.23 -3.55 16.99
N TRP A 48 37.24 -2.93 17.57
CA TRP A 48 37.65 -1.68 16.95
C TRP A 48 38.39 -2.01 15.68
N VAL A 49 38.17 -1.27 14.60
CA VAL A 49 38.85 -1.54 13.35
C VAL A 49 39.93 -0.55 13.00
N SER A 50 39.58 0.73 13.03
CA SER A 50 40.55 1.73 12.62
C SER A 50 40.19 3.10 13.11
N GLY A 51 41.14 4.02 13.00
CA GLY A 51 40.85 5.39 13.35
C GLY A 51 41.87 6.37 12.84
N ILE A 52 41.45 7.62 12.85
CA ILE A 52 42.25 8.73 12.38
C ILE A 52 42.22 9.82 13.44
N SER A 53 43.36 10.45 13.69
CA SER A 53 43.46 11.41 14.75
C SER A 53 42.99 12.78 14.41
N TYR A 54 42.86 13.58 15.46
CA TYR A 54 42.65 15.00 15.31
C TYR A 54 43.91 15.52 14.68
N GLY A 55 43.80 16.41 13.71
CA GLY A 55 45.01 16.89 13.07
C GLY A 55 45.27 16.04 11.82
N SER A 56 46.52 15.91 11.43
CA SER A 56 46.84 15.24 10.17
C SER A 56 47.31 13.79 10.32
N GLY A 57 46.64 12.89 9.60
CA GLY A 57 47.02 11.48 9.57
C GLY A 57 46.98 10.79 10.91
N ASP A 58 48.13 10.22 11.29
CA ASP A 58 48.29 9.50 12.53
C ASP A 58 47.21 8.45 12.64
N THR A 59 47.06 7.63 11.61
CA THR A 59 46.02 6.65 11.65
C THR A 59 46.47 5.41 12.38
N TYR A 60 45.48 4.65 12.81
CA TYR A 60 45.71 3.42 13.51
C TYR A 60 44.81 2.34 12.97
N TYR A 61 45.28 1.11 12.99
CA TYR A 61 44.50 -0.01 12.53
C TYR A 61 44.58 -1.16 13.50
N ALA A 62 43.53 -1.96 13.55
CA ALA A 62 43.53 -3.19 14.30
C ALA A 62 44.38 -4.18 13.58
N ASP A 63 45.01 -5.10 14.29
CA ASP A 63 45.84 -6.08 13.62
C ASP A 63 45.07 -6.87 12.58
N SER A 64 43.80 -7.14 12.86
CA SER A 64 42.93 -7.94 12.02
C SER A 64 42.65 -7.33 10.65
N VAL A 65 42.91 -6.03 10.48
CA VAL A 65 42.69 -5.37 9.20
C VAL A 65 43.93 -4.72 8.62
N LYS A 66 45.10 -4.99 9.19
CA LYS A 66 46.25 -4.34 8.61
C LYS A 66 46.49 -4.89 7.23
N GLY A 67 46.70 -4.00 6.28
CA GLY A 67 46.94 -4.38 4.90
C GLY A 67 45.65 -4.52 4.10
N ARG A 68 44.50 -4.44 4.77
CA ARG A 68 43.24 -4.59 4.08
C ARG A 68 42.43 -3.29 4.15
N PHE A 69 42.54 -2.57 5.24
CA PHE A 69 41.75 -1.35 5.38
C PHE A 69 42.59 -0.08 5.29
N THR A 70 41.99 0.96 4.71
CA THR A 70 42.58 2.30 4.68
C THR A 70 41.60 3.35 5.20
N ILE A 71 42.05 4.17 6.13
CA ILE A 71 41.17 5.20 6.68
C ILE A 71 41.64 6.58 6.30
N SER A 72 40.69 7.44 5.96
CA SER A 72 41.00 8.82 5.61
C SER A 72 39.82 9.72 5.93
N ARG A 73 40.06 11.01 5.95
CA ARG A 73 38.97 11.92 6.22
C ARG A 73 39.04 13.14 5.32
N ASP A 74 37.88 13.61 4.91
CA ASP A 74 37.78 14.80 4.09
C ASP A 74 37.19 15.94 4.90
N ASN A 75 38.06 16.88 5.23
CA ASN A 75 37.69 17.95 6.13
C ASN A 75 36.93 19.09 5.44
N SER A 76 36.76 19.01 4.12
CA SER A 76 35.98 20.01 3.41
C SER A 76 34.55 19.49 3.32
N LYS A 77 34.47 18.16 3.22
CA LYS A 77 33.19 17.45 3.11
C LYS A 77 32.64 17.05 4.46
N ASN A 78 33.46 17.18 5.51
CA ASN A 78 33.11 16.79 6.87
C ASN A 78 32.68 15.34 6.87
N THR A 79 33.40 14.57 6.07
CA THR A 79 33.07 13.18 5.89
C THR A 79 34.25 12.24 6.11
N LEU A 80 33.96 11.20 6.88
CA LEU A 80 34.91 10.16 7.22
C LEU A 80 34.79 9.04 6.21
N TYR A 81 35.92 8.52 5.75
CA TYR A 81 35.89 7.43 4.79
C TYR A 81 36.67 6.22 5.22
N LEU A 82 36.18 5.05 4.82
CA LEU A 82 36.94 3.83 5.06
C LEU A 82 36.93 2.96 3.82
N GLN A 83 38.11 2.66 3.31
CA GLN A 83 38.22 1.83 2.14
C GLN A 83 38.56 0.42 2.59
N MET A 84 37.66 -0.48 2.30
CA MET A 84 37.76 -1.85 2.73
C MET A 84 38.18 -2.75 1.57
N ASN A 85 39.44 -3.21 1.54
CA ASN A 85 39.94 -4.00 0.41
C ASN A 85 40.20 -5.46 0.75
N SER A 86 40.22 -6.31 -0.28
CA SER A 86 40.60 -7.71 -0.09
C SER A 86 39.83 -8.31 1.07
N LEU A 87 38.52 -8.13 1.04
CA LEU A 87 37.70 -8.55 2.16
C LEU A 87 37.44 -10.04 2.22
N ARG A 88 37.30 -10.51 3.45
CA ARG A 88 37.06 -11.90 3.79
C ARG A 88 35.69 -12.10 4.41
N ALA A 89 35.22 -13.35 4.46
CA ALA A 89 33.92 -13.63 5.08
C ALA A 89 33.90 -13.11 6.53
N GLU A 90 35.04 -13.18 7.19
CA GLU A 90 35.24 -12.76 8.57
C GLU A 90 35.06 -11.25 8.78
N ASP A 91 35.03 -10.47 7.70
CA ASP A 91 34.86 -9.03 7.80
C ASP A 91 33.37 -8.67 7.79
N THR A 92 32.49 -9.69 7.74
CA THR A 92 31.06 -9.40 7.78
C THR A 92 30.73 -8.81 9.13
N ALA A 93 30.15 -7.63 9.13
CA ALA A 93 29.84 -6.95 10.37
C ALA A 93 29.04 -5.72 10.14
N VAL A 94 28.45 -5.20 11.20
CA VAL A 94 27.87 -3.89 11.11
C VAL A 94 28.95 -2.92 11.50
N TYR A 95 29.25 -1.97 10.64
CA TYR A 95 30.28 -1.02 10.92
C TYR A 95 29.67 0.23 11.47
N TYR A 96 30.24 0.76 12.53
CA TYR A 96 29.73 1.97 13.12
C TYR A 96 30.80 3.01 13.18
N CYS A 97 30.41 4.23 12.98
CA CYS A 97 31.34 5.31 13.15
C CYS A 97 31.21 5.85 14.53
N ALA A 98 32.30 6.34 15.08
CA ALA A 98 32.18 6.99 16.36
C ALA A 98 33.15 8.13 16.56
N ARG A 99 32.68 9.13 17.29
CA ARG A 99 33.43 10.32 17.63
C ARG A 99 34.10 10.15 18.97
N SER A 100 35.42 10.31 18.96
CA SER A 100 36.25 10.14 20.14
C SER A 100 36.25 11.36 21.06
N ARG A 101 36.56 11.11 22.32
CA ARG A 101 36.73 12.12 23.35
C ARG A 101 38.13 12.03 23.92
N GLY A 102 38.93 13.02 23.60
CA GLY A 102 40.31 13.00 24.05
C GLY A 102 40.91 11.75 23.49
N SER A 103 41.55 10.99 24.36
CA SER A 103 42.20 9.75 23.99
C SER A 103 41.53 8.53 24.60
N GLN A 104 40.41 8.73 25.33
CA GLN A 104 39.83 7.59 26.05
C GLN A 104 38.45 7.06 25.69
N THR A 105 37.52 7.89 25.18
CA THR A 105 36.17 7.32 24.94
C THR A 105 35.58 7.64 23.58
N PHE A 106 34.52 6.92 23.20
CA PHE A 106 33.75 7.17 21.99
C PHE A 106 32.39 7.71 22.40
N ASP A 107 32.22 9.02 22.31
CA ASP A 107 31.01 9.63 22.83
C ASP A 107 29.80 9.53 21.91
N TYR A 108 30.04 9.61 20.62
CA TYR A 108 28.89 9.60 19.70
C TYR A 108 29.03 8.52 18.70
N TRP A 109 27.95 7.82 18.46
CA TRP A 109 27.91 6.70 17.54
C TRP A 109 26.94 6.88 16.40
N GLY A 110 27.27 6.31 15.25
CA GLY A 110 26.41 6.33 14.08
C GLY A 110 25.36 5.23 14.15
N GLN A 111 24.64 5.00 13.06
CA GLN A 111 23.53 4.04 13.06
C GLN A 111 23.95 2.61 12.88
N GLY A 112 25.04 2.42 12.15
CA GLY A 112 25.53 1.10 11.82
C GLY A 112 25.23 0.76 10.37
N THR A 113 26.26 0.43 9.61
CA THR A 113 26.14 0.10 8.21
C THR A 113 26.54 -1.34 7.98
N LEU A 114 25.67 -2.12 7.39
CA LEU A 114 26.01 -3.53 7.22
C LEU A 114 26.77 -3.85 5.96
N VAL A 115 27.91 -4.52 6.15
CA VAL A 115 28.73 -5.00 5.07
C VAL A 115 28.81 -6.50 5.17
N THR A 116 28.45 -7.18 4.10
CA THR A 116 28.45 -8.64 4.09
C THR A 116 29.41 -9.15 3.06
N VAL A 117 30.24 -10.11 3.43
CA VAL A 117 31.15 -10.65 2.45
C VAL A 117 30.83 -12.12 2.24
N SER A 118 30.48 -12.46 1.01
CA SER A 118 30.06 -13.81 0.68
C SER A 118 30.06 -14.13 -0.79
N SER A 119 30.29 -15.41 -1.10
CA SER A 119 30.23 -15.90 -2.47
C SER A 119 28.80 -16.01 -2.98
N ALA A 120 27.83 -15.96 -2.07
CA ALA A 120 26.43 -16.04 -2.44
C ALA A 120 25.99 -14.77 -3.15
N SER A 121 25.15 -14.92 -4.15
CA SER A 121 24.57 -13.80 -4.90
C SER A 121 23.39 -13.20 -4.17
N THR A 122 22.92 -12.04 -4.61
CA THR A 122 21.72 -11.45 -4.02
C THR A 122 20.55 -12.36 -4.35
N LYS A 123 19.74 -12.69 -3.35
CA LYS A 123 18.59 -13.56 -3.55
C LYS A 123 17.47 -13.23 -2.59
N GLY A 124 16.25 -13.03 -3.11
CA GLY A 124 15.11 -12.74 -2.23
C GLY A 124 14.50 -14.05 -1.72
N PRO A 125 13.69 -13.99 -0.66
CA PRO A 125 13.00 -15.08 0.01
C PRO A 125 11.79 -15.63 -0.68
N SER A 126 11.50 -16.87 -0.36
CA SER A 126 10.23 -17.48 -0.69
C SER A 126 9.43 -17.43 0.59
N VAL A 127 8.12 -17.29 0.52
CA VAL A 127 7.37 -17.25 1.78
C VAL A 127 6.37 -18.37 1.82
N PHE A 128 6.44 -19.12 2.90
CA PHE A 128 5.61 -20.28 3.13
C PHE A 128 4.79 -20.18 4.40
N PRO A 129 3.54 -19.73 4.34
CA PRO A 129 2.66 -19.51 5.47
C PRO A 129 2.49 -20.73 6.33
N LEU A 130 2.43 -20.48 7.62
CA LEU A 130 2.25 -21.47 8.65
C LEU A 130 0.82 -21.29 9.18
N ALA A 131 -0.08 -22.13 8.71
CA ALA A 131 -1.48 -21.94 9.07
C ALA A 131 -1.71 -22.25 10.54
N PRO A 132 -2.62 -21.54 11.23
CA PRO A 132 -3.05 -21.78 12.61
C PRO A 132 -3.90 -23.04 12.86
N SER A 133 -4.44 -23.68 11.79
CA SER A 133 -5.33 -24.86 11.81
C SER A 133 -6.51 -24.67 12.78
N THR A 141 -6.98 -18.71 21.93
CA THR A 141 -5.82 -18.11 21.28
C THR A 141 -5.23 -19.15 20.30
N ALA A 142 -4.77 -18.64 19.13
CA ALA A 142 -4.16 -19.38 18.03
C ALA A 142 -2.94 -18.65 17.55
N ALA A 143 -1.95 -19.40 17.11
CA ALA A 143 -0.76 -18.77 16.59
C ALA A 143 -0.68 -19.02 15.11
N LEU A 144 -0.54 -17.96 14.35
CA LEU A 144 -0.42 -18.04 12.90
C LEU A 144 0.85 -17.37 12.46
N GLY A 145 1.42 -17.78 11.34
CA GLY A 145 2.63 -17.09 10.94
C GLY A 145 3.12 -17.48 9.58
N CYS A 146 4.33 -17.05 9.25
CA CYS A 146 4.97 -17.35 7.98
C CYS A 146 6.43 -17.68 8.13
N LEU A 147 6.87 -18.66 7.34
CA LEU A 147 8.28 -18.99 7.29
C LEU A 147 8.88 -18.33 6.06
N VAL A 148 9.90 -17.51 6.27
CA VAL A 148 10.54 -16.75 5.20
C VAL A 148 11.89 -17.37 4.94
N LYS A 149 12.13 -17.91 3.74
CA LYS A 149 13.38 -18.64 3.61
C LYS A 149 14.09 -18.62 2.29
N ASP A 150 15.32 -19.11 2.36
CA ASP A 150 16.28 -19.28 1.29
C ASP A 150 16.67 -17.96 0.67
N TYR A 151 16.83 -16.95 1.52
CA TYR A 151 17.24 -15.60 1.04
C TYR A 151 18.64 -15.33 1.56
N PHE A 152 19.63 -15.24 0.67
CA PHE A 152 21.02 -15.10 1.19
C PHE A 152 21.21 -13.80 2.00
N PRO A 153 20.72 -12.61 1.58
CA PRO A 153 20.98 -11.40 2.36
C PRO A 153 20.23 -11.41 3.70
N GLU A 154 20.93 -11.03 4.79
CA GLU A 154 20.30 -10.96 6.13
C GLU A 154 19.18 -9.90 6.22
N PRO A 155 19.32 -8.68 5.64
CA PRO A 155 18.33 -7.60 5.82
C PRO A 155 16.90 -7.98 5.41
N VAL A 156 16.02 -8.25 6.39
CA VAL A 156 14.64 -8.62 6.09
C VAL A 156 13.64 -8.11 7.09
N THR A 157 12.63 -7.41 6.59
CA THR A 157 11.59 -6.86 7.43
C THR A 157 10.28 -7.60 7.24
N VAL A 158 9.70 -8.04 8.35
CA VAL A 158 8.42 -8.72 8.27
C VAL A 158 7.44 -8.04 9.23
N SER A 159 6.27 -7.71 8.71
CA SER A 159 5.25 -7.09 9.54
C SER A 159 3.88 -7.65 9.22
N TRP A 160 2.91 -7.38 10.08
CA TRP A 160 1.58 -7.87 9.79
C TRP A 160 0.62 -6.74 9.52
N ASN A 161 -0.26 -6.96 8.56
CA ASN A 161 -1.33 -6.04 8.18
C ASN A 161 -0.81 -4.63 7.96
N SER A 162 0.35 -4.53 7.33
CA SER A 162 1.02 -3.27 7.05
C SER A 162 1.18 -2.38 8.29
N GLY A 163 1.44 -3.00 9.45
CA GLY A 163 1.66 -2.27 10.69
C GLY A 163 0.39 -2.02 11.51
N ALA A 164 -0.76 -2.43 10.99
CA ALA A 164 -2.03 -2.24 11.68
C ALA A 164 -2.17 -3.18 12.89
N LEU A 165 -1.39 -4.26 12.84
CA LEU A 165 -1.28 -5.30 13.86
C LEU A 165 0.12 -5.29 14.43
N THR A 166 0.28 -4.75 15.64
CA THR A 166 1.62 -4.63 16.19
C THR A 166 1.85 -5.48 17.43
N SER A 167 0.79 -5.86 18.10
CA SER A 167 0.92 -6.60 19.33
C SER A 167 0.84 -8.09 19.07
N GLY A 168 1.43 -8.88 19.96
CA GLY A 168 1.35 -10.33 19.85
C GLY A 168 2.28 -10.87 18.78
N VAL A 169 3.23 -10.03 18.32
CA VAL A 169 4.12 -10.40 17.23
C VAL A 169 5.51 -10.81 17.69
N HIS A 170 5.91 -12.02 17.30
CA HIS A 170 7.19 -12.61 17.67
C HIS A 170 8.04 -12.87 16.44
N THR A 171 9.14 -12.12 16.31
CA THR A 171 10.01 -12.31 15.14
C THR A 171 11.27 -13.00 15.56
N PHE A 172 11.55 -14.10 14.90
CA PHE A 172 12.69 -14.92 15.21
C PHE A 172 13.84 -14.62 14.27
N PRO A 173 14.98 -14.14 14.77
CA PRO A 173 16.15 -13.77 14.00
C PRO A 173 16.54 -14.94 13.13
N ALA A 174 16.99 -14.63 11.94
CA ALA A 174 17.32 -15.66 10.97
C ALA A 174 18.51 -16.49 11.33
N VAL A 175 18.44 -17.73 10.89
CA VAL A 175 19.53 -18.68 11.06
C VAL A 175 19.91 -19.18 9.70
N LEU A 176 21.09 -19.76 9.58
CA LEU A 176 21.48 -20.33 8.31
C LEU A 176 21.20 -21.80 8.21
N GLN A 177 20.92 -22.21 7.00
CA GLN A 177 20.73 -23.59 6.62
C GLN A 177 22.07 -24.09 6.10
N SER A 178 22.16 -25.37 5.77
CA SER A 178 23.40 -25.95 5.27
C SER A 178 23.80 -25.40 3.90
N SER A 179 22.83 -24.79 3.24
CA SER A 179 22.97 -24.18 1.92
C SER A 179 23.68 -22.84 1.96
N GLY A 180 23.83 -22.26 3.14
CA GLY A 180 24.43 -20.95 3.28
C GLY A 180 23.39 -19.83 3.21
N LEU A 181 22.13 -20.22 3.04
CA LEU A 181 21.05 -19.26 2.97
C LEU A 181 20.31 -19.17 4.29
N TYR A 182 19.64 -18.04 4.48
CA TYR A 182 18.89 -17.76 5.69
C TYR A 182 17.45 -18.21 5.70
N SER A 183 16.99 -18.49 6.92
CA SER A 183 15.60 -18.80 7.24
C SER A 183 15.13 -18.06 8.50
N LEU A 184 14.10 -17.24 8.33
CA LEU A 184 13.49 -16.33 9.31
C LEU A 184 12.05 -16.72 9.62
N SER A 185 11.61 -16.53 10.85
CA SER A 185 10.22 -16.87 11.12
C SER A 185 9.46 -15.78 11.86
N SER A 186 8.22 -15.55 11.44
CA SER A 186 7.38 -14.54 12.09
C SER A 186 6.00 -15.06 12.43
N VAL A 187 5.68 -15.06 13.72
CA VAL A 187 4.43 -15.58 14.22
C VAL A 187 3.68 -14.56 15.07
N VAL A 188 2.39 -14.44 14.83
CA VAL A 188 1.55 -13.56 15.59
C VAL A 188 0.43 -14.33 16.28
N THR A 189 0.18 -14.01 17.54
CA THR A 189 -0.88 -14.68 18.28
C THR A 189 -2.14 -13.84 18.28
N VAL A 190 -3.24 -14.48 17.90
CA VAL A 190 -4.53 -13.83 17.80
C VAL A 190 -5.57 -14.69 18.49
N PRO A 191 -6.78 -14.18 18.84
CA PRO A 191 -7.87 -14.98 19.37
C PRO A 191 -8.21 -16.06 18.36
N SER A 192 -8.49 -17.27 18.84
CA SER A 192 -8.83 -18.38 17.94
C SER A 192 -10.20 -18.18 17.32
N SER A 193 -10.97 -17.29 17.92
CA SER A 193 -12.31 -16.98 17.48
C SER A 193 -12.27 -16.12 16.22
N SER A 194 -11.11 -15.56 15.89
CA SER A 194 -10.99 -14.75 14.69
C SER A 194 -10.71 -15.66 13.51
N LEU A 195 -10.43 -16.94 13.74
CA LEU A 195 -10.12 -17.75 12.58
C LEU A 195 -11.41 -18.03 11.85
N GLY A 196 -11.41 -17.78 10.55
CA GLY A 196 -12.60 -18.00 9.74
C GLY A 196 -13.42 -16.72 9.60
N THR A 197 -13.07 -15.70 10.38
CA THR A 197 -13.75 -14.42 10.35
C THR A 197 -12.80 -13.41 9.78
N GLN A 198 -11.56 -13.48 10.23
CA GLN A 198 -10.53 -12.60 9.80
C GLN A 198 -9.42 -13.41 9.20
N THR A 199 -8.68 -12.79 8.30
CA THR A 199 -7.50 -13.39 7.73
C THR A 199 -6.39 -12.43 8.02
N TYR A 200 -5.15 -12.89 7.99
CA TYR A 200 -4.07 -11.97 8.29
C TYR A 200 -3.07 -11.89 7.16
N ILE A 201 -2.48 -10.72 6.98
CA ILE A 201 -1.49 -10.59 5.92
C ILE A 201 -0.09 -10.43 6.44
N CYS A 202 0.79 -11.30 5.94
CA CYS A 202 2.19 -11.23 6.30
C CYS A 202 2.92 -10.47 5.23
N ASN A 203 3.46 -9.34 5.60
CA ASN A 203 4.14 -8.47 4.65
C ASN A 203 5.64 -8.67 4.73
N VAL A 204 6.21 -9.37 3.76
CA VAL A 204 7.63 -9.71 3.78
C VAL A 204 8.42 -8.87 2.79
N ASN A 205 9.38 -8.10 3.29
CA ASN A 205 10.15 -7.20 2.45
C ASN A 205 11.66 -7.41 2.51
N HIS A 206 12.22 -7.88 1.41
CA HIS A 206 13.66 -8.10 1.34
C HIS A 206 14.18 -6.93 0.52
N LYS A 207 14.95 -6.08 1.16
CA LYS A 207 15.30 -4.85 0.48
C LYS A 207 16.25 -4.96 -0.71
N PRO A 208 17.47 -5.51 -0.63
CA PRO A 208 18.36 -5.54 -1.77
C PRO A 208 17.87 -6.42 -2.92
N SER A 209 16.99 -7.40 -2.67
CA SER A 209 16.52 -8.19 -3.79
C SER A 209 15.27 -7.61 -4.43
N ASN A 210 14.74 -6.50 -3.91
CA ASN A 210 13.49 -5.92 -4.40
C ASN A 210 12.39 -6.95 -4.41
N THR A 211 12.28 -7.72 -3.34
CA THR A 211 11.27 -8.74 -3.27
C THR A 211 10.25 -8.43 -2.21
N LYS A 212 9.00 -8.36 -2.62
CA LYS A 212 7.92 -8.07 -1.71
C LYS A 212 6.86 -9.12 -1.85
N VAL A 213 6.61 -9.83 -0.78
CA VAL A 213 5.62 -10.89 -0.82
C VAL A 213 4.56 -10.68 0.24
N ASP A 214 3.31 -10.60 -0.19
CA ASP A 214 2.22 -10.44 0.76
C ASP A 214 1.45 -11.75 0.85
N LYS A 215 1.58 -12.47 1.95
CA LYS A 215 0.86 -13.73 2.01
C LYS A 215 -0.35 -13.65 2.88
N LYS A 216 -1.39 -14.29 2.44
CA LYS A 216 -2.61 -14.38 3.20
C LYS A 216 -2.57 -15.63 4.04
N VAL A 217 -2.69 -15.46 5.34
CA VAL A 217 -2.63 -16.57 6.23
C VAL A 217 -4.04 -16.88 6.73
N GLU A 218 -4.45 -18.14 6.56
CA GLU A 218 -5.79 -18.56 7.07
C GLU A 218 -5.63 -19.86 7.85
N PRO A 219 -6.53 -20.19 8.80
CA PRO A 219 -6.46 -21.47 9.52
C PRO A 219 -6.69 -22.64 8.56
N LYS A 220 -5.95 -23.73 8.74
CA LYS A 220 -6.11 -24.94 7.88
C LYS A 220 -5.08 -26.00 8.30
N VAL B 3 41.27 -6.17 26.43
CA VAL B 3 42.00 -7.39 26.81
C VAL B 3 41.45 -8.04 28.09
N LEU B 4 40.76 -7.25 28.94
CA LEU B 4 40.19 -7.62 30.23
C LEU B 4 38.90 -8.39 29.99
N THR B 5 38.57 -9.31 30.89
CA THR B 5 37.35 -10.10 30.71
C THR B 5 36.30 -9.64 31.69
N GLN B 6 35.04 -10.02 31.44
CA GLN B 6 34.00 -9.57 32.32
C GLN B 6 33.26 -10.73 32.93
N SER B 7 32.72 -10.47 34.11
CA SER B 7 31.91 -11.44 34.80
C SER B 7 30.98 -10.73 35.78
N PRO B 8 29.81 -11.29 36.10
CA PRO B 8 29.17 -12.52 35.69
C PRO B 8 28.95 -12.58 34.20
N ALA B 9 28.94 -13.80 33.66
CA ALA B 9 28.70 -14.00 32.24
C ALA B 9 27.31 -13.52 31.86
N THR B 10 26.35 -13.72 32.77
CA THR B 10 24.98 -13.25 32.62
C THR B 10 24.49 -12.73 33.96
N LEU B 11 23.74 -11.63 33.96
CA LEU B 11 23.11 -11.16 35.20
C LEU B 11 21.61 -11.27 35.04
N SER B 12 20.89 -11.56 36.12
CA SER B 12 19.42 -11.61 36.06
C SER B 12 18.85 -10.94 37.30
N LEU B 13 18.27 -9.76 37.10
CA LEU B 13 17.77 -8.95 38.21
C LEU B 13 16.37 -8.40 38.02
N SER B 14 15.67 -8.19 39.11
CA SER B 14 14.38 -7.55 38.99
C SER B 14 14.63 -6.04 38.83
N PRO B 15 13.71 -5.28 38.24
CA PRO B 15 13.82 -3.85 38.19
C PRO B 15 13.80 -3.41 39.64
N GLY B 16 14.52 -2.37 39.97
CA GLY B 16 14.56 -1.86 41.33
C GLY B 16 15.72 -2.44 42.12
N GLU B 17 16.37 -3.47 41.58
CA GLU B 17 17.49 -4.07 42.29
C GLU B 17 18.80 -3.48 41.84
N ARG B 18 19.79 -3.55 42.72
CA ARG B 18 21.15 -3.10 42.45
C ARG B 18 21.91 -4.13 41.66
N ALA B 19 22.72 -3.71 40.70
CA ALA B 19 23.51 -4.66 39.94
C ALA B 19 24.92 -4.19 39.70
N THR B 20 25.85 -5.13 39.73
CA THR B 20 27.21 -4.80 39.42
C THR B 20 27.83 -5.77 38.43
N LEU B 21 28.66 -5.24 37.55
CA LEU B 21 29.40 -6.03 36.57
C LEU B 21 30.90 -5.78 36.67
N SER B 22 31.68 -6.85 36.79
CA SER B 22 33.11 -6.72 36.93
C SER B 22 33.85 -6.85 35.62
N CYS B 23 34.99 -6.17 35.56
CA CYS B 23 35.98 -6.23 34.48
C CYS B 23 37.32 -6.56 35.10
N ARG B 24 37.81 -7.78 34.84
CA ARG B 24 38.98 -8.29 35.53
C ARG B 24 40.26 -8.49 34.72
N ALA B 25 41.38 -8.40 35.45
CA ALA B 25 42.72 -8.53 34.92
C ALA B 25 42.93 -9.82 34.15
N SER B 26 43.62 -9.66 33.01
CA SER B 26 43.99 -10.74 32.14
C SER B 26 45.39 -10.39 31.73
N GLN B 27 45.59 -9.08 31.68
CA GLN B 27 46.86 -8.48 31.33
C GLN B 27 47.12 -7.36 32.31
N SER B 28 48.39 -7.09 32.59
CA SER B 28 48.75 -6.04 33.53
C SER B 28 48.73 -4.65 32.92
N VAL B 29 47.54 -4.22 32.52
CA VAL B 29 47.38 -2.91 31.93
C VAL B 29 46.68 -1.99 32.89
N SER B 30 47.40 -1.02 33.42
CA SER B 30 46.85 -0.12 34.42
C SER B 30 46.40 1.20 33.84
N ARG B 31 45.09 1.42 33.84
CA ARG B 31 44.47 2.62 33.28
C ARG B 31 43.01 2.70 33.66
N SER B 32 42.42 3.90 33.68
CA SER B 32 40.98 4.01 33.95
C SER B 32 40.13 3.77 32.72
N LEU B 33 39.30 2.72 32.77
CA LEU B 33 38.43 2.33 31.66
C LEU B 33 37.06 2.95 31.72
N ALA B 34 36.39 2.95 30.58
CA ALA B 34 35.00 3.42 30.49
C ALA B 34 34.04 2.30 30.15
N TRP B 35 32.78 2.47 30.54
CA TRP B 35 31.70 1.54 30.22
C TRP B 35 30.68 2.11 29.21
N TYR B 36 30.18 1.20 28.38
CA TYR B 36 29.16 1.39 27.33
C TYR B 36 27.95 0.48 27.51
N GLN B 37 26.79 0.93 27.02
CA GLN B 37 25.56 0.15 27.02
C GLN B 37 24.98 -0.13 25.65
N GLN B 38 24.71 -1.39 25.33
CA GLN B 38 24.12 -1.71 24.03
C GLN B 38 22.78 -2.43 24.10
N LYS B 39 21.79 -1.83 23.47
CA LYS B 39 20.48 -2.43 23.40
C LYS B 39 20.42 -3.23 22.11
N PRO B 40 19.62 -4.28 22.00
CA PRO B 40 19.51 -5.04 20.78
C PRO B 40 19.07 -4.12 19.66
N GLY B 41 19.73 -4.24 18.52
CA GLY B 41 19.36 -3.44 17.35
C GLY B 41 19.90 -2.01 17.37
N GLN B 42 20.68 -1.64 18.39
CA GLN B 42 21.16 -0.27 18.46
C GLN B 42 22.66 -0.14 18.65
N ALA B 43 23.20 0.99 18.21
CA ALA B 43 24.59 1.30 18.47
C ALA B 43 24.73 1.47 19.97
N PRO B 44 25.86 1.13 20.57
CA PRO B 44 26.12 1.29 21.99
C PRO B 44 26.25 2.75 22.35
N ARG B 45 25.99 3.08 23.61
CA ARG B 45 26.21 4.45 24.08
C ARG B 45 27.16 4.46 25.25
N LEU B 46 27.92 5.53 25.37
CA LEU B 46 28.84 5.68 26.48
C LEU B 46 28.10 6.00 27.74
N LEU B 47 28.42 5.32 28.83
CA LEU B 47 27.78 5.61 30.09
C LEU B 47 28.59 6.55 30.95
N ILE B 48 29.90 6.35 30.91
CA ILE B 48 30.80 7.14 31.76
C ILE B 48 32.02 7.69 31.01
N TYR B 49 32.36 8.96 31.27
CA TYR B 49 33.61 9.51 30.67
C TYR B 49 34.74 8.84 31.43
N GLY B 50 34.88 7.52 31.26
CA GLY B 50 35.86 6.76 32.07
C GLY B 50 35.22 6.41 33.39
N SER B 51 35.91 5.66 34.26
CA SER B 51 35.26 5.22 35.51
C SER B 51 34.90 6.44 36.36
N SER B 52 35.79 7.43 36.43
CA SER B 52 35.58 8.61 37.31
C SER B 52 34.34 9.44 36.97
N ASN B 53 34.05 9.68 35.68
CA ASN B 53 32.95 10.64 35.35
C ASN B 53 31.76 10.01 34.61
N ARG B 54 30.55 10.50 34.88
CA ARG B 54 29.35 10.06 34.13
C ARG B 54 29.30 10.76 32.79
N ALA B 55 28.79 10.08 31.77
CA ALA B 55 28.65 10.69 30.46
C ALA B 55 27.47 11.64 30.51
N THR B 56 27.53 12.72 29.76
CA THR B 56 26.43 13.65 29.75
C THR B 56 25.17 12.94 29.30
N GLY B 57 24.09 13.13 30.06
CA GLY B 57 22.79 12.53 29.77
C GLY B 57 22.52 11.23 30.53
N ILE B 58 23.52 10.71 31.22
CA ILE B 58 23.36 9.48 31.98
C ILE B 58 22.98 9.79 33.42
N PRO B 59 21.88 9.24 33.96
CA PRO B 59 21.36 9.52 35.28
C PRO B 59 22.29 9.01 36.34
N ALA B 60 22.26 9.65 37.51
CA ALA B 60 23.13 9.29 38.61
C ALA B 60 22.63 8.09 39.38
N ARG B 61 22.56 7.00 38.65
CA ARG B 61 22.22 5.68 39.11
C ARG B 61 23.42 4.90 38.68
N PHE B 62 24.07 5.44 37.65
CA PHE B 62 25.23 4.82 37.04
C PHE B 62 26.53 5.38 37.57
N SER B 63 27.38 4.51 38.08
CA SER B 63 28.67 4.93 38.56
C SER B 63 29.73 3.86 38.32
N GLY B 64 30.82 4.24 37.66
CA GLY B 64 31.90 3.29 37.45
C GLY B 64 32.96 3.56 38.48
N SER B 65 33.67 2.51 38.90
CA SER B 65 34.76 2.68 39.84
C SER B 65 35.75 1.54 39.71
N GLY B 66 36.93 1.72 40.29
CA GLY B 66 37.95 0.68 40.27
C GLY B 66 39.31 1.29 40.04
N SER B 67 40.30 0.44 39.87
CA SER B 67 41.66 0.94 39.68
C SER B 67 42.54 -0.10 39.03
N GLY B 68 43.70 0.33 38.53
CA GLY B 68 44.63 -0.64 38.03
C GLY B 68 44.03 -1.43 36.87
N THR B 69 43.97 -2.73 37.09
CA THR B 69 43.49 -3.72 36.16
C THR B 69 42.11 -4.29 36.47
N ASP B 70 41.46 -3.82 37.54
CA ASP B 70 40.19 -4.40 37.96
C ASP B 70 39.11 -3.36 38.30
N PHE B 71 38.03 -3.36 37.49
CA PHE B 71 36.94 -2.38 37.58
C PHE B 71 35.53 -2.92 37.71
N THR B 72 34.65 -2.10 38.29
CA THR B 72 33.24 -2.45 38.42
C THR B 72 32.26 -1.37 37.91
N LEU B 73 31.23 -1.82 37.19
CA LEU B 73 30.14 -0.94 36.79
C LEU B 73 28.99 -1.14 37.74
N THR B 74 28.58 -0.09 38.44
CA THR B 74 27.48 -0.24 39.38
C THR B 74 26.26 0.56 38.98
N ILE B 75 25.11 -0.11 38.99
CA ILE B 75 23.86 0.59 38.76
C ILE B 75 23.12 0.46 40.09
N SER B 76 22.86 1.59 40.75
CA SER B 76 22.29 1.56 42.09
C SER B 76 20.90 0.94 42.16
N SER B 77 20.14 1.09 41.09
CA SER B 77 18.80 0.56 40.96
C SER B 77 18.48 0.45 39.48
N LEU B 78 18.14 -0.73 39.03
CA LEU B 78 17.81 -0.95 37.63
C LEU B 78 16.41 -0.50 37.23
N GLU B 79 16.30 0.00 36.02
CA GLU B 79 15.02 0.34 35.41
C GLU B 79 14.98 -0.50 34.15
N PRO B 80 13.81 -0.82 33.55
CA PRO B 80 13.70 -1.62 32.32
C PRO B 80 14.63 -1.11 31.19
N GLU B 81 14.88 0.20 31.17
CA GLU B 81 15.73 0.85 30.18
C GLU B 81 17.20 0.45 30.26
N ASP B 82 17.60 -0.10 31.41
CA ASP B 82 18.98 -0.45 31.65
C ASP B 82 19.25 -1.93 31.45
N PHE B 83 18.27 -2.68 30.98
CA PHE B 83 18.57 -4.09 30.81
C PHE B 83 19.13 -4.31 29.43
N ALA B 84 20.45 -4.24 29.39
CA ALA B 84 21.25 -4.20 28.18
C ALA B 84 22.62 -4.84 28.34
N VAL B 85 23.38 -4.92 27.24
CA VAL B 85 24.72 -5.47 27.28
C VAL B 85 25.70 -4.40 27.64
N TYR B 86 26.49 -4.63 28.65
CA TYR B 86 27.44 -3.63 29.00
C TYR B 86 28.83 -4.06 28.61
N TYR B 87 29.59 -3.10 28.07
CA TYR B 87 30.96 -3.33 27.62
C TYR B 87 31.91 -2.36 28.25
N CYS B 88 33.13 -2.81 28.45
CA CYS B 88 34.17 -1.93 28.94
C CYS B 88 35.15 -1.62 27.82
N GLN B 89 35.82 -0.48 27.91
CA GLN B 89 36.84 -0.12 26.95
C GLN B 89 38.11 0.46 27.52
N GLN B 90 39.25 0.01 27.01
CA GLN B 90 40.52 0.58 27.44
C GLN B 90 41.25 1.20 26.24
N ARG B 91 42.40 1.81 26.50
CA ARG B 91 43.28 2.32 25.45
C ARG B 91 44.62 1.68 25.74
N ILE B 92 45.01 0.74 24.90
CA ILE B 92 46.18 -0.06 25.17
C ILE B 92 47.25 0.26 24.17
N HIS B 93 48.34 0.85 24.65
CA HIS B 93 49.35 1.38 23.75
C HIS B 93 48.57 2.41 22.96
N THR B 94 48.32 2.18 21.68
CA THR B 94 47.56 3.13 20.90
C THR B 94 46.21 2.56 20.48
N SER B 95 45.97 1.27 20.69
CA SER B 95 44.77 0.61 20.23
C SER B 95 43.56 0.85 21.12
N TRP B 96 42.41 0.90 20.51
CA TRP B 96 41.17 1.01 21.26
C TRP B 96 40.67 -0.40 21.46
N THR B 97 40.46 -0.81 22.71
CA THR B 97 40.07 -2.19 22.93
C THR B 97 38.81 -2.36 23.77
N PHE B 98 37.89 -3.17 23.29
CA PHE B 98 36.66 -3.44 24.01
C PHE B 98 36.66 -4.82 24.61
N GLY B 99 35.91 -4.97 25.68
CA GLY B 99 35.73 -6.25 26.35
C GLY B 99 34.70 -7.09 25.62
N GLN B 100 34.30 -8.21 26.21
CA GLN B 100 33.37 -9.10 25.54
C GLN B 100 31.93 -8.69 25.79
N GLY B 101 31.69 -8.18 26.99
CA GLY B 101 30.39 -7.69 27.39
C GLY B 101 29.47 -8.71 28.06
N THR B 102 28.62 -8.20 28.95
CA THR B 102 27.60 -9.00 29.65
C THR B 102 26.22 -8.38 29.64
N LYS B 103 25.20 -9.20 29.34
CA LYS B 103 23.83 -8.73 29.35
C LYS B 103 23.19 -8.86 30.70
N VAL B 104 22.43 -7.83 31.07
CA VAL B 104 21.65 -7.91 32.28
C VAL B 104 20.21 -8.15 31.86
N GLU B 105 19.65 -9.27 32.28
CA GLU B 105 18.30 -9.67 31.91
C GLU B 105 17.31 -9.26 32.99
N ILE B 106 16.05 -9.02 32.60
CA ILE B 106 15.03 -8.72 33.59
C ILE B 106 14.49 -10.04 34.13
N LYS B 107 14.56 -10.20 35.45
CA LYS B 107 14.12 -11.37 36.17
C LYS B 107 12.61 -11.38 36.34
N ARG B 108 12.01 -12.57 36.27
CA ARG B 108 10.59 -12.79 36.46
C ARG B 108 10.45 -14.23 36.90
N THR B 109 9.22 -14.70 37.10
CA THR B 109 9.05 -16.08 37.54
C THR B 109 9.11 -17.08 36.41
N VAL B 110 9.07 -18.34 36.79
CA VAL B 110 9.17 -19.42 35.84
C VAL B 110 7.85 -19.72 35.15
N ALA B 111 7.89 -19.83 33.83
CA ALA B 111 6.68 -20.15 33.08
C ALA B 111 6.92 -21.06 31.88
N ALA B 112 6.09 -22.11 31.77
CA ALA B 112 6.16 -23.03 30.66
C ALA B 112 5.69 -22.32 29.41
N PRO B 113 6.22 -22.66 28.24
CA PRO B 113 5.79 -22.18 26.96
C PRO B 113 4.50 -22.76 26.49
N SER B 114 3.78 -21.97 25.69
CA SER B 114 2.66 -22.50 24.94
C SER B 114 3.31 -23.20 23.77
N VAL B 115 2.84 -24.39 23.39
CA VAL B 115 3.51 -25.07 22.30
C VAL B 115 2.59 -25.26 21.10
N PHE B 116 3.08 -24.84 19.93
CA PHE B 116 2.31 -24.95 18.71
C PHE B 116 3.10 -25.66 17.62
N ILE B 117 2.45 -26.49 16.82
CA ILE B 117 3.15 -27.12 15.70
C ILE B 117 2.53 -26.68 14.40
N PHE B 118 3.39 -26.25 13.49
CA PHE B 118 2.97 -25.80 12.18
C PHE B 118 3.46 -26.72 11.05
N PRO B 119 2.59 -27.58 10.47
CA PRO B 119 2.90 -28.48 9.40
C PRO B 119 3.30 -27.61 8.21
N PRO B 120 4.08 -28.10 7.24
CA PRO B 120 4.49 -27.37 6.05
C PRO B 120 3.32 -27.08 5.15
N SER B 121 3.38 -25.95 4.47
CA SER B 121 2.38 -25.54 3.50
C SER B 121 2.51 -26.29 2.19
N ASP B 122 1.49 -26.18 1.33
CA ASP B 122 1.53 -26.84 0.05
C ASP B 122 2.63 -26.26 -0.83
N GLU B 123 2.86 -24.96 -0.71
CA GLU B 123 3.87 -24.29 -1.50
C GLU B 123 5.24 -24.78 -1.09
N GLN B 124 5.41 -24.98 0.21
CA GLN B 124 6.66 -25.44 0.77
C GLN B 124 6.99 -26.83 0.27
N LEU B 125 5.97 -27.69 0.20
CA LEU B 125 6.19 -29.04 -0.26
C LEU B 125 6.37 -29.09 -1.77
N LYS B 126 5.63 -28.29 -2.53
CA LYS B 126 5.81 -28.30 -3.98
C LYS B 126 7.21 -27.85 -4.36
N SER B 127 7.78 -26.96 -3.56
CA SER B 127 9.11 -26.41 -3.77
C SER B 127 10.22 -27.47 -3.53
N GLY B 128 9.86 -28.62 -2.92
CA GLY B 128 10.80 -29.70 -2.66
C GLY B 128 11.41 -29.76 -1.26
N THR B 129 10.97 -28.92 -0.33
CA THR B 129 11.49 -28.91 1.02
C THR B 129 10.34 -28.94 1.99
N ALA B 130 10.44 -29.73 3.03
CA ALA B 130 9.36 -29.84 3.99
C ALA B 130 9.78 -29.37 5.36
N SER B 131 9.67 -28.08 5.61
CA SER B 131 10.03 -27.60 6.90
C SER B 131 8.91 -27.95 7.85
N VAL B 132 9.21 -28.18 9.11
CA VAL B 132 8.16 -28.35 10.11
C VAL B 132 8.53 -27.37 11.22
N VAL B 133 7.59 -26.54 11.68
CA VAL B 133 7.98 -25.58 12.71
C VAL B 133 7.32 -25.75 14.07
N CYS B 134 8.15 -25.81 15.12
CA CYS B 134 7.65 -25.88 16.49
C CYS B 134 7.88 -24.57 17.21
N LEU B 135 6.81 -24.00 17.70
CA LEU B 135 6.89 -22.74 18.38
C LEU B 135 6.65 -22.83 19.86
N LEU B 136 7.54 -22.21 20.61
CA LEU B 136 7.39 -22.09 22.04
C LEU B 136 7.10 -20.64 22.34
N ASN B 137 5.97 -20.36 22.97
CA ASN B 137 5.66 -18.96 23.23
C ASN B 137 5.50 -18.60 24.70
N ASN B 138 6.01 -17.41 25.02
CA ASN B 138 6.00 -16.80 26.35
C ASN B 138 6.56 -17.62 27.52
N PHE B 139 7.78 -18.11 27.38
CA PHE B 139 8.38 -18.91 28.46
C PHE B 139 9.53 -18.21 29.17
N TYR B 140 9.81 -18.64 30.37
CA TYR B 140 10.94 -18.08 31.11
C TYR B 140 11.45 -19.04 32.15
N PRO B 141 12.77 -19.18 32.33
CA PRO B 141 13.95 -18.59 31.72
C PRO B 141 14.25 -19.17 30.35
N ARG B 142 15.28 -18.64 29.68
CA ARG B 142 15.64 -19.18 28.37
C ARG B 142 16.43 -20.49 28.48
N GLU B 143 15.75 -21.50 29.00
CA GLU B 143 16.28 -22.84 29.22
C GLU B 143 15.51 -23.91 28.48
N ALA B 144 14.66 -23.52 27.54
CA ALA B 144 13.86 -24.50 26.85
C ALA B 144 14.73 -25.38 25.99
N LYS B 145 14.40 -26.65 25.96
CA LYS B 145 15.12 -27.60 25.14
C LYS B 145 14.10 -28.27 24.23
N VAL B 146 14.37 -28.28 22.93
CA VAL B 146 13.38 -28.83 22.02
C VAL B 146 13.89 -29.98 21.17
N GLN B 147 13.14 -31.08 21.17
CA GLN B 147 13.49 -32.26 20.39
C GLN B 147 12.43 -32.63 19.37
N TRP B 148 12.85 -33.12 18.21
CA TRP B 148 11.86 -33.53 17.24
C TRP B 148 11.73 -35.02 17.19
N LYS B 149 10.53 -35.50 16.99
CA LYS B 149 10.33 -36.91 16.85
C LYS B 149 9.54 -37.23 15.61
N VAL B 150 10.05 -38.15 14.82
CA VAL B 150 9.36 -38.53 13.59
C VAL B 150 9.15 -40.03 13.59
N ASP B 151 7.89 -40.46 13.62
CA ASP B 151 7.55 -41.88 13.73
C ASP B 151 8.33 -42.52 14.87
N ASN B 152 8.39 -41.77 15.98
CA ASN B 152 9.06 -42.08 17.23
C ASN B 152 10.60 -42.13 17.18
N ALA B 153 11.20 -41.72 16.07
CA ALA B 153 12.65 -41.64 16.00
C ALA B 153 13.07 -40.28 16.52
N LEU B 154 14.19 -40.20 17.22
CA LEU B 154 14.63 -38.89 17.70
C LEU B 154 15.47 -38.16 16.69
N GLN B 155 15.02 -36.96 16.35
CA GLN B 155 15.68 -36.13 15.39
C GLN B 155 16.39 -34.94 16.03
N SER B 156 17.63 -34.78 15.60
CA SER B 156 18.48 -33.68 15.98
C SER B 156 19.53 -33.53 14.89
N GLY B 157 20.14 -32.35 14.80
CA GLY B 157 21.22 -32.11 13.84
C GLY B 157 20.69 -31.73 12.45
N ASN B 158 19.38 -31.77 12.31
CA ASN B 158 18.66 -31.47 11.10
C ASN B 158 17.66 -30.38 11.37
N SER B 159 17.95 -29.63 12.41
CA SER B 159 17.09 -28.56 12.85
C SER B 159 17.90 -27.39 13.34
N GLN B 160 17.26 -26.24 13.35
CA GLN B 160 17.89 -25.02 13.82
C GLN B 160 16.97 -24.33 14.79
N GLU B 161 17.52 -23.58 15.72
CA GLU B 161 16.69 -22.85 16.64
C GLU B 161 17.01 -21.38 16.64
N SER B 162 15.98 -20.58 16.85
CA SER B 162 16.11 -19.15 17.00
C SER B 162 15.27 -18.68 18.14
N VAL B 163 15.87 -17.89 18.99
CA VAL B 163 15.19 -17.43 20.19
C VAL B 163 15.16 -15.92 20.19
N THR B 164 14.02 -15.38 20.55
CA THR B 164 13.83 -13.95 20.56
C THR B 164 14.43 -13.35 21.80
N GLU B 165 14.54 -12.05 21.81
CA GLU B 165 14.99 -11.38 23.01
C GLU B 165 13.81 -11.41 23.94
N GLN B 166 14.06 -11.41 25.24
CA GLN B 166 12.90 -11.34 26.11
C GLN B 166 12.19 -10.01 25.88
N ASP B 167 10.87 -10.05 25.83
CA ASP B 167 10.11 -8.84 25.53
C ASP B 167 10.08 -7.83 26.69
N SER B 168 9.87 -6.57 26.34
CA SER B 168 9.85 -5.46 27.29
C SER B 168 8.58 -5.35 28.10
N LYS B 169 7.54 -6.05 27.68
CA LYS B 169 6.27 -5.96 28.37
C LYS B 169 6.06 -7.09 29.36
N ASP B 170 6.68 -8.24 29.13
CA ASP B 170 6.45 -9.38 30.02
C ASP B 170 7.68 -10.19 30.42
N SER B 171 8.87 -9.79 29.93
CA SER B 171 10.13 -10.44 30.17
C SER B 171 10.15 -11.94 29.85
N THR B 172 9.46 -12.35 28.79
CA THR B 172 9.48 -13.76 28.41
C THR B 172 10.10 -13.97 27.05
N TYR B 173 10.45 -15.21 26.78
CA TYR B 173 11.10 -15.64 25.55
C TYR B 173 10.20 -16.44 24.64
N SER B 174 10.50 -16.35 23.35
CA SER B 174 9.83 -17.20 22.38
C SER B 174 10.92 -17.96 21.65
N LEU B 175 10.61 -19.17 21.21
CA LEU B 175 11.57 -20.00 20.48
C LEU B 175 10.96 -20.63 19.27
N SER B 176 11.69 -20.58 18.16
CA SER B 176 11.23 -21.21 16.95
C SER B 176 12.21 -22.27 16.50
N SER B 177 11.76 -23.51 16.55
CA SER B 177 12.59 -24.64 16.18
C SER B 177 12.13 -25.16 14.85
N THR B 178 13.01 -25.11 13.87
CA THR B 178 12.62 -25.55 12.55
C THR B 178 13.33 -26.81 12.19
N LEU B 179 12.55 -27.80 11.81
CA LEU B 179 13.07 -29.08 11.37
C LEU B 179 13.07 -29.05 9.86
N THR B 180 14.19 -29.31 9.21
CA THR B 180 14.13 -29.25 7.76
C THR B 180 14.30 -30.64 7.17
N LEU B 181 13.23 -31.12 6.55
CA LEU B 181 13.19 -32.43 5.93
C LEU B 181 13.09 -32.17 4.45
N SER B 182 13.57 -33.09 3.60
CA SER B 182 13.33 -32.87 2.18
C SER B 182 11.88 -33.20 1.95
N LYS B 183 11.33 -32.82 0.80
CA LYS B 183 9.94 -33.21 0.54
C LYS B 183 9.81 -34.72 0.68
N ALA B 184 10.79 -35.44 0.15
CA ALA B 184 10.80 -36.90 0.18
C ALA B 184 10.85 -37.43 1.61
N ASP B 185 11.54 -36.75 2.52
CA ASP B 185 11.66 -37.29 3.86
C ASP B 185 10.35 -37.13 4.57
N TYR B 186 9.70 -36.01 4.30
CA TYR B 186 8.41 -35.73 4.88
C TYR B 186 7.41 -36.79 4.41
N GLU B 187 7.43 -37.09 3.11
CA GLU B 187 6.56 -38.11 2.55
C GLU B 187 6.85 -39.51 3.08
N LYS B 188 8.13 -39.86 3.29
CA LYS B 188 8.41 -41.18 3.83
C LYS B 188 7.82 -41.39 5.22
N HIS B 189 7.87 -40.36 6.06
CA HIS B 189 7.33 -40.49 7.42
C HIS B 189 5.93 -39.90 7.61
N LYS B 190 5.18 -40.47 8.53
CA LYS B 190 3.79 -39.99 8.74
C LYS B 190 3.52 -39.12 9.96
N VAL B 191 4.11 -39.45 11.11
CA VAL B 191 3.81 -38.73 12.34
C VAL B 191 4.91 -37.79 12.77
N TYR B 192 4.57 -36.52 12.87
CA TYR B 192 5.54 -35.51 13.22
C TYR B 192 5.19 -34.92 14.56
N ALA B 193 6.16 -34.90 15.45
CA ALA B 193 5.90 -34.40 16.79
C ALA B 193 7.07 -33.67 17.37
N CYS B 194 6.79 -32.80 18.32
CA CYS B 194 7.88 -32.13 18.95
C CYS B 194 7.67 -32.06 20.45
N GLU B 195 8.74 -32.45 21.15
CA GLU B 195 8.78 -32.55 22.60
C GLU B 195 9.52 -31.39 23.24
N VAL B 196 8.86 -30.73 24.19
CA VAL B 196 9.45 -29.56 24.83
C VAL B 196 9.73 -29.73 26.32
N THR B 197 10.97 -29.50 26.70
CA THR B 197 11.37 -29.55 28.11
C THR B 197 11.68 -28.15 28.60
N HIS B 198 11.12 -27.81 29.76
CA HIS B 198 11.30 -26.51 30.36
C HIS B 198 11.07 -26.55 31.87
N GLN B 199 11.66 -25.61 32.59
CA GLN B 199 11.52 -25.55 34.04
C GLN B 199 10.08 -25.34 34.53
N GLY B 200 9.24 -24.73 33.72
CA GLY B 200 7.88 -24.45 34.12
C GLY B 200 6.89 -25.58 33.89
N LEU B 201 7.33 -26.72 33.36
CA LEU B 201 6.40 -27.81 33.13
C LEU B 201 6.79 -29.06 33.90
N SER B 202 5.77 -29.85 34.28
CA SER B 202 5.97 -31.07 35.08
C SER B 202 6.44 -32.28 34.30
N SER B 203 6.15 -32.32 33.03
CA SER B 203 6.55 -33.42 32.19
C SER B 203 6.65 -32.81 30.81
N PRO B 204 7.51 -33.31 29.91
CA PRO B 204 7.69 -32.77 28.58
C PRO B 204 6.39 -32.66 27.84
N VAL B 205 6.23 -31.54 27.16
CA VAL B 205 5.02 -31.28 26.40
C VAL B 205 5.18 -31.72 24.98
N THR B 206 4.26 -32.55 24.51
CA THR B 206 4.38 -33.00 23.14
C THR B 206 3.16 -32.65 22.33
N LYS B 207 3.42 -32.00 21.21
CA LYS B 207 2.39 -31.61 20.26
C LYS B 207 2.70 -32.29 18.94
N SER B 208 1.68 -32.60 18.15
CA SER B 208 1.94 -33.34 16.90
C SER B 208 0.87 -33.21 15.82
N PHE B 209 1.24 -33.67 14.63
CA PHE B 209 0.30 -33.64 13.47
C PHE B 209 0.68 -34.80 12.54
N ASN B 210 -0.32 -35.47 11.96
CA ASN B 210 -0.04 -36.64 11.07
C ASN B 210 -1.27 -36.88 10.18
N GLN C 4 -23.17 24.24 11.16
CA GLN C 4 -21.98 25.10 10.99
C GLN C 4 -20.74 24.29 10.51
N LEU C 5 -20.70 22.95 10.83
CA LEU C 5 -19.68 22.00 10.39
C LEU C 5 -20.28 20.64 10.01
N LEU C 6 -20.17 20.31 8.73
CA LEU C 6 -20.74 19.07 8.22
C LEU C 6 -19.66 18.21 7.65
N GLU C 7 -19.59 16.99 8.13
CA GLU C 7 -18.52 16.11 7.73
C GLU C 7 -18.91 14.70 7.37
N SER C 8 -18.07 14.13 6.52
CA SER C 8 -18.19 12.77 6.02
C SER C 8 -16.84 12.23 5.58
N GLY C 9 -16.89 11.21 4.71
CA GLY C 9 -15.68 10.54 4.20
C GLY C 9 -15.28 9.37 5.09
N GLY C 10 -16.15 9.08 6.04
CA GLY C 10 -15.93 8.01 6.98
C GLY C 10 -16.38 6.72 6.34
N GLY C 11 -16.59 5.69 7.14
CA GLY C 11 -16.93 4.41 6.58
C GLY C 11 -16.01 3.34 7.09
N LEU C 12 -16.13 2.18 6.51
CA LEU C 12 -15.36 1.01 6.88
C LEU C 12 -14.18 0.77 5.95
N VAL C 13 -13.00 0.75 6.56
CA VAL C 13 -11.71 0.61 5.89
C VAL C 13 -10.92 -0.58 6.43
N GLN C 14 -10.16 -1.22 5.56
CA GLN C 14 -9.33 -2.35 5.94
C GLN C 14 -8.12 -1.89 6.76
N PRO C 15 -7.59 -2.70 7.69
CA PRO C 15 -6.42 -2.41 8.47
C PRO C 15 -5.28 -2.17 7.53
N GLY C 16 -4.52 -1.12 7.79
CA GLY C 16 -3.38 -0.75 6.99
C GLY C 16 -3.80 0.15 5.83
N GLY C 17 -5.10 0.35 5.66
CA GLY C 17 -5.62 1.13 4.57
C GLY C 17 -5.79 2.58 4.94
N SER C 18 -6.59 3.30 4.15
CA SER C 18 -6.75 4.69 4.41
C SER C 18 -8.10 5.27 4.04
N LEU C 19 -8.38 6.40 4.67
CA LEU C 19 -9.55 7.23 4.42
C LEU C 19 -9.18 8.69 4.33
N ARG C 20 -9.94 9.45 3.59
CA ARG C 20 -9.74 10.89 3.56
C ARG C 20 -11.01 11.53 4.03
N LEU C 21 -11.00 12.06 5.24
CA LEU C 21 -12.21 12.59 5.82
C LEU C 21 -12.28 14.05 5.49
N SER C 22 -13.47 14.60 5.42
CA SER C 22 -13.55 16.01 5.17
C SER C 22 -14.74 16.70 5.78
N CYS C 23 -14.59 18.00 6.02
CA CYS C 23 -15.66 18.82 6.57
C CYS C 23 -15.82 20.18 5.98
N ALA C 24 -17.04 20.49 5.57
CA ALA C 24 -17.34 21.79 4.99
C ALA C 24 -17.81 22.76 6.07
N ALA C 25 -17.27 23.96 6.01
CA ALA C 25 -17.62 25.03 6.93
C ALA C 25 -18.80 25.86 6.43
N SER C 26 -19.60 26.36 7.37
CA SER C 26 -20.68 27.28 7.04
C SER C 26 -20.91 28.30 8.15
N GLY C 27 -21.17 29.56 7.76
CA GLY C 27 -21.47 30.65 8.69
C GLY C 27 -20.23 31.42 9.17
N PHE C 28 -19.06 30.93 8.80
CA PHE C 28 -17.79 31.50 9.21
C PHE C 28 -16.84 31.63 8.06
N THR C 29 -15.93 32.58 8.14
CA THR C 29 -14.90 32.60 7.13
C THR C 29 -13.99 31.47 7.51
N PHE C 30 -13.80 30.52 6.62
CA PHE C 30 -13.01 29.33 6.92
C PHE C 30 -11.59 29.69 7.30
N THR C 31 -11.02 30.60 6.54
CA THR C 31 -9.63 30.95 6.66
C THR C 31 -9.31 31.73 7.91
N SER C 32 -10.33 32.24 8.62
CA SER C 32 -10.10 33.02 9.81
C SER C 32 -9.99 32.15 11.06
N TYR C 33 -10.28 30.85 10.92
CA TYR C 33 -10.23 30.02 12.12
C TYR C 33 -9.33 28.82 11.98
N ALA C 34 -8.70 28.49 13.10
CA ALA C 34 -7.91 27.29 13.24
C ALA C 34 -8.85 26.15 13.51
N MET C 35 -8.45 24.94 13.12
CA MET C 35 -9.31 23.78 13.34
C MET C 35 -8.59 22.51 13.73
N SER C 36 -9.35 21.64 14.39
CA SER C 36 -8.87 20.32 14.77
C SER C 36 -9.83 19.19 14.51
N TRP C 37 -9.27 18.00 14.55
CA TRP C 37 -10.03 16.77 14.54
C TRP C 37 -9.88 16.16 15.92
N VAL C 38 -11.00 15.66 16.43
CA VAL C 38 -11.12 15.00 17.71
C VAL C 38 -11.80 13.67 17.48
N ARG C 39 -11.40 12.63 18.18
CA ARG C 39 -12.08 11.37 17.97
C ARG C 39 -12.55 10.77 19.26
N GLN C 40 -13.57 9.94 19.17
CA GLN C 40 -14.01 9.23 20.34
C GLN C 40 -14.32 7.79 20.07
N ALA C 41 -13.46 6.92 20.56
CA ALA C 41 -13.65 5.50 20.37
C ALA C 41 -14.82 5.08 21.22
N PRO C 42 -15.56 4.04 20.88
CA PRO C 42 -16.64 3.56 21.71
C PRO C 42 -16.13 3.27 23.10
N GLY C 43 -16.83 3.74 24.12
CA GLY C 43 -16.45 3.51 25.50
C GLY C 43 -15.37 4.46 26.03
N LYS C 44 -14.89 5.37 25.19
CA LYS C 44 -13.83 6.29 25.56
C LYS C 44 -14.28 7.73 25.60
N GLY C 45 -13.43 8.58 26.16
CA GLY C 45 -13.68 10.01 26.21
C GLY C 45 -13.12 10.63 24.95
N LEU C 46 -13.00 11.94 24.93
CA LEU C 46 -12.53 12.61 23.73
C LEU C 46 -11.02 12.59 23.61
N GLU C 47 -10.52 12.36 22.40
CA GLU C 47 -9.09 12.39 22.12
C GLU C 47 -8.77 13.40 21.03
N TRP C 48 -7.88 14.33 21.28
CA TRP C 48 -7.54 15.24 20.20
C TRP C 48 -6.65 14.47 19.24
N VAL C 49 -6.85 14.62 17.94
CA VAL C 49 -6.06 13.89 16.95
C VAL C 49 -5.05 14.78 16.23
N SER C 50 -5.53 15.90 15.74
CA SER C 50 -4.68 16.77 14.95
C SER C 50 -5.27 18.15 14.81
N GLY C 51 -4.45 19.10 14.36
CA GLY C 51 -4.96 20.43 14.10
C GLY C 51 -4.06 21.25 13.19
N ILE C 52 -4.63 22.34 12.67
CA ILE C 52 -3.87 23.26 11.76
C ILE C 52 -4.35 24.68 12.01
N SER C 53 -3.43 25.66 12.01
CA SER C 53 -3.77 27.09 12.29
C SER C 53 -4.69 27.65 11.20
N TYR C 54 -5.35 28.78 11.46
CA TYR C 54 -6.16 29.48 10.41
C TYR C 54 -5.15 29.89 9.34
N GLY C 55 -5.60 30.45 8.22
CA GLY C 55 -4.62 30.64 7.18
C GLY C 55 -4.14 29.24 6.81
N SER C 56 -2.86 28.93 7.06
CA SER C 56 -2.34 27.60 6.75
C SER C 56 -1.08 27.27 7.55
N GLY C 57 -0.71 25.98 7.54
CA GLY C 57 0.52 25.52 8.18
C GLY C 57 0.39 25.33 9.68
N ASP C 58 1.54 25.26 10.35
CA ASP C 58 1.61 25.07 11.79
C ASP C 58 0.72 23.95 12.28
N THR C 59 0.85 22.78 11.66
CA THR C 59 0.00 21.71 12.09
C THR C 59 0.56 21.02 13.30
N TYR C 60 -0.32 20.34 14.01
CA TYR C 60 0.04 19.61 15.18
C TYR C 60 -0.63 18.26 15.17
N TYR C 61 0.02 17.27 15.76
CA TYR C 61 -0.58 15.95 15.85
C TYR C 61 -0.46 15.42 17.24
N ALA C 62 -1.40 14.58 17.62
CA ALA C 62 -1.30 13.88 18.88
C ALA C 62 -0.24 12.83 18.70
N ASP C 63 0.52 12.51 19.74
CA ASP C 63 1.55 11.49 19.58
C ASP C 63 0.98 10.17 19.10
N SER C 64 -0.24 9.87 19.53
CA SER C 64 -0.91 8.64 19.22
C SER C 64 -1.17 8.41 17.74
N VAL C 65 -1.12 9.45 16.92
CA VAL C 65 -1.35 9.32 15.48
C VAL C 65 -0.17 9.76 14.61
N LYS C 66 0.98 10.06 15.21
CA LYS C 66 2.07 10.55 14.39
C LYS C 66 2.59 9.48 13.47
N GLY C 67 2.86 9.88 12.24
CA GLY C 67 3.38 9.00 11.21
C GLY C 67 2.24 8.34 10.42
N ARG C 68 1.01 8.53 10.86
CA ARG C 68 -0.12 7.91 10.18
C ARG C 68 -1.13 8.96 9.71
N PHE C 69 -1.36 9.99 10.53
CA PHE C 69 -2.36 10.99 10.17
C PHE C 69 -1.74 12.29 9.69
N THR C 70 -2.33 12.85 8.64
CA THR C 70 -1.94 14.16 8.11
C THR C 70 -3.12 15.12 8.02
N ILE C 71 -2.95 16.34 8.50
CA ILE C 71 -4.05 17.30 8.43
C ILE C 71 -3.73 18.39 7.44
N SER C 72 -4.75 18.78 6.68
CA SER C 72 -4.60 19.83 5.70
C SER C 72 -5.91 20.58 5.53
N ARG C 73 -5.85 21.76 4.90
CA ARG C 73 -7.08 22.50 4.69
C ARG C 73 -7.10 23.13 3.32
N ASP C 74 -8.29 23.15 2.72
CA ASP C 74 -8.47 23.77 1.42
C ASP C 74 -9.28 25.05 1.56
N ASN C 75 -8.58 26.16 1.42
CA ASN C 75 -9.16 27.46 1.67
C ASN C 75 -10.02 27.97 0.52
N SER C 76 -10.02 27.26 -0.60
CA SER C 76 -10.87 27.65 -1.72
C SER C 76 -12.18 26.90 -1.60
N LYS C 77 -12.09 25.70 -1.02
CA LYS C 77 -13.25 24.83 -0.81
C LYS C 77 -13.90 25.02 0.54
N ASN C 78 -13.23 25.77 1.43
CA ASN C 78 -13.68 26.02 2.78
C ASN C 78 -13.93 24.69 3.47
N THR C 79 -13.02 23.76 3.19
CA THR C 79 -13.12 22.41 3.67
C THR C 79 -11.85 21.92 4.38
N LEU C 80 -12.04 21.30 5.54
CA LEU C 80 -10.95 20.74 6.32
C LEU C 80 -10.78 19.28 5.94
N TYR C 81 -9.55 18.80 5.81
CA TYR C 81 -9.31 17.40 5.48
C TYR C 81 -8.42 16.65 6.45
N LEU C 82 -8.70 15.35 6.59
CA LEU C 82 -7.80 14.51 7.36
C LEU C 82 -7.43 13.30 6.55
N GLN C 83 -6.15 13.12 6.34
CA GLN C 83 -5.68 11.98 5.58
C GLN C 83 -5.26 10.94 6.60
N MET C 84 -6.02 9.87 6.65
CA MET C 84 -5.85 8.82 7.63
C MET C 84 -5.17 7.60 7.05
N ASN C 85 -3.84 7.50 7.16
CA ASN C 85 -3.13 6.42 6.51
C ASN C 85 -2.72 5.32 7.45
N SER C 86 -2.47 4.13 6.88
CA SER C 86 -1.93 3.01 7.63
C SER C 86 -2.72 2.81 8.91
N LEU C 87 -4.03 2.80 8.78
CA LEU C 87 -4.88 2.72 9.96
C LEU C 87 -4.82 1.41 10.72
N ARG C 88 -4.75 1.56 12.03
CA ARG C 88 -4.67 0.47 13.00
C ARG C 88 -6.04 0.09 13.49
N ALA C 89 -6.18 -1.10 14.03
CA ALA C 89 -7.52 -1.45 14.57
C ALA C 89 -7.96 -0.44 15.65
N GLU C 90 -6.98 0.06 16.40
CA GLU C 90 -7.16 1.00 17.50
C GLU C 90 -7.64 2.39 17.07
N ASP C 91 -7.64 2.67 15.77
CA ASP C 91 -8.04 3.97 15.28
C ASP C 91 -9.56 4.04 15.04
N THR C 92 -10.29 2.96 15.36
CA THR C 92 -11.75 3.00 15.21
C THR C 92 -12.32 4.02 16.20
N ALA C 93 -13.09 4.96 15.67
CA ALA C 93 -13.66 6.02 16.49
C ALA C 93 -14.64 6.85 15.72
N VAL C 94 -15.43 7.63 16.43
CA VAL C 94 -16.19 8.65 15.73
C VAL C 94 -15.30 9.86 15.65
N TYR C 95 -15.13 10.39 14.47
CA TYR C 95 -14.30 11.54 14.27
C TYR C 95 -15.16 12.76 14.18
N TYR C 96 -14.70 13.85 14.77
CA TYR C 96 -15.42 15.10 14.77
C TYR C 96 -14.53 16.26 14.39
N CYS C 97 -15.10 17.22 13.70
CA CYS C 97 -14.35 18.45 13.45
C CYS C 97 -14.72 19.51 14.45
N ALA C 98 -13.77 20.38 14.77
CA ALA C 98 -14.11 21.49 15.64
C ALA C 98 -13.34 22.76 15.31
N ARG C 99 -14.02 23.89 15.52
CA ARG C 99 -13.52 25.24 15.31
C ARG C 99 -13.04 25.84 16.62
N SER C 100 -11.76 26.23 16.63
CA SER C 100 -11.09 26.79 17.79
C SER C 100 -11.52 28.20 18.15
N ARG C 101 -11.46 28.49 19.43
CA ARG C 101 -11.67 29.80 20.01
C ARG C 101 -10.31 30.33 20.40
N GLY C 102 -9.83 31.29 19.63
CA GLY C 102 -8.49 31.76 19.87
C GLY C 102 -7.61 30.54 19.69
N SER C 103 -6.77 30.29 20.67
CA SER C 103 -5.88 29.15 20.64
C SER C 103 -6.14 28.18 21.80
N GLN C 104 -7.22 28.38 22.56
CA GLN C 104 -7.41 27.57 23.77
C GLN C 104 -8.64 26.65 23.87
N THR C 105 -9.75 27.06 23.26
CA THR C 105 -11.05 26.38 23.43
C THR C 105 -11.70 26.01 22.10
N PHE C 106 -12.58 24.99 22.05
CA PHE C 106 -13.30 24.71 20.80
C PHE C 106 -14.77 25.11 20.94
N ASP C 107 -15.20 26.11 20.16
CA ASP C 107 -16.58 26.60 20.26
C ASP C 107 -17.57 25.86 19.38
N TYR C 108 -17.14 25.43 18.21
CA TYR C 108 -18.10 24.80 17.31
C TYR C 108 -17.67 23.42 16.96
N TRP C 109 -18.60 22.50 17.10
CA TRP C 109 -18.35 21.11 16.83
C TRP C 109 -19.23 20.63 15.71
N GLY C 110 -18.71 19.76 14.87
CA GLY C 110 -19.50 19.22 13.79
C GLY C 110 -20.32 18.04 14.19
N GLN C 111 -21.05 17.55 13.20
CA GLN C 111 -21.92 16.40 13.42
C GLN C 111 -21.21 15.07 13.67
N GLY C 112 -19.97 14.92 13.21
CA GLY C 112 -19.25 13.68 13.41
C GLY C 112 -19.44 12.67 12.28
N THR C 113 -18.46 11.79 12.12
CA THR C 113 -18.54 10.72 11.14
C THR C 113 -17.92 9.48 11.77
N LEU C 114 -18.39 8.30 11.40
CA LEU C 114 -17.79 7.10 11.99
C LEU C 114 -16.79 6.40 11.11
N VAL C 115 -15.62 6.12 11.69
CA VAL C 115 -14.61 5.37 11.02
C VAL C 115 -14.35 4.07 11.70
N THR C 116 -14.52 2.99 10.94
CA THR C 116 -14.29 1.69 11.49
C THR C 116 -13.14 1.05 10.77
N VAL C 117 -12.17 0.55 11.51
CA VAL C 117 -11.05 -0.10 10.87
C VAL C 117 -11.15 -1.58 11.17
N SER C 118 -11.36 -2.38 10.15
CA SER C 118 -11.57 -3.79 10.42
C SER C 118 -11.37 -4.71 9.26
N SER C 119 -10.82 -5.87 9.61
CA SER C 119 -10.55 -6.97 8.72
C SER C 119 -11.77 -7.85 8.48
N ALA C 120 -12.79 -7.70 9.33
CA ALA C 120 -13.97 -8.52 9.21
C ALA C 120 -14.77 -8.08 8.01
N SER C 121 -15.33 -9.02 7.27
CA SER C 121 -16.18 -8.68 6.15
C SER C 121 -17.54 -8.29 6.66
N THR C 122 -18.37 -7.68 5.81
CA THR C 122 -19.72 -7.37 6.26
C THR C 122 -20.50 -8.64 6.41
N LYS C 123 -21.18 -8.76 7.54
CA LYS C 123 -22.00 -9.90 7.85
C LYS C 123 -23.26 -9.43 8.54
N GLY C 124 -24.42 -9.95 8.12
CA GLY C 124 -25.66 -9.60 8.79
C GLY C 124 -25.76 -10.49 10.01
N PRO C 125 -26.58 -10.15 11.01
CA PRO C 125 -26.79 -10.87 12.23
C PRO C 125 -27.54 -12.17 12.15
N SER C 126 -27.21 -13.04 13.07
CA SER C 126 -27.97 -14.26 13.30
C SER C 126 -28.75 -13.97 14.55
N VAL C 127 -29.95 -14.49 14.66
CA VAL C 127 -30.71 -14.18 15.87
C VAL C 127 -31.09 -15.45 16.59
N PHE C 128 -30.76 -15.47 17.87
CA PHE C 128 -30.97 -16.59 18.75
C PHE C 128 -31.84 -16.21 19.95
N PRO C 129 -33.15 -16.45 19.90
CA PRO C 129 -34.12 -16.09 20.91
C PRO C 129 -33.79 -16.63 22.30
N LEU C 130 -34.08 -15.81 23.29
CA LEU C 130 -33.89 -16.09 24.69
C LEU C 130 -35.27 -16.30 25.29
N ALA C 131 -35.65 -17.56 25.48
CA ALA C 131 -37.02 -17.81 25.91
C ALA C 131 -37.26 -17.42 27.37
N PRO C 132 -38.47 -16.89 27.72
CA PRO C 132 -38.95 -16.63 29.08
C PRO C 132 -39.23 -17.94 29.80
N SER C 133 -39.34 -19.02 29.01
CA SER C 133 -39.58 -20.33 29.58
C SER C 133 -40.60 -20.33 30.71
N SER C 134 -40.29 -21.09 31.75
CA SER C 134 -41.00 -21.06 33.01
C SER C 134 -39.91 -20.84 34.04
N LYS C 135 -38.67 -20.98 33.55
CA LYS C 135 -37.46 -20.84 34.35
C LYS C 135 -36.81 -19.44 34.30
N SER C 136 -37.20 -18.58 33.34
CA SER C 136 -36.63 -17.24 33.16
C SER C 136 -37.75 -16.21 33.32
N THR C 137 -38.77 -16.68 34.04
CA THR C 137 -39.97 -15.96 34.45
C THR C 137 -40.06 -16.02 35.97
N SER C 138 -40.35 -14.90 36.61
CA SER C 138 -40.44 -14.87 38.06
C SER C 138 -41.68 -14.13 38.54
N GLY C 139 -42.60 -14.86 39.14
CA GLY C 139 -43.83 -14.27 39.61
C GLY C 139 -44.61 -13.70 38.44
N GLY C 140 -44.94 -12.41 38.55
CA GLY C 140 -45.70 -11.70 37.54
C GLY C 140 -44.85 -11.12 36.41
N THR C 141 -43.52 -11.25 36.46
CA THR C 141 -42.70 -10.67 35.40
C THR C 141 -41.93 -11.71 34.61
N ALA C 142 -42.12 -11.68 33.30
CA ALA C 142 -41.41 -12.60 32.43
C ALA C 142 -40.36 -11.86 31.66
N ALA C 143 -39.16 -12.39 31.61
CA ALA C 143 -38.16 -11.72 30.83
C ALA C 143 -37.93 -12.50 29.57
N LEU C 144 -38.21 -11.89 28.44
CA LEU C 144 -38.04 -12.58 27.17
C LEU C 144 -37.16 -11.74 26.30
N GLY C 145 -36.46 -12.35 25.35
CA GLY C 145 -35.67 -11.52 24.47
C GLY C 145 -34.97 -12.29 23.39
N CYS C 146 -34.06 -11.63 22.69
CA CYS C 146 -33.28 -12.22 21.63
C CYS C 146 -31.83 -11.80 21.66
N LEU C 147 -30.96 -12.74 21.38
CA LEU C 147 -29.56 -12.41 21.26
C LEU C 147 -29.21 -12.26 19.79
N VAL C 148 -28.71 -11.09 19.44
CA VAL C 148 -28.37 -10.78 18.07
C VAL C 148 -26.86 -10.88 17.96
N LYS C 149 -26.34 -11.76 17.13
CA LYS C 149 -24.89 -11.92 17.11
C LYS C 149 -24.25 -12.14 15.77
N ASP C 150 -22.94 -12.01 15.79
CA ASP C 150 -22.01 -12.18 14.68
C ASP C 150 -22.27 -11.28 13.49
N TYR C 151 -22.74 -10.06 13.77
CA TYR C 151 -22.98 -9.08 12.68
C TYR C 151 -21.79 -8.11 12.70
N PHE C 152 -20.99 -8.14 11.64
CA PHE C 152 -19.75 -7.31 11.69
C PHE C 152 -20.08 -5.82 11.82
N PRO C 153 -21.05 -5.23 11.08
CA PRO C 153 -21.38 -3.82 11.29
C PRO C 153 -22.19 -3.63 12.58
N GLU C 154 -21.79 -2.67 13.42
CA GLU C 154 -22.54 -2.36 14.67
C GLU C 154 -23.95 -1.84 14.38
N PRO C 155 -24.20 -0.96 13.37
CA PRO C 155 -25.52 -0.37 13.13
C PRO C 155 -26.67 -1.39 13.14
N VAL C 156 -27.36 -1.54 14.26
CA VAL C 156 -28.44 -2.52 14.35
C VAL C 156 -29.60 -1.99 15.17
N THR C 157 -30.79 -2.07 14.60
CA THR C 157 -31.99 -1.62 15.27
C THR C 157 -32.90 -2.80 15.56
N VAL C 158 -33.34 -2.87 16.80
CA VAL C 158 -34.24 -3.94 17.19
C VAL C 158 -35.53 -3.34 17.74
N SER C 159 -36.66 -3.84 17.26
CA SER C 159 -37.96 -3.35 17.67
C SER C 159 -38.95 -4.47 17.94
N TRP C 160 -39.58 -4.42 19.10
CA TRP C 160 -40.51 -5.46 19.49
C TRP C 160 -41.93 -5.24 19.03
N ASN C 161 -42.53 -6.32 18.55
CA ASN C 161 -43.91 -6.36 18.06
C ASN C 161 -44.09 -5.27 17.01
N SER C 162 -43.08 -5.12 16.18
CA SER C 162 -43.04 -4.15 15.09
C SER C 162 -43.30 -2.71 15.52
N GLY C 163 -42.81 -2.31 16.70
CA GLY C 163 -42.97 -0.95 17.16
C GLY C 163 -44.12 -0.82 18.14
N ALA C 164 -44.93 -1.86 18.27
CA ALA C 164 -46.05 -1.84 19.20
C ALA C 164 -45.60 -1.92 20.65
N LEU C 165 -44.46 -2.57 20.93
CA LEU C 165 -44.02 -2.71 22.31
C LEU C 165 -42.88 -1.74 22.55
N THR C 166 -43.22 -0.62 23.19
CA THR C 166 -42.31 0.51 23.39
C THR C 166 -41.99 0.76 24.85
N SER C 167 -42.39 -0.17 25.71
CA SER C 167 -42.21 -0.02 27.14
C SER C 167 -41.81 -1.34 27.76
N GLY C 168 -40.81 -1.28 28.64
CA GLY C 168 -40.28 -2.48 29.29
C GLY C 168 -39.18 -3.07 28.43
N VAL C 169 -38.87 -2.38 27.34
CA VAL C 169 -37.87 -2.81 26.39
C VAL C 169 -36.51 -2.29 26.80
N HIS C 170 -35.56 -3.19 26.93
CA HIS C 170 -34.22 -2.89 27.35
C HIS C 170 -33.22 -3.36 26.30
N THR C 171 -32.66 -2.42 25.56
CA THR C 171 -31.70 -2.81 24.55
C THR C 171 -30.34 -2.39 25.00
N PHE C 172 -29.41 -3.30 24.85
CA PHE C 172 -28.07 -3.06 25.27
C PHE C 172 -27.24 -2.57 24.12
N PRO C 173 -26.24 -1.72 24.36
CA PRO C 173 -25.32 -1.32 23.35
C PRO C 173 -24.55 -2.56 22.97
N ALA C 174 -24.18 -2.62 21.71
CA ALA C 174 -23.41 -3.73 21.19
C ALA C 174 -22.01 -3.69 21.69
N VAL C 175 -21.42 -4.86 21.79
CA VAL C 175 -20.02 -4.96 22.14
C VAL C 175 -19.34 -5.77 21.08
N LEU C 176 -18.04 -5.62 20.96
CA LEU C 176 -17.36 -6.45 19.99
C LEU C 176 -16.92 -7.72 20.64
N GLN C 177 -16.78 -8.73 19.83
CA GLN C 177 -16.31 -10.04 20.19
C GLN C 177 -14.85 -10.12 19.86
N SER C 178 -14.16 -11.09 20.43
CA SER C 178 -12.75 -11.30 20.14
C SER C 178 -12.55 -11.74 18.69
N SER C 179 -13.62 -12.19 18.06
CA SER C 179 -13.66 -12.61 16.67
C SER C 179 -13.65 -11.44 15.71
N GLY C 180 -13.91 -10.23 16.22
CA GLY C 180 -14.00 -9.03 15.40
C GLY C 180 -15.44 -8.64 15.08
N LEU C 181 -16.39 -9.51 15.38
CA LEU C 181 -17.80 -9.25 15.11
C LEU C 181 -18.50 -8.66 16.31
N TYR C 182 -19.68 -8.10 16.09
CA TYR C 182 -20.46 -7.51 17.15
C TYR C 182 -21.65 -8.34 17.58
N SER C 183 -22.04 -8.16 18.83
CA SER C 183 -23.25 -8.77 19.35
C SER C 183 -24.01 -7.82 20.27
N LEU C 184 -25.33 -8.02 20.27
CA LEU C 184 -26.28 -7.21 21.01
C LEU C 184 -27.40 -7.99 21.70
N SER C 185 -27.70 -7.60 22.92
CA SER C 185 -28.82 -8.18 23.64
C SER C 185 -30.03 -7.27 23.60
N SER C 186 -31.20 -7.84 23.28
CA SER C 186 -32.44 -7.08 23.33
C SER C 186 -33.49 -7.86 24.06
N VAL C 187 -33.92 -7.31 25.19
CA VAL C 187 -34.89 -8.02 25.99
C VAL C 187 -36.03 -7.11 26.35
N VAL C 188 -37.13 -7.71 26.71
CA VAL C 188 -38.27 -6.96 27.17
C VAL C 188 -38.93 -7.64 28.36
N THR C 189 -39.37 -6.85 29.31
CA THR C 189 -40.09 -7.41 30.44
C THR C 189 -41.55 -7.24 30.19
N VAL C 190 -42.28 -8.33 30.30
CA VAL C 190 -43.70 -8.30 30.06
C VAL C 190 -44.37 -8.99 31.22
N PRO C 191 -45.67 -8.79 31.47
CA PRO C 191 -46.41 -9.55 32.45
C PRO C 191 -46.34 -11.00 32.09
N SER C 192 -46.13 -11.86 33.08
CA SER C 192 -46.01 -13.29 32.89
C SER C 192 -47.30 -13.92 32.46
N SER C 193 -48.39 -13.19 32.66
CA SER C 193 -49.73 -13.61 32.29
C SER C 193 -49.89 -13.65 30.77
N SER C 194 -48.98 -13.00 30.05
CA SER C 194 -49.04 -12.97 28.61
C SER C 194 -48.38 -14.21 28.01
N LEU C 195 -47.68 -14.99 28.83
CA LEU C 195 -47.01 -16.11 28.24
C LEU C 195 -48.02 -17.17 27.91
N GLY C 196 -47.91 -17.71 26.70
CA GLY C 196 -48.80 -18.75 26.25
C GLY C 196 -49.96 -18.18 25.44
N THR C 197 -50.13 -16.86 25.47
CA THR C 197 -51.20 -16.21 24.73
C THR C 197 -50.66 -15.18 23.75
N GLN C 198 -49.61 -14.44 24.14
CA GLN C 198 -49.04 -13.44 23.26
C GLN C 198 -47.68 -13.92 22.77
N THR C 199 -47.50 -13.99 21.46
CA THR C 199 -46.21 -14.35 20.91
C THR C 199 -45.48 -13.04 20.73
N TYR C 200 -44.22 -12.98 21.15
CA TYR C 200 -43.54 -11.72 20.98
C TYR C 200 -42.67 -11.78 19.76
N ILE C 201 -42.66 -10.71 19.00
CA ILE C 201 -41.85 -10.70 17.80
C ILE C 201 -40.69 -9.75 17.90
N CYS C 202 -39.52 -10.28 17.64
CA CYS C 202 -38.34 -9.45 17.66
C CYS C 202 -37.93 -9.12 16.26
N ASN C 203 -38.06 -7.86 15.85
CA ASN C 203 -37.67 -7.51 14.50
C ASN C 203 -36.28 -6.94 14.52
N VAL C 204 -35.35 -7.65 13.89
CA VAL C 204 -33.97 -7.23 13.87
C VAL C 204 -33.61 -6.69 12.49
N ASN C 205 -33.24 -5.42 12.45
CA ASN C 205 -32.98 -4.72 11.20
C ASN C 205 -31.55 -4.21 11.07
N HIS C 206 -30.83 -4.73 10.09
CA HIS C 206 -29.45 -4.32 9.90
C HIS C 206 -29.35 -3.65 8.54
N LYS C 207 -29.17 -2.34 8.53
CA LYS C 207 -29.17 -1.67 7.25
C LYS C 207 -28.03 -2.06 6.31
N PRO C 208 -26.74 -1.96 6.66
CA PRO C 208 -25.64 -2.23 5.76
C PRO C 208 -25.34 -3.70 5.59
N SER C 209 -26.34 -4.45 5.20
CA SER C 209 -26.22 -5.87 4.95
C SER C 209 -27.50 -6.31 4.32
N ASN C 210 -28.48 -5.38 4.30
CA ASN C 210 -29.81 -5.64 3.77
C ASN C 210 -30.42 -6.85 4.44
N THR C 211 -30.27 -6.94 5.77
CA THR C 211 -30.77 -8.10 6.49
C THR C 211 -31.86 -7.80 7.48
N LYS C 212 -32.94 -8.55 7.37
CA LYS C 212 -34.06 -8.39 8.26
C LYS C 212 -34.51 -9.75 8.76
N VAL C 213 -34.52 -9.91 10.07
CA VAL C 213 -34.92 -11.16 10.68
C VAL C 213 -36.03 -10.96 11.69
N ASP C 214 -37.13 -11.69 11.52
CA ASP C 214 -38.25 -11.55 12.45
C ASP C 214 -38.36 -12.83 13.29
N LYS C 215 -38.06 -12.77 14.58
CA LYS C 215 -38.14 -14.01 15.36
C LYS C 215 -39.30 -14.05 16.33
N LYS C 216 -39.87 -15.24 16.47
CA LYS C 216 -40.92 -15.49 17.43
C LYS C 216 -40.35 -15.94 18.74
N VAL C 217 -40.72 -15.25 19.80
CA VAL C 217 -40.24 -15.58 21.11
C VAL C 217 -41.40 -16.15 21.90
N GLU C 218 -41.20 -17.39 22.34
CA GLU C 218 -42.22 -18.17 23.01
C GLU C 218 -41.65 -18.75 24.30
N PRO C 219 -42.49 -19.08 25.31
CA PRO C 219 -42.11 -19.70 26.56
C PRO C 219 -41.80 -21.17 26.35
N LYS C 220 -40.72 -21.41 25.65
CA LYS C 220 -40.33 -22.75 25.27
C LYS C 220 -39.67 -23.51 26.42
N SER C 221 -40.49 -23.89 27.43
CA SER C 221 -40.08 -24.58 28.66
C SER C 221 -40.23 -26.09 28.44
N VAL D 3 -4.54 15.91 30.21
CA VAL D 3 -3.53 15.38 31.12
C VAL D 3 -3.98 15.32 32.60
N LEU D 4 -4.88 16.25 33.04
CA LEU D 4 -5.39 16.36 34.42
C LEU D 4 -6.48 15.33 34.62
N THR D 5 -6.66 14.84 35.85
CA THR D 5 -7.66 13.80 36.10
C THR D 5 -8.89 14.33 36.78
N GLN D 6 -9.98 13.57 36.77
CA GLN D 6 -11.22 14.07 37.35
C GLN D 6 -11.73 13.27 38.51
N SER D 7 -12.51 13.96 39.31
CA SER D 7 -13.11 13.37 40.50
C SER D 7 -14.45 14.01 40.84
N PRO D 8 -15.44 13.22 41.25
CA PRO D 8 -15.48 11.78 41.39
C PRO D 8 -15.56 11.16 40.03
N ALA D 9 -15.25 9.87 39.91
CA ALA D 9 -15.46 9.20 38.63
C ALA D 9 -16.94 9.17 38.25
N THR D 10 -17.80 9.04 39.26
CA THR D 10 -19.25 9.05 39.08
C THR D 10 -19.89 10.00 40.09
N LEU D 11 -20.78 10.87 39.61
CA LEU D 11 -21.50 11.76 40.49
C LEU D 11 -23.00 11.44 40.40
N SER D 12 -23.65 11.19 41.54
CA SER D 12 -25.08 10.82 41.52
C SER D 12 -25.92 11.81 42.31
N LEU D 13 -26.73 12.56 41.58
CA LEU D 13 -27.53 13.67 42.10
C LEU D 13 -28.98 13.66 41.70
N SER D 14 -29.84 14.14 42.57
CA SER D 14 -31.23 14.25 42.17
C SER D 14 -31.33 15.48 41.26
N PRO D 15 -32.31 15.57 40.37
CA PRO D 15 -32.56 16.79 39.62
C PRO D 15 -32.85 17.82 40.68
N GLY D 16 -32.41 19.03 40.46
CA GLY D 16 -32.61 20.12 41.39
C GLY D 16 -31.43 20.31 42.33
N GLU D 17 -30.54 19.32 42.42
CA GLU D 17 -29.38 19.39 43.30
C GLU D 17 -28.18 20.00 42.64
N ARG D 18 -27.27 20.51 43.46
CA ARG D 18 -26.04 21.14 43.02
C ARG D 18 -24.93 20.15 42.71
N ALA D 19 -24.38 20.29 41.52
CA ALA D 19 -23.34 19.37 41.08
C ALA D 19 -21.98 19.98 41.03
N THR D 20 -21.05 19.37 41.73
CA THR D 20 -19.70 19.85 41.68
C THR D 20 -18.80 18.77 41.15
N LEU D 21 -18.02 19.13 40.14
CA LEU D 21 -17.09 18.22 39.50
C LEU D 21 -15.67 18.78 39.60
N SER D 22 -14.67 17.93 39.85
CA SER D 22 -13.29 18.40 39.94
C SER D 22 -12.38 17.88 38.84
N CYS D 23 -11.32 18.66 38.59
CA CYS D 23 -10.22 18.36 37.69
C CYS D 23 -8.91 18.72 38.42
N ARG D 24 -7.99 17.76 38.53
CA ARG D 24 -6.81 17.97 39.37
C ARG D 24 -5.46 17.66 38.74
N ALA D 25 -4.43 18.29 39.34
CA ALA D 25 -3.06 18.20 38.92
C ALA D 25 -2.54 16.78 38.78
N SER D 26 -1.83 16.58 37.67
CA SER D 26 -1.19 15.34 37.33
C SER D 26 0.12 15.79 36.73
N GLN D 27 0.00 16.94 36.09
CA GLN D 27 1.12 17.61 35.44
C GLN D 27 1.09 19.07 35.82
N SER D 28 2.26 19.68 35.90
CA SER D 28 2.38 21.09 36.27
C SER D 28 2.09 22.02 35.11
N VAL D 29 0.85 22.02 34.66
CA VAL D 29 0.46 22.85 33.54
C VAL D 29 -0.41 24.01 33.99
N SER D 30 0.18 25.20 34.03
CA SER D 30 -0.51 26.37 34.52
C SER D 30 -1.32 27.05 33.42
N ARG D 31 -2.36 26.35 32.96
CA ARG D 31 -3.23 26.85 31.90
C ARG D 31 -4.69 26.59 32.22
N SER D 32 -5.51 27.62 32.11
CA SER D 32 -6.92 27.48 32.42
C SER D 32 -7.61 26.52 31.50
N LEU D 33 -8.49 25.70 32.07
CA LEU D 33 -9.27 24.74 31.30
C LEU D 33 -10.67 25.19 31.05
N ALA D 34 -11.26 24.54 30.04
CA ALA D 34 -12.66 24.71 29.67
C ALA D 34 -13.44 23.43 29.91
N TRP D 35 -14.71 23.59 30.24
CA TRP D 35 -15.57 22.43 30.38
C TRP D 35 -16.60 22.31 29.28
N TYR D 36 -16.82 21.05 28.92
CA TYR D 36 -17.76 20.53 27.93
C TYR D 36 -18.72 19.50 28.49
N GLN D 37 -19.88 19.38 27.88
CA GLN D 37 -20.84 18.33 28.24
C GLN D 37 -21.26 17.52 27.03
N GLN D 38 -21.25 16.21 27.15
CA GLN D 38 -21.67 15.41 26.01
C GLN D 38 -22.71 14.36 26.34
N LYS D 39 -23.76 14.36 25.55
CA LYS D 39 -24.83 13.40 25.67
C LYS D 39 -24.50 12.20 24.78
N PRO D 40 -24.99 11.00 25.09
CA PRO D 40 -24.78 9.84 24.25
C PRO D 40 -25.30 10.11 22.85
N GLY D 41 -24.50 9.76 21.86
CA GLY D 41 -24.91 9.94 20.47
C GLY D 41 -24.71 11.35 19.92
N GLN D 42 -24.16 12.27 20.72
CA GLN D 42 -24.01 13.64 20.25
C GLN D 42 -22.60 14.21 20.42
N ALA D 43 -22.26 15.19 19.58
CA ALA D 43 -20.95 15.85 19.72
C ALA D 43 -20.85 16.50 21.12
N PRO D 44 -19.64 16.67 21.68
CA PRO D 44 -19.49 17.34 22.98
C PRO D 44 -19.93 18.80 22.88
N ARG D 45 -20.58 19.32 23.92
CA ARG D 45 -21.10 20.71 23.87
C ARG D 45 -20.38 21.57 24.91
N LEU D 46 -19.89 22.74 24.48
CA LEU D 46 -19.15 23.63 25.42
C LEU D 46 -20.10 24.16 26.49
N LEU D 47 -19.58 24.43 27.68
CA LEU D 47 -20.38 24.97 28.77
C LEU D 47 -19.86 26.32 29.17
N ILE D 48 -18.55 26.41 29.23
CA ILE D 48 -17.91 27.63 29.65
C ILE D 48 -16.83 28.04 28.66
N TYR D 49 -16.48 29.32 28.60
CA TYR D 49 -15.40 29.75 27.68
C TYR D 49 -14.11 29.74 28.43
N GLY D 50 -13.84 28.61 29.00
CA GLY D 50 -12.72 28.46 29.90
C GLY D 50 -13.29 28.76 31.27
N SER D 51 -12.58 28.39 32.33
CA SER D 51 -13.06 28.59 33.69
C SER D 51 -12.89 30.02 34.20
N SER D 52 -13.64 30.91 33.55
CA SER D 52 -13.66 32.33 33.83
C SER D 52 -14.98 32.94 33.36
N ASN D 53 -15.65 32.29 32.41
CA ASN D 53 -16.90 32.85 31.87
C ASN D 53 -17.86 31.77 31.35
N ARG D 54 -19.03 32.15 30.86
CA ARG D 54 -19.99 31.16 30.37
C ARG D 54 -20.09 31.11 28.86
N ALA D 55 -20.30 29.91 28.29
CA ALA D 55 -20.48 29.78 26.85
C ALA D 55 -21.81 30.41 26.48
N THR D 56 -21.88 31.07 25.33
CA THR D 56 -23.13 31.66 24.95
C THR D 56 -24.17 30.56 24.79
N GLY D 57 -25.33 30.77 25.40
CA GLY D 57 -26.44 29.82 25.32
C GLY D 57 -26.54 28.83 26.48
N ILE D 58 -25.53 28.76 27.34
CA ILE D 58 -25.64 27.82 28.45
C ILE D 58 -26.45 28.50 29.55
N PRO D 59 -27.37 27.80 30.24
CA PRO D 59 -28.12 28.36 31.34
C PRO D 59 -27.16 28.88 32.39
N ALA D 60 -27.51 30.00 33.03
CA ALA D 60 -26.63 30.59 34.03
C ALA D 60 -26.79 29.89 35.36
N ARG D 61 -26.44 28.62 35.33
CA ARG D 61 -26.46 27.70 36.42
C ARG D 61 -25.07 27.13 36.42
N PHE D 62 -24.47 27.20 35.23
CA PHE D 62 -23.16 26.63 34.95
C PHE D 62 -22.03 27.62 35.14
N SER D 63 -21.02 27.25 35.92
CA SER D 63 -19.86 28.12 36.11
C SER D 63 -18.55 27.36 36.38
N GLY D 64 -17.47 27.75 35.69
CA GLY D 64 -16.17 27.13 35.93
C GLY D 64 -15.34 28.01 36.85
N SER D 65 -14.48 27.38 37.65
CA SER D 65 -13.61 28.12 38.57
C SER D 65 -12.34 27.36 38.93
N GLY D 66 -11.26 28.09 39.22
CA GLY D 66 -10.03 27.46 39.67
C GLY D 66 -8.80 28.19 39.19
N SER D 67 -7.64 27.58 39.41
CA SER D 67 -6.40 28.22 39.02
C SER D 67 -5.30 27.19 38.86
N GLY D 68 -4.21 27.58 38.21
CA GLY D 68 -3.09 26.67 38.14
C GLY D 68 -3.49 25.40 37.43
N THR D 69 -3.31 24.30 38.14
CA THR D 69 -3.59 22.94 37.74
C THR D 69 -4.81 22.30 38.40
N ASP D 70 -5.58 23.06 39.17
CA ASP D 70 -6.69 22.50 39.92
C ASP D 70 -7.99 23.33 39.79
N PHE D 71 -8.98 22.71 39.13
CA PHE D 71 -10.23 23.37 38.77
C PHE D 71 -11.50 22.59 39.07
N THR D 72 -12.60 23.31 39.20
CA THR D 72 -13.90 22.67 39.35
C THR D 72 -14.96 23.27 38.41
N LEU D 73 -16.02 22.50 38.22
CA LEU D 73 -17.21 22.91 37.50
C LEU D 73 -18.39 22.80 38.41
N THR D 74 -19.19 23.86 38.50
CA THR D 74 -20.34 23.80 39.35
C THR D 74 -21.61 24.10 38.58
N ILE D 75 -22.61 23.27 38.81
CA ILE D 75 -23.94 23.51 38.27
C ILE D 75 -24.78 23.79 39.52
N SER D 76 -25.32 25.01 39.64
CA SER D 76 -26.00 25.38 40.88
C SER D 76 -27.19 24.52 41.23
N SER D 77 -27.85 23.99 40.22
CA SER D 77 -28.99 23.11 40.34
C SER D 77 -29.15 22.40 39.01
N LEU D 78 -29.18 21.07 39.00
CA LEU D 78 -29.32 20.27 37.78
C LEU D 78 -30.72 20.14 37.20
N GLU D 79 -30.79 20.11 35.87
CA GLU D 79 -32.01 19.81 35.15
C GLU D 79 -31.81 18.44 34.49
N PRO D 80 -32.87 17.70 34.10
CA PRO D 80 -32.79 16.40 33.44
C PRO D 80 -31.84 16.38 32.21
N GLU D 81 -31.61 17.53 31.59
CA GLU D 81 -30.76 17.64 30.41
C GLU D 81 -29.27 17.79 30.74
N ASP D 82 -28.95 17.90 32.02
CA ASP D 82 -27.57 18.09 32.46
C ASP D 82 -26.95 16.78 32.90
N PHE D 83 -27.71 15.70 32.85
CA PHE D 83 -27.22 14.40 33.31
C PHE D 83 -26.48 13.67 32.19
N ALA D 84 -25.28 14.16 31.96
CA ALA D 84 -24.42 13.74 30.87
C ALA D 84 -22.97 13.62 31.31
N VAL D 85 -22.05 13.40 30.36
CA VAL D 85 -20.67 13.27 30.75
C VAL D 85 -19.95 14.59 30.57
N TYR D 86 -19.31 15.02 31.62
CA TYR D 86 -18.60 16.27 31.59
C TYR D 86 -17.13 16.05 31.39
N TYR D 87 -16.58 16.87 30.53
CA TYR D 87 -15.16 16.82 30.22
C TYR D 87 -14.51 18.13 30.43
N CYS D 88 -13.27 18.07 30.82
CA CYS D 88 -12.46 19.25 30.89
C CYS D 88 -11.41 19.20 29.80
N GLN D 89 -11.04 20.37 29.31
CA GLN D 89 -10.02 20.51 28.27
C GLN D 89 -8.87 21.41 28.66
N GLN D 90 -7.65 20.90 28.53
CA GLN D 90 -6.49 21.71 28.87
C GLN D 90 -5.64 21.94 27.64
N ARG D 91 -4.56 22.70 27.83
CA ARG D 91 -3.62 22.98 26.77
C ARG D 91 -2.19 22.90 27.28
N ILE D 92 -1.33 22.25 26.51
CA ILE D 92 0.08 22.14 26.87
C ILE D 92 0.92 22.64 25.72
N HIS D 93 1.47 23.85 25.82
CA HIS D 93 2.17 24.41 24.68
C HIS D 93 1.22 24.38 23.48
N THR D 94 1.51 23.54 22.48
CA THR D 94 0.69 23.48 21.27
C THR D 94 -0.26 22.29 21.23
N SER D 95 -0.21 21.43 22.24
CA SER D 95 -1.05 20.24 22.31
C SER D 95 -2.38 20.54 22.98
N TRP D 96 -3.41 19.86 22.52
CA TRP D 96 -4.73 19.97 23.10
C TRP D 96 -5.00 18.67 23.82
N THR D 97 -5.67 18.73 24.97
CA THR D 97 -5.98 17.49 25.66
C THR D 97 -7.30 17.49 26.39
N PHE D 98 -7.87 16.31 26.56
CA PHE D 98 -9.13 16.18 27.28
C PHE D 98 -8.97 15.26 28.47
N GLY D 99 -9.82 15.46 29.46
CA GLY D 99 -9.82 14.59 30.62
C GLY D 99 -10.56 13.29 30.32
N GLN D 100 -10.74 12.45 31.33
CA GLN D 100 -11.40 11.17 31.12
C GLN D 100 -12.90 11.36 31.13
N GLY D 101 -13.32 12.33 31.94
CA GLY D 101 -14.70 12.73 32.07
C GLY D 101 -15.45 12.05 33.21
N THR D 102 -16.43 12.78 33.72
CA THR D 102 -17.30 12.29 34.80
C THR D 102 -18.76 12.39 34.45
N LYS D 103 -19.48 11.30 34.66
CA LYS D 103 -20.89 11.31 34.36
C LYS D 103 -21.71 11.75 35.54
N VAL D 104 -22.72 12.56 35.27
CA VAL D 104 -23.65 12.92 36.31
C VAL D 104 -24.89 12.07 36.08
N GLU D 105 -25.18 11.21 37.04
CA GLU D 105 -26.26 10.25 36.98
C GLU D 105 -27.44 10.77 37.76
N ILE D 106 -28.64 10.34 37.38
CA ILE D 106 -29.81 10.73 38.12
C ILE D 106 -29.92 9.84 39.36
N LYS D 107 -29.98 10.48 40.52
CA LYS D 107 -30.08 9.77 41.78
C LYS D 107 -31.50 9.31 42.00
N ARG D 108 -31.56 8.00 42.41
CA ARG D 108 -32.88 7.33 42.54
C ARG D 108 -32.79 6.34 43.70
N THR D 109 -33.90 5.68 44.04
CA THR D 109 -33.90 4.72 45.19
C THR D 109 -32.95 3.56 44.88
N VAL D 110 -32.23 3.07 45.90
CA VAL D 110 -31.37 1.87 45.68
C VAL D 110 -32.31 0.69 45.41
N ALA D 111 -31.93 -0.18 44.46
CA ALA D 111 -32.78 -1.29 44.08
C ALA D 111 -32.01 -2.47 43.53
N ALA D 112 -32.29 -3.65 44.08
CA ALA D 112 -31.68 -4.88 43.60
C ALA D 112 -32.28 -5.18 42.25
N PRO D 113 -31.54 -5.80 41.33
CA PRO D 113 -32.01 -6.26 40.05
C PRO D 113 -32.87 -7.48 40.15
N SER D 114 -33.77 -7.60 39.19
CA SER D 114 -34.46 -8.86 38.99
C SER D 114 -33.46 -9.66 38.20
N VAL D 115 -33.26 -10.93 38.54
CA VAL D 115 -32.22 -11.69 37.83
C VAL D 115 -32.79 -12.87 37.07
N PHE D 116 -32.46 -12.94 35.77
CA PHE D 116 -32.94 -14.03 34.94
C PHE D 116 -31.80 -14.72 34.19
N ILE D 117 -31.88 -16.05 34.02
CA ILE D 117 -30.86 -16.75 33.24
C ILE D 117 -31.45 -17.39 32.01
N PHE D 118 -30.82 -17.12 30.88
CA PHE D 118 -31.25 -17.65 29.60
C PHE D 118 -30.25 -18.62 28.97
N PRO D 119 -30.51 -19.94 28.99
CA PRO D 119 -29.67 -21.00 28.45
C PRO D 119 -29.51 -20.75 26.95
N PRO D 120 -28.51 -21.35 26.27
CA PRO D 120 -28.24 -21.20 24.85
C PRO D 120 -29.43 -21.69 24.08
N SER D 121 -29.68 -21.13 22.90
CA SER D 121 -30.81 -21.62 22.11
C SER D 121 -30.43 -22.88 21.37
N ASP D 122 -31.41 -23.59 20.82
CA ASP D 122 -31.11 -24.80 20.08
C ASP D 122 -30.39 -24.48 18.79
N GLU D 123 -30.77 -23.38 18.15
CA GLU D 123 -30.16 -22.98 16.91
C GLU D 123 -28.71 -22.60 17.14
N GLN D 124 -28.49 -21.94 18.27
CA GLN D 124 -27.18 -21.49 18.65
C GLN D 124 -26.23 -22.65 18.89
N LEU D 125 -26.74 -23.70 19.57
CA LEU D 125 -25.92 -24.86 19.84
C LEU D 125 -25.67 -25.63 18.55
N LYS D 126 -26.66 -25.73 17.68
CA LYS D 126 -26.45 -26.44 16.40
C LYS D 126 -25.37 -25.74 15.57
N SER D 127 -25.27 -24.41 15.74
CA SER D 127 -24.32 -23.58 15.04
C SER D 127 -22.90 -23.67 15.64
N GLY D 128 -22.75 -24.37 16.78
CA GLY D 128 -21.46 -24.55 17.44
C GLY D 128 -21.09 -23.60 18.60
N THR D 129 -22.02 -22.76 19.06
CA THR D 129 -21.73 -21.82 20.16
C THR D 129 -22.72 -22.03 21.28
N ALA D 130 -22.30 -21.75 22.50
CA ALA D 130 -23.17 -21.89 23.63
C ALA D 130 -23.07 -20.70 24.56
N SER D 131 -23.51 -19.54 24.13
CA SER D 131 -23.45 -18.45 25.06
C SER D 131 -24.61 -18.59 26.03
N VAL D 132 -24.47 -18.00 27.21
CA VAL D 132 -25.53 -18.01 28.21
C VAL D 132 -25.74 -16.57 28.66
N VAL D 133 -26.99 -16.13 28.79
CA VAL D 133 -27.17 -14.74 29.20
C VAL D 133 -27.81 -14.52 30.56
N CYS D 134 -27.13 -13.73 31.40
CA CYS D 134 -27.64 -13.35 32.70
C CYS D 134 -28.12 -11.93 32.64
N LEU D 135 -29.39 -11.77 32.87
CA LEU D 135 -30.01 -10.47 32.77
C LEU D 135 -30.38 -9.86 34.09
N LEU D 136 -29.93 -8.63 34.30
CA LEU D 136 -30.29 -7.88 35.48
C LEU D 136 -31.21 -6.76 35.11
N ASN D 137 -32.43 -6.77 35.62
CA ASN D 137 -33.34 -5.67 35.28
C ASN D 137 -33.64 -4.73 36.43
N ASN D 138 -33.75 -3.45 36.08
CA ASN D 138 -34.18 -2.37 36.96
C ASN D 138 -33.42 -2.18 38.28
N PHE D 139 -32.11 -2.05 38.23
CA PHE D 139 -31.33 -1.89 39.45
C PHE D 139 -30.66 -0.52 39.56
N TYR D 140 -30.31 -0.15 40.78
CA TYR D 140 -29.62 1.11 41.02
C TYR D 140 -28.86 1.11 42.32
N PRO D 141 -27.63 1.64 42.38
CA PRO D 141 -26.76 2.26 41.39
C PRO D 141 -26.07 1.28 40.49
N ARG D 142 -25.36 1.79 39.48
CA ARG D 142 -24.64 0.92 38.56
C ARG D 142 -23.33 0.42 39.16
N GLU D 143 -23.48 -0.40 40.19
CA GLU D 143 -22.37 -1.04 40.90
C GLU D 143 -22.49 -2.55 40.91
N ALA D 144 -23.36 -3.08 40.07
CA ALA D 144 -23.57 -4.52 40.06
C ALA D 144 -22.34 -5.27 39.62
N LYS D 145 -22.10 -6.39 40.27
CA LYS D 145 -21.02 -7.29 39.91
C LYS D 145 -21.60 -8.65 39.61
N VAL D 146 -21.34 -9.13 38.41
CA VAL D 146 -21.93 -10.39 38.01
C VAL D 146 -20.89 -11.43 37.68
N GLN D 147 -20.97 -12.58 38.34
CA GLN D 147 -20.01 -13.63 38.09
C GLN D 147 -20.61 -14.92 37.58
N TRP D 148 -19.95 -15.50 36.60
CA TRP D 148 -20.38 -16.77 36.05
C TRP D 148 -19.68 -17.95 36.64
N LYS D 149 -20.42 -19.02 36.84
CA LYS D 149 -19.87 -20.27 37.32
C LYS D 149 -20.30 -21.44 36.43
N VAL D 150 -19.40 -22.41 36.27
CA VAL D 150 -19.71 -23.65 35.54
C VAL D 150 -19.40 -24.83 36.45
N ASP D 151 -20.43 -25.63 36.75
CA ASP D 151 -20.33 -26.72 37.71
C ASP D 151 -19.75 -26.16 39.02
N ASN D 152 -20.22 -24.95 39.36
CA ASN D 152 -19.87 -24.15 40.52
C ASN D 152 -18.42 -23.64 40.54
N ALA D 153 -17.68 -23.78 39.44
CA ALA D 153 -16.34 -23.23 39.36
C ALA D 153 -16.41 -21.83 38.81
N LEU D 154 -15.69 -20.90 39.42
CA LEU D 154 -15.74 -19.53 38.93
C LEU D 154 -15.03 -19.37 37.59
N GLN D 155 -15.71 -18.72 36.65
CA GLN D 155 -15.19 -18.46 35.33
C GLN D 155 -14.60 -17.09 35.19
N SER D 156 -13.66 -16.96 34.27
CA SER D 156 -13.14 -15.66 33.91
C SER D 156 -12.59 -15.70 32.50
N GLY D 157 -12.59 -14.54 31.84
CA GLY D 157 -11.97 -14.38 30.51
C GLY D 157 -12.85 -14.87 29.36
N ASN D 158 -14.02 -15.39 29.69
CA ASN D 158 -14.94 -15.94 28.74
C ASN D 158 -16.31 -15.33 28.86
N SER D 159 -16.36 -14.07 29.25
CA SER D 159 -17.63 -13.38 29.37
C SER D 159 -17.49 -11.91 29.08
N GLN D 160 -18.62 -11.30 28.74
CA GLN D 160 -18.70 -9.88 28.45
C GLN D 160 -19.85 -9.19 29.15
N GLU D 161 -19.71 -7.88 29.36
CA GLU D 161 -20.75 -7.10 29.99
C GLU D 161 -21.16 -5.86 29.20
N SER D 162 -22.47 -5.64 29.12
CA SER D 162 -23.04 -4.46 28.50
C SER D 162 -24.15 -3.90 29.38
N VAL D 163 -24.08 -2.60 29.62
CA VAL D 163 -25.01 -1.92 30.51
C VAL D 163 -25.69 -0.78 29.80
N THR D 164 -26.99 -0.64 30.03
CA THR D 164 -27.78 0.38 29.39
C THR D 164 -27.59 1.71 30.08
N GLU D 165 -28.06 2.75 29.44
CA GLU D 165 -28.06 4.02 30.10
C GLU D 165 -29.20 3.91 31.07
N GLN D 166 -29.18 4.63 32.18
CA GLN D 166 -30.31 4.51 33.05
C GLN D 166 -31.53 4.96 32.29
N ASP D 167 -32.64 4.26 32.48
CA ASP D 167 -33.88 4.59 31.82
C ASP D 167 -34.57 5.67 32.62
N SER D 168 -34.62 6.88 32.06
CA SER D 168 -35.11 8.09 32.72
C SER D 168 -36.56 8.00 33.18
N LYS D 169 -37.23 6.90 32.82
CA LYS D 169 -38.58 6.69 33.39
C LYS D 169 -38.33 6.22 34.83
N ASP D 170 -38.04 4.93 35.03
CA ASP D 170 -37.71 4.38 36.36
C ASP D 170 -36.40 4.99 36.89
N SER D 171 -35.41 5.20 36.02
CA SER D 171 -34.04 5.68 36.41
C SER D 171 -33.22 4.46 36.83
N THR D 172 -33.82 3.27 36.77
CA THR D 172 -33.11 1.99 37.05
C THR D 172 -32.18 1.64 35.89
N TYR D 173 -31.13 0.86 36.14
CA TYR D 173 -30.22 0.41 35.04
C TYR D 173 -30.48 -1.06 34.71
N SER D 174 -30.13 -1.49 33.49
CA SER D 174 -30.25 -2.88 33.11
C SER D 174 -28.86 -3.36 32.71
N LEU D 175 -28.57 -4.63 32.97
CA LEU D 175 -27.26 -5.21 32.64
C LEU D 175 -27.37 -6.58 32.02
N SER D 176 -26.58 -6.80 30.99
CA SER D 176 -26.53 -8.09 30.37
C SER D 176 -25.13 -8.65 30.39
N SER D 177 -25.01 -9.76 31.09
CA SER D 177 -23.73 -10.43 31.23
C SER D 177 -23.80 -11.69 30.40
N THR D 178 -22.89 -11.83 29.46
CA THR D 178 -22.94 -13.00 28.61
C THR D 178 -21.73 -13.88 28.75
N LEU D 179 -21.97 -15.15 28.98
CA LEU D 179 -20.93 -16.15 29.10
C LEU D 179 -20.80 -16.71 27.71
N THR D 180 -19.60 -16.90 27.22
CA THR D 180 -19.46 -17.40 25.87
C THR D 180 -18.72 -18.72 25.81
N LEU D 181 -19.45 -19.81 25.87
CA LEU D 181 -18.85 -21.12 25.85
C LEU D 181 -19.02 -21.66 24.45
N SER D 182 -18.21 -22.63 24.06
CA SER D 182 -18.38 -23.30 22.79
C SER D 182 -19.47 -24.35 22.97
N LYS D 183 -19.99 -24.90 21.88
CA LYS D 183 -20.96 -25.99 22.03
C LYS D 183 -20.40 -27.11 22.89
N ALA D 184 -19.17 -27.53 22.59
CA ALA D 184 -18.58 -28.64 23.31
C ALA D 184 -18.42 -28.36 24.79
N ASP D 185 -18.05 -27.13 25.15
CA ASP D 185 -17.85 -26.88 26.57
C ASP D 185 -19.16 -26.91 27.30
N TYR D 186 -20.19 -26.38 26.66
CA TYR D 186 -21.50 -26.39 27.25
C TYR D 186 -22.00 -27.80 27.46
N GLU D 187 -21.87 -28.66 26.45
CA GLU D 187 -22.34 -30.03 26.62
C GLU D 187 -21.52 -30.85 27.63
N LYS D 188 -20.20 -30.64 27.71
CA LYS D 188 -19.39 -31.38 28.70
C LYS D 188 -19.80 -31.10 30.15
N HIS D 189 -20.09 -29.84 30.46
CA HIS D 189 -20.50 -29.43 31.81
C HIS D 189 -22.01 -29.56 31.99
N LYS D 190 -22.52 -29.63 33.23
CA LYS D 190 -23.97 -29.80 33.37
C LYS D 190 -24.70 -28.63 34.01
N VAL D 191 -24.04 -27.96 34.96
CA VAL D 191 -24.71 -26.91 35.71
C VAL D 191 -24.13 -25.55 35.46
N TYR D 192 -25.02 -24.64 35.14
CA TYR D 192 -24.59 -23.29 34.86
C TYR D 192 -25.22 -22.37 35.85
N ALA D 193 -24.46 -21.39 36.30
CA ALA D 193 -25.01 -20.49 37.28
C ALA D 193 -24.41 -19.13 37.23
N CYS D 194 -25.14 -18.17 37.75
CA CYS D 194 -24.59 -16.85 37.80
C CYS D 194 -24.99 -16.13 39.07
N GLU D 195 -23.97 -15.57 39.70
CA GLU D 195 -24.04 -14.87 40.97
C GLU D 195 -24.05 -13.35 40.83
N VAL D 196 -25.03 -12.71 41.44
CA VAL D 196 -25.14 -11.27 41.35
C VAL D 196 -24.98 -10.54 42.68
N THR D 197 -24.02 -9.63 42.71
CA THR D 197 -23.77 -8.83 43.91
C THR D 197 -24.19 -7.40 43.64
N HIS D 198 -24.96 -6.83 44.56
CA HIS D 198 -25.47 -5.47 44.43
C HIS D 198 -25.82 -4.87 45.78
N GLN D 199 -25.81 -3.54 45.86
CA GLN D 199 -26.14 -2.84 47.10
C GLN D 199 -27.55 -3.13 47.64
N GLY D 200 -28.49 -3.41 46.75
CA GLY D 200 -29.87 -3.62 47.15
C GLY D 200 -30.18 -5.03 47.63
N LEU D 201 -29.22 -5.94 47.61
CA LEU D 201 -29.50 -7.30 48.04
C LEU D 201 -28.65 -7.66 49.26
N SER D 202 -29.19 -8.54 50.11
CA SER D 202 -28.52 -8.92 51.36
C SER D 202 -27.41 -9.93 51.22
N SER D 203 -27.46 -10.73 50.18
CA SER D 203 -26.45 -11.72 49.93
C SER D 203 -26.49 -11.93 48.45
N PRO D 204 -25.40 -12.33 47.78
CA PRO D 204 -25.36 -12.51 46.35
C PRO D 204 -26.46 -13.44 45.91
N VAL D 205 -27.10 -13.06 44.82
CA VAL D 205 -28.20 -13.81 44.29
C VAL D 205 -27.74 -14.76 43.23
N THR D 206 -28.04 -16.04 43.38
CA THR D 206 -27.59 -16.96 42.37
C THR D 206 -28.76 -17.63 41.70
N LYS D 207 -28.74 -17.56 40.38
CA LYS D 207 -29.73 -18.21 39.55
C LYS D 207 -29.00 -19.27 38.76
N SER D 208 -29.68 -20.38 38.45
CA SER D 208 -28.99 -21.45 37.76
C SER D 208 -29.88 -22.39 37.01
N PHE D 209 -29.26 -23.20 36.14
CA PHE D 209 -30.01 -24.17 35.31
C PHE D 209 -29.07 -25.31 34.90
N ASN D 210 -29.50 -26.15 33.97
CA ASN D 210 -28.62 -27.25 33.48
C ASN D 210 -28.64 -27.26 31.94
N GLN E 4 -19.73 20.65 -8.29
CA GLN E 4 -21.03 21.30 -8.40
C GLN E 4 -22.08 20.52 -7.58
N LEU E 5 -22.43 19.29 -8.03
CA LEU E 5 -23.45 18.43 -7.38
C LEU E 5 -22.81 17.20 -6.74
N LEU E 6 -22.92 17.13 -5.41
CA LEU E 6 -22.31 16.06 -4.64
C LEU E 6 -23.37 15.18 -4.01
N GLU E 7 -23.42 13.92 -4.41
CA GLU E 7 -24.50 13.06 -3.95
C GLU E 7 -24.12 11.73 -3.32
N SER E 8 -25.00 11.29 -2.42
CA SER E 8 -24.94 10.03 -1.68
C SER E 8 -26.27 9.70 -1.03
N GLY E 9 -26.30 8.64 -0.24
CA GLY E 9 -27.57 8.26 0.40
C GLY E 9 -28.32 7.15 -0.31
N GLY E 10 -27.63 6.36 -1.11
CA GLY E 10 -28.24 5.25 -1.81
C GLY E 10 -27.90 3.97 -1.08
N GLY E 11 -27.62 2.92 -1.82
CA GLY E 11 -27.36 1.64 -1.18
C GLY E 11 -28.44 0.63 -1.47
N LEU E 12 -28.31 -0.53 -0.84
CA LEU E 12 -29.20 -1.66 -1.03
C LEU E 12 -30.27 -1.79 0.05
N VAL E 13 -31.52 -1.83 -0.39
CA VAL E 13 -32.68 -1.94 0.48
C VAL E 13 -33.61 -3.09 0.05
N GLN E 14 -34.29 -3.71 1.01
CA GLN E 14 -35.27 -4.75 0.72
C GLN E 14 -36.51 -4.14 0.03
N PRO E 15 -37.23 -4.89 -0.82
CA PRO E 15 -38.45 -4.44 -1.47
C PRO E 15 -39.44 -4.03 -0.41
N GLY E 16 -40.10 -2.92 -0.66
CA GLY E 16 -41.08 -2.36 0.24
C GLY E 16 -40.44 -1.41 1.23
N GLY E 17 -39.11 -1.34 1.22
CA GLY E 17 -38.39 -0.49 2.14
C GLY E 17 -38.18 0.90 1.60
N SER E 18 -37.29 1.63 2.25
CA SER E 18 -37.04 3.00 1.85
C SER E 18 -35.63 3.44 2.08
N LEU E 19 -35.24 4.46 1.34
CA LEU E 19 -33.95 5.12 1.46
C LEU E 19 -34.09 6.63 1.30
N ARG E 20 -33.38 7.40 2.11
CA ARG E 20 -33.38 8.84 1.94
C ARG E 20 -32.12 9.25 1.21
N LEU E 21 -32.29 9.69 -0.03
CA LEU E 21 -31.21 10.03 -0.95
C LEU E 21 -31.00 11.54 -0.96
N SER E 22 -29.75 12.00 -1.01
CA SER E 22 -29.58 13.46 -1.03
C SER E 22 -28.38 13.98 -1.82
N CYS E 23 -28.45 15.27 -2.14
CA CYS E 23 -27.35 15.91 -2.85
C CYS E 23 -27.09 17.36 -2.48
N ALA E 24 -25.86 17.63 -2.07
CA ALA E 24 -25.45 18.98 -1.74
C ALA E 24 -25.08 19.68 -3.02
N ALA E 25 -25.42 20.95 -3.16
CA ALA E 25 -25.06 21.59 -4.41
C ALA E 25 -24.65 23.04 -4.31
N SER E 26 -23.71 23.40 -5.17
CA SER E 26 -23.26 24.77 -5.35
C SER E 26 -24.02 25.42 -6.49
N GLY E 27 -24.24 26.73 -6.39
CA GLY E 27 -24.98 27.46 -7.44
C GLY E 27 -26.47 27.55 -7.14
N PHE E 28 -27.21 28.34 -7.94
CA PHE E 28 -28.67 28.51 -7.74
C PHE E 28 -29.14 27.81 -6.47
N ALA E 34 -33.93 25.75 -10.14
CA ALA E 34 -34.72 24.55 -9.90
C ALA E 34 -33.78 23.34 -9.93
N MET E 35 -34.24 22.21 -9.33
CA MET E 35 -33.48 20.95 -9.17
C MET E 35 -34.30 19.70 -9.49
N SER E 36 -33.62 18.64 -9.90
CA SER E 36 -34.31 17.38 -10.19
C SER E 36 -33.51 16.11 -10.01
N TRP E 37 -34.25 14.99 -9.98
CA TRP E 37 -33.64 13.66 -9.98
C TRP E 37 -34.08 12.91 -11.23
N VAL E 38 -33.10 12.24 -11.82
CA VAL E 38 -33.27 11.43 -13.01
C VAL E 38 -32.70 10.05 -12.74
N ARG E 39 -33.37 8.98 -13.13
CA ARG E 39 -32.79 7.70 -12.83
C ARG E 39 -32.56 6.84 -14.05
N GLN E 40 -31.47 6.09 -14.01
CA GLN E 40 -31.16 5.19 -15.10
C GLN E 40 -30.99 3.75 -14.66
N ALA E 41 -31.93 2.91 -15.02
CA ALA E 41 -31.83 1.53 -14.65
C ALA E 41 -30.69 0.97 -15.48
N PRO E 42 -29.94 -0.03 -15.04
CA PRO E 42 -28.91 -0.61 -15.86
C PRO E 42 -29.51 -1.06 -17.18
N GLY E 43 -28.87 -0.70 -18.28
CA GLY E 43 -29.32 -1.10 -19.61
C GLY E 43 -30.43 -0.22 -20.19
N LYS E 44 -30.87 0.79 -19.44
CA LYS E 44 -31.95 1.67 -19.86
C LYS E 44 -31.53 3.10 -20.07
N GLY E 45 -32.47 3.92 -20.55
CA GLY E 45 -32.22 5.33 -20.80
C GLY E 45 -32.52 6.14 -19.55
N LEU E 46 -32.72 7.43 -19.73
CA LEU E 46 -32.90 8.33 -18.61
C LEU E 46 -34.37 8.60 -18.28
N GLU E 47 -34.80 8.24 -17.09
CA GLU E 47 -36.19 8.48 -16.68
C GLU E 47 -36.26 9.62 -15.69
N TRP E 48 -37.01 10.66 -15.99
CA TRP E 48 -37.09 11.71 -15.00
C TRP E 48 -37.96 11.22 -13.85
N VAL E 49 -37.56 11.47 -12.61
CA VAL E 49 -38.31 11.03 -11.45
C VAL E 49 -39.10 12.12 -10.79
N SER E 50 -38.40 13.20 -10.52
CA SER E 50 -39.01 14.29 -9.79
C SER E 50 -38.25 15.57 -9.90
N GLY E 51 -38.89 16.65 -9.49
CA GLY E 51 -38.20 17.93 -9.46
C GLY E 51 -38.90 18.95 -8.61
N ILE E 52 -38.16 19.98 -8.29
CA ILE E 52 -38.61 21.08 -7.47
C ILE E 52 -38.23 22.42 -8.05
N SER E 53 -39.17 23.35 -8.02
CA SER E 53 -38.98 24.71 -8.51
C SER E 53 -38.00 25.46 -7.63
N TYR E 54 -37.39 26.51 -8.18
CA TYR E 54 -36.51 27.39 -7.41
C TYR E 54 -37.40 28.19 -6.45
N GLY E 55 -36.91 28.47 -5.25
CA GLY E 55 -37.74 29.17 -4.30
C GLY E 55 -38.43 28.17 -3.41
N SER E 56 -39.65 28.48 -2.96
CA SER E 56 -40.32 27.62 -1.99
C SER E 56 -41.53 26.89 -2.57
N GLY E 57 -41.49 25.55 -2.52
CA GLY E 57 -42.58 24.71 -3.02
C GLY E 57 -42.55 24.44 -4.52
N ASP E 58 -43.71 23.99 -5.02
CA ASP E 58 -43.93 23.59 -6.42
C ASP E 58 -43.02 22.44 -6.87
N THR E 59 -43.48 21.23 -6.57
CA THR E 59 -42.77 20.03 -6.96
C THR E 59 -43.51 19.31 -8.05
N TYR E 60 -42.78 18.48 -8.77
CA TYR E 60 -43.34 17.72 -9.85
C TYR E 60 -42.86 16.30 -9.76
N TYR E 61 -43.70 15.36 -10.16
CA TYR E 61 -43.30 13.96 -10.16
C TYR E 61 -43.68 13.28 -11.45
N ALA E 62 -42.91 12.26 -11.82
CA ALA E 62 -43.28 11.43 -12.93
C ALA E 62 -44.41 10.55 -12.46
N ASP E 63 -45.34 10.18 -13.32
CA ASP E 63 -46.44 9.32 -12.87
C ASP E 63 -45.97 8.00 -12.29
N SER E 64 -44.87 7.48 -12.82
CA SER E 64 -44.31 6.19 -12.43
C SER E 64 -43.83 6.10 -10.99
N VAL E 65 -43.66 7.26 -10.34
CA VAL E 65 -43.19 7.31 -8.97
C VAL E 65 -44.18 7.99 -8.01
N LYS E 66 -45.38 8.32 -8.50
CA LYS E 66 -46.30 8.99 -7.60
C LYS E 66 -46.78 8.02 -6.56
N GLY E 67 -46.83 8.49 -5.32
CA GLY E 67 -47.27 7.68 -4.21
C GLY E 67 -46.09 6.95 -3.56
N ARG E 68 -44.91 7.04 -4.16
CA ARG E 68 -43.75 6.37 -3.62
C ARG E 68 -42.61 7.36 -3.35
N PHE E 69 -42.43 8.34 -4.22
CA PHE E 69 -41.32 9.26 -4.04
C PHE E 69 -41.76 10.67 -3.63
N THR E 70 -41.00 11.27 -2.72
CA THR E 70 -41.20 12.67 -2.30
C THR E 70 -39.95 13.52 -2.46
N ILE E 71 -40.10 14.68 -3.09
CA ILE E 71 -38.94 15.55 -3.29
C ILE E 71 -39.07 16.84 -2.51
N SER E 72 -37.97 17.27 -1.92
CA SER E 72 -37.91 18.52 -1.18
C SER E 72 -36.51 19.11 -1.21
N ARG E 73 -36.38 20.38 -0.86
CA ARG E 73 -35.06 20.99 -0.82
C ARG E 73 -34.87 21.78 0.45
N ASP E 74 -33.71 21.60 1.07
CA ASP E 74 -33.33 22.32 2.25
C ASP E 74 -32.48 23.52 1.85
N ASN E 75 -33.07 24.71 1.95
CA ASN E 75 -32.43 25.92 1.47
C ASN E 75 -31.40 26.48 2.45
N SER E 76 -31.29 25.88 3.65
CA SER E 76 -30.29 26.33 4.59
C SER E 76 -29.05 25.46 4.38
N LYS E 77 -29.31 24.22 3.95
CA LYS E 77 -28.26 23.25 3.69
C LYS E 77 -27.84 23.21 2.23
N ASN E 78 -28.64 23.83 1.34
CA ASN E 78 -28.37 23.81 -0.10
C ASN E 78 -28.25 22.36 -0.53
N THR E 79 -29.14 21.56 0.03
CA THR E 79 -29.18 20.15 -0.21
C THR E 79 -30.55 19.67 -0.64
N LEU E 80 -30.55 18.90 -1.72
CA LEU E 80 -31.74 18.35 -2.30
C LEU E 80 -32.00 16.99 -1.69
N TYR E 81 -33.25 16.69 -1.37
CA TYR E 81 -33.59 15.39 -0.83
C TYR E 81 -34.65 14.66 -1.63
N LEU E 82 -34.51 13.35 -1.69
CA LEU E 82 -35.52 12.52 -2.30
C LEU E 82 -35.81 11.37 -1.36
N GLN E 83 -37.05 11.29 -0.92
CA GLN E 83 -37.42 10.24 -0.02
C GLN E 83 -38.04 9.16 -0.86
N MET E 84 -37.37 8.02 -0.93
CA MET E 84 -37.80 6.96 -1.82
C MET E 84 -38.47 5.87 -0.99
N ASN E 85 -39.80 5.77 -1.04
CA ASN E 85 -40.54 4.84 -0.19
C ASN E 85 -41.19 3.69 -0.94
N SER E 86 -41.48 2.60 -0.21
CA SER E 86 -42.21 1.48 -0.77
C SER E 86 -41.62 1.08 -2.10
N LEU E 87 -40.31 0.90 -2.11
CA LEU E 87 -39.61 0.65 -3.34
C LEU E 87 -39.75 -0.75 -3.90
N ARG E 88 -39.76 -0.81 -5.23
CA ARG E 88 -39.91 -2.02 -6.02
C ARG E 88 -38.59 -2.43 -6.67
N ALA E 89 -38.48 -3.68 -7.11
CA ALA E 89 -37.26 -4.10 -7.81
C ALA E 89 -37.01 -3.22 -9.03
N GLU E 90 -38.08 -2.79 -9.67
CA GLU E 90 -38.07 -1.95 -10.86
C GLU E 90 -37.52 -0.53 -10.60
N ASP E 91 -37.36 -0.14 -9.34
CA ASP E 91 -36.85 1.16 -8.99
C ASP E 91 -35.32 1.14 -8.89
N THR E 92 -34.69 -0.03 -9.17
CA THR E 92 -33.23 -0.07 -9.14
C THR E 92 -32.70 0.78 -10.26
N ALA E 93 -31.82 1.70 -9.91
CA ALA E 93 -31.28 2.61 -10.90
C ALA E 93 -30.18 3.45 -10.34
N VAL E 94 -29.43 4.08 -11.20
CA VAL E 94 -28.56 5.11 -10.72
C VAL E 94 -29.36 6.38 -10.72
N TYR E 95 -29.43 7.04 -9.58
CA TYR E 95 -30.20 8.26 -9.47
C TYR E 95 -29.25 9.42 -9.53
N TYR E 96 -29.44 10.29 -10.50
CA TYR E 96 -28.55 11.39 -10.69
C TYR E 96 -29.19 12.65 -10.23
N CYS E 97 -28.42 13.47 -9.55
CA CYS E 97 -28.92 14.78 -9.20
C CYS E 97 -28.63 15.70 -10.35
N ALA E 98 -29.53 16.61 -10.65
CA ALA E 98 -29.23 17.57 -11.70
C ALA E 98 -29.78 18.96 -11.39
N ARG E 99 -29.11 19.97 -11.92
CA ARG E 99 -29.54 21.37 -11.81
C ARG E 99 -30.07 21.87 -13.13
N SER E 100 -31.25 22.49 -13.06
CA SER E 100 -31.96 23.02 -14.22
C SER E 100 -31.52 24.41 -14.65
N ARG E 101 -31.74 24.70 -15.92
CA ARG E 101 -31.54 26.00 -16.52
C ARG E 101 -32.82 26.47 -17.21
N GLY E 102 -33.33 27.57 -16.70
CA GLY E 102 -34.57 28.12 -17.19
C GLY E 102 -35.59 27.03 -17.00
N SER E 103 -36.34 26.79 -18.05
CA SER E 103 -37.36 25.77 -18.06
C SER E 103 -37.06 24.74 -19.14
N GLN E 104 -35.84 24.74 -19.69
CA GLN E 104 -35.61 23.82 -20.79
C GLN E 104 -34.59 22.71 -20.58
N THR E 105 -33.53 22.93 -19.82
CA THR E 105 -32.49 21.89 -19.71
C THR E 105 -31.95 21.59 -18.33
N PHE E 106 -31.22 20.48 -18.23
CA PHE E 106 -30.47 20.10 -17.03
C PHE E 106 -28.98 20.29 -17.33
N ASP E 107 -28.41 21.36 -16.80
CA ASP E 107 -27.04 21.71 -17.17
C ASP E 107 -25.99 21.02 -16.34
N TYR E 108 -26.32 20.74 -15.09
CA TYR E 108 -25.31 20.15 -14.24
C TYR E 108 -25.79 18.84 -13.75
N TRP E 109 -24.92 17.86 -13.78
CA TRP E 109 -25.26 16.53 -13.31
C TRP E 109 -24.26 16.04 -12.29
N GLY E 110 -24.75 15.29 -11.30
CA GLY E 110 -23.89 14.71 -10.29
C GLY E 110 -23.34 13.42 -10.82
N GLN E 111 -22.54 12.72 -10.03
CA GLN E 111 -21.97 11.47 -10.51
C GLN E 111 -22.99 10.38 -10.71
N GLY E 112 -23.99 10.36 -9.84
CA GLY E 112 -25.03 9.35 -9.85
C GLY E 112 -24.84 8.39 -8.70
N THR E 113 -25.90 8.19 -7.94
CA THR E 113 -25.86 7.31 -6.79
C THR E 113 -26.61 6.04 -7.07
N LEU E 114 -25.97 4.91 -6.84
CA LEU E 114 -26.66 3.66 -7.11
C LEU E 114 -27.57 3.27 -5.96
N VAL E 115 -28.82 3.01 -6.33
CA VAL E 115 -29.86 2.57 -5.44
C VAL E 115 -30.35 1.21 -5.91
N THR E 116 -30.26 0.22 -5.04
CA THR E 116 -30.65 -1.12 -5.44
C THR E 116 -31.75 -1.64 -4.58
N VAL E 117 -32.77 -2.20 -5.21
CA VAL E 117 -33.85 -2.76 -4.43
C VAL E 117 -33.87 -4.25 -4.72
N SER E 118 -33.65 -5.04 -3.69
CA SER E 118 -33.55 -6.50 -3.85
C SER E 118 -33.69 -7.26 -2.57
N SER E 119 -34.23 -8.46 -2.67
CA SER E 119 -34.37 -9.34 -1.52
C SER E 119 -33.06 -10.01 -1.12
N ALA E 120 -32.07 -9.97 -2.01
CA ALA E 120 -30.77 -10.60 -1.77
C ALA E 120 -30.01 -9.85 -0.69
N SER E 121 -29.30 -10.59 0.15
CA SER E 121 -28.47 -9.99 1.17
C SER E 121 -27.15 -9.52 0.60
N THR E 122 -26.41 -8.69 1.33
CA THR E 122 -25.09 -8.30 0.87
C THR E 122 -24.14 -9.46 0.96
N LYS E 123 -23.35 -9.63 -0.09
CA LYS E 123 -22.36 -10.70 -0.18
C LYS E 123 -21.15 -10.18 -0.94
N GLY E 124 -19.95 -10.38 -0.37
CA GLY E 124 -18.73 -9.95 -1.05
C GLY E 124 -18.31 -11.00 -2.05
N PRO E 125 -17.47 -10.64 -3.03
CA PRO E 125 -16.93 -11.48 -4.07
C PRO E 125 -15.87 -12.45 -3.65
N SER E 126 -15.80 -13.52 -4.40
CA SER E 126 -14.70 -14.47 -4.29
C SER E 126 -13.88 -14.22 -5.54
N VAL E 127 -12.57 -14.39 -5.46
CA VAL E 127 -11.78 -14.15 -6.66
C VAL E 127 -11.03 -15.40 -7.03
N PHE E 128 -11.18 -15.78 -8.28
CA PHE E 128 -10.58 -16.96 -8.83
C PHE E 128 -9.72 -16.68 -10.06
N PRO E 129 -8.40 -16.50 -9.90
CA PRO E 129 -7.45 -16.18 -10.93
C PRO E 129 -7.46 -17.13 -12.09
N LEU E 130 -7.31 -16.55 -13.25
CA LEU E 130 -7.28 -17.23 -14.51
C LEU E 130 -5.83 -17.18 -14.99
N ALA E 131 -5.11 -18.28 -14.79
CA ALA E 131 -3.71 -18.25 -15.15
C ALA E 131 -3.55 -18.24 -16.65
N PRO E 132 -2.53 -17.56 -17.21
CA PRO E 132 -2.19 -17.58 -18.64
C PRO E 132 -1.59 -18.92 -19.04
N SER E 133 -1.15 -19.68 -18.03
CA SER E 133 -0.48 -20.95 -18.21
C SER E 133 0.61 -20.81 -19.26
N SER E 134 0.86 -21.89 -19.98
CA SER E 134 1.82 -21.85 -21.08
C SER E 134 1.20 -22.21 -22.42
N LYS E 135 -0.02 -22.76 -22.40
CA LYS E 135 -0.65 -23.22 -23.63
C LYS E 135 -1.64 -22.23 -24.25
N SER E 136 -2.15 -21.30 -23.44
CA SER E 136 -3.11 -20.33 -23.98
C SER E 136 -2.40 -19.06 -24.42
N THR E 137 -1.10 -19.01 -24.15
CA THR E 137 -0.20 -17.92 -24.49
C THR E 137 0.22 -18.09 -25.95
N SER E 138 0.19 -16.99 -26.72
CA SER E 138 0.50 -17.10 -28.13
C SER E 138 1.57 -16.14 -28.59
N GLY E 139 2.71 -16.70 -28.96
CA GLY E 139 3.81 -15.90 -29.40
C GLY E 139 4.27 -15.00 -28.28
N GLY E 140 4.29 -13.71 -28.58
CA GLY E 140 4.72 -12.68 -27.64
C GLY E 140 3.61 -12.14 -26.74
N THR E 141 2.37 -12.61 -26.87
CA THR E 141 1.31 -12.06 -26.01
C THR E 141 0.61 -13.11 -25.15
N ALA E 142 0.54 -12.81 -23.86
CA ALA E 142 -0.14 -13.66 -22.90
C ALA E 142 -1.33 -12.94 -22.33
N ALA E 143 -2.42 -13.65 -22.13
CA ALA E 143 -3.54 -13.00 -21.50
C ALA E 143 -3.78 -13.68 -20.19
N LEU E 144 -3.75 -12.89 -19.14
CA LEU E 144 -3.93 -13.37 -17.78
C LEU E 144 -5.08 -12.61 -17.15
N GLY E 145 -5.72 -13.15 -16.15
CA GLY E 145 -6.79 -12.37 -15.53
C GLY E 145 -7.39 -13.03 -14.33
N CYS E 146 -8.51 -12.48 -13.85
CA CYS E 146 -9.23 -13.00 -12.70
C CYS E 146 -10.73 -12.95 -12.87
N LEU E 147 -11.39 -14.00 -12.39
CA LEU E 147 -12.83 -14.01 -12.39
C LEU E 147 -13.34 -13.66 -11.00
N VAL E 148 -14.17 -12.63 -10.92
CA VAL E 148 -14.70 -12.16 -9.66
C VAL E 148 -16.15 -12.63 -9.58
N LYS E 149 -16.50 -13.41 -8.57
CA LYS E 149 -17.86 -13.94 -8.60
C LYS E 149 -18.60 -14.09 -7.28
N ASP E 150 -19.92 -14.31 -7.36
CA ASP E 150 -20.74 -14.54 -6.14
C ASP E 150 -20.82 -13.30 -5.25
N TYR E 151 -20.89 -12.10 -5.85
CA TYR E 151 -20.99 -10.84 -5.09
C TYR E 151 -22.33 -10.16 -5.42
N PHE E 152 -23.29 -10.16 -4.49
CA PHE E 152 -24.61 -9.59 -4.86
C PHE E 152 -24.54 -8.09 -5.19
N PRO E 153 -23.93 -7.20 -4.37
CA PRO E 153 -23.84 -5.80 -4.77
C PRO E 153 -23.13 -5.77 -6.12
N GLU E 154 -23.77 -5.20 -7.14
CA GLU E 154 -23.20 -5.23 -8.52
C GLU E 154 -21.85 -4.49 -8.61
N PRO E 155 -21.64 -3.33 -7.97
CA PRO E 155 -20.38 -2.60 -8.15
C PRO E 155 -19.19 -3.41 -7.63
N VAL E 156 -18.07 -3.39 -8.37
CA VAL E 156 -16.83 -4.12 -7.95
C VAL E 156 -15.67 -3.50 -8.73
N THR E 157 -14.88 -2.65 -8.08
CA THR E 157 -13.74 -2.04 -8.74
C THR E 157 -12.59 -3.01 -8.83
N VAL E 158 -12.05 -3.17 -10.04
CA VAL E 158 -10.91 -4.05 -10.21
C VAL E 158 -9.78 -3.31 -10.91
N SER E 159 -8.59 -3.42 -10.38
CA SER E 159 -7.42 -2.79 -10.97
C SER E 159 -6.23 -3.73 -10.91
N TRP E 160 -5.21 -3.46 -11.71
CA TRP E 160 -4.06 -4.33 -11.66
C TRP E 160 -2.82 -3.64 -11.13
N ASN E 161 -2.06 -4.37 -10.33
CA ASN E 161 -0.82 -3.91 -9.75
C ASN E 161 -1.03 -2.58 -9.05
N SER E 162 -2.13 -2.47 -8.33
CA SER E 162 -2.54 -1.30 -7.56
C SER E 162 -2.65 -0.03 -8.40
N GLY E 163 -3.02 -0.16 -9.67
CA GLY E 163 -3.20 0.97 -10.55
C GLY E 163 -1.99 1.20 -11.43
N ALA E 164 -0.90 0.48 -11.17
CA ALA E 164 0.29 0.61 -11.98
C ALA E 164 0.09 0.02 -13.38
N LEU E 165 -0.75 -1.01 -13.51
CA LEU E 165 -0.96 -1.62 -14.81
C LEU E 165 -2.28 -1.16 -15.36
N THR E 166 -2.22 -0.28 -16.35
CA THR E 166 -3.42 0.27 -16.94
C THR E 166 -3.54 -0.08 -18.41
N SER E 167 -2.42 -0.43 -19.03
CA SER E 167 -2.41 -0.71 -20.45
C SER E 167 -2.79 -2.14 -20.73
N GLY E 168 -3.69 -2.32 -21.71
CA GLY E 168 -4.11 -3.65 -22.11
C GLY E 168 -5.08 -4.27 -21.13
N VAL E 169 -5.76 -3.44 -20.33
CA VAL E 169 -6.65 -3.96 -19.31
C VAL E 169 -8.11 -3.85 -19.74
N HIS E 170 -8.79 -4.98 -19.70
CA HIS E 170 -10.17 -5.07 -20.14
C HIS E 170 -11.10 -5.55 -19.05
N THR E 171 -12.01 -4.67 -18.63
CA THR E 171 -12.95 -5.05 -17.58
C THR E 171 -14.30 -5.27 -18.19
N PHE E 172 -14.86 -6.43 -17.91
CA PHE E 172 -16.14 -6.84 -18.41
C PHE E 172 -17.22 -6.60 -17.39
N PRO E 173 -18.21 -5.73 -17.68
CA PRO E 173 -19.29 -5.33 -16.79
C PRO E 173 -19.99 -6.56 -16.25
N ALA E 174 -20.45 -6.44 -15.01
CA ALA E 174 -21.05 -7.54 -14.29
C ALA E 174 -22.33 -8.05 -14.91
N VAL E 175 -22.49 -9.36 -14.81
CA VAL E 175 -23.65 -10.09 -15.30
C VAL E 175 -24.30 -10.94 -14.23
N LEU E 176 -25.63 -10.83 -14.09
CA LEU E 176 -26.33 -11.67 -13.14
C LEU E 176 -26.44 -13.10 -13.61
N GLN E 177 -26.22 -13.99 -12.67
CA GLN E 177 -26.37 -15.41 -12.87
C GLN E 177 -27.75 -15.82 -12.39
N SER E 178 -28.10 -17.09 -12.57
CA SER E 178 -29.41 -17.61 -12.15
C SER E 178 -29.58 -17.61 -10.63
N SER E 179 -28.46 -17.50 -9.93
CA SER E 179 -28.40 -17.47 -8.47
C SER E 179 -28.85 -16.13 -7.91
N GLY E 180 -28.92 -15.11 -8.76
CA GLY E 180 -29.27 -13.77 -8.33
C GLY E 180 -28.03 -12.95 -8.02
N LEU E 181 -26.88 -13.60 -8.07
CA LEU E 181 -25.60 -12.97 -7.81
C LEU E 181 -24.91 -12.63 -9.10
N TYR E 182 -23.96 -11.71 -9.02
CA TYR E 182 -23.20 -11.25 -10.15
C TYR E 182 -21.82 -11.84 -10.29
N SER E 183 -21.35 -11.89 -11.54
CA SER E 183 -19.96 -12.21 -11.83
C SER E 183 -19.40 -11.13 -12.74
N LEU E 184 -18.11 -10.86 -12.58
CA LEU E 184 -17.34 -9.86 -13.31
C LEU E 184 -16.00 -10.40 -13.75
N SER E 185 -15.52 -9.99 -14.89
CA SER E 185 -14.21 -10.50 -15.30
C SER E 185 -13.25 -9.42 -15.71
N SER E 186 -12.00 -9.59 -15.30
CA SER E 186 -10.97 -8.63 -15.67
C SER E 186 -9.72 -9.31 -16.13
N VAL E 187 -9.31 -8.98 -17.35
CA VAL E 187 -8.13 -9.58 -17.92
C VAL E 187 -7.18 -8.53 -18.44
N VAL E 188 -5.93 -8.91 -18.54
CA VAL E 188 -4.94 -8.04 -19.09
C VAL E 188 -4.01 -8.77 -20.05
N THR E 189 -3.67 -8.10 -21.14
CA THR E 189 -2.72 -8.66 -22.07
C THR E 189 -1.34 -8.07 -21.79
N VAL E 190 -0.39 -8.95 -21.58
CA VAL E 190 0.98 -8.57 -21.24
C VAL E 190 1.93 -9.34 -22.15
N PRO E 191 3.21 -8.93 -22.30
CA PRO E 191 4.21 -9.67 -23.02
C PRO E 191 4.34 -11.06 -22.41
N SER E 192 4.44 -12.06 -23.26
CA SER E 192 4.57 -13.45 -22.80
C SER E 192 5.91 -13.71 -22.17
N SER E 193 6.87 -12.86 -22.48
CA SER E 193 8.21 -12.96 -21.98
C SER E 193 8.28 -12.54 -20.53
N SER E 194 7.23 -11.89 -20.03
CA SER E 194 7.21 -11.46 -18.64
C SER E 194 6.71 -12.60 -17.76
N LEU E 195 6.19 -13.67 -18.36
CA LEU E 195 5.68 -14.70 -17.49
C LEU E 195 6.84 -15.41 -16.87
N GLY E 196 6.82 -15.54 -15.56
CA GLY E 196 7.90 -16.22 -14.84
C GLY E 196 8.98 -15.24 -14.40
N THR E 197 8.88 -14.00 -14.85
CA THR E 197 9.82 -12.94 -14.51
C THR E 197 9.10 -11.96 -13.63
N GLN E 198 7.88 -11.66 -14.01
CA GLN E 198 7.04 -10.76 -13.27
C GLN E 198 5.77 -11.48 -12.92
N THR E 199 5.14 -11.06 -11.85
CA THR E 199 3.86 -11.61 -11.49
C THR E 199 2.87 -10.49 -11.52
N TYR E 200 1.59 -10.81 -11.60
CA TYR E 200 0.62 -9.74 -11.64
C TYR E 200 -0.37 -9.83 -10.52
N ILE E 201 -0.75 -8.68 -9.99
CA ILE E 201 -1.72 -8.66 -8.92
C ILE E 201 -3.06 -8.10 -9.33
N CYS E 202 -4.09 -8.87 -9.07
CA CYS E 202 -5.42 -8.41 -9.35
C CYS E 202 -6.01 -7.89 -8.08
N ASN E 203 -6.31 -6.62 -8.06
CA ASN E 203 -6.82 -5.97 -6.88
C ASN E 203 -8.33 -5.81 -6.96
N VAL E 204 -9.07 -6.60 -6.19
CA VAL E 204 -10.52 -6.58 -6.25
C VAL E 204 -11.11 -5.91 -5.02
N ASN E 205 -11.83 -4.82 -5.23
CA ASN E 205 -12.39 -4.02 -4.14
C ASN E 205 -13.91 -3.87 -4.18
N HIS E 206 -14.57 -4.37 -3.13
CA HIS E 206 -16.02 -4.28 -3.07
C HIS E 206 -16.40 -3.55 -1.79
N LYS E 207 -16.62 -2.25 -1.93
CA LYS E 207 -16.90 -1.43 -0.76
C LYS E 207 -18.07 -1.93 0.09
N PRO E 208 -19.24 -2.27 -0.48
CA PRO E 208 -20.43 -2.70 0.24
C PRO E 208 -20.25 -3.90 1.14
N SER E 209 -19.23 -4.72 0.92
CA SER E 209 -19.10 -5.89 1.76
C SER E 209 -17.80 -5.85 2.52
N ASN E 210 -17.09 -4.72 2.47
CA ASN E 210 -15.79 -4.60 3.10
C ASN E 210 -14.87 -5.72 2.67
N THR E 211 -14.86 -6.02 1.39
CA THR E 211 -14.03 -7.09 0.91
C THR E 211 -12.94 -6.59 0.00
N LYS E 212 -11.71 -6.94 0.36
CA LYS E 212 -10.54 -6.58 -0.42
C LYS E 212 -9.73 -7.82 -0.70
N VAL E 213 -9.64 -8.20 -1.95
CA VAL E 213 -8.92 -9.41 -2.26
C VAL E 213 -7.82 -9.15 -3.25
N ASP E 214 -6.59 -9.45 -2.86
CA ASP E 214 -5.45 -9.26 -3.73
C ASP E 214 -4.91 -10.59 -4.19
N LYS E 215 -5.10 -10.93 -5.45
CA LYS E 215 -4.62 -12.23 -5.88
C LYS E 215 -3.43 -12.13 -6.79
N LYS E 216 -2.51 -13.05 -6.64
CA LYS E 216 -1.39 -13.11 -7.53
C LYS E 216 -1.68 -14.07 -8.66
N VAL E 217 -1.42 -13.59 -9.86
CA VAL E 217 -1.62 -14.35 -11.05
C VAL E 217 -0.25 -14.74 -11.61
N GLU E 218 -0.06 -16.04 -11.76
CA GLU E 218 1.19 -16.65 -12.20
C GLU E 218 0.92 -17.65 -13.32
N PRO E 219 1.92 -17.96 -14.17
CA PRO E 219 1.83 -18.93 -15.25
C PRO E 219 1.85 -20.33 -14.69
N LYS E 220 0.77 -20.67 -14.03
CA LYS E 220 0.66 -21.93 -13.32
C LYS E 220 0.37 -23.06 -14.27
N SER E 221 1.38 -23.42 -15.07
CA SER E 221 1.19 -24.49 -16.08
C SER E 221 1.72 -25.82 -15.53
N GLU E 222 2.70 -26.42 -16.20
CA GLU E 222 3.27 -27.71 -15.74
C GLU E 222 3.95 -27.48 -14.39
N PHE E 223 3.82 -28.44 -13.46
CA PHE E 223 4.45 -28.32 -12.12
C PHE E 223 5.86 -27.74 -12.28
N VAL F 3 -41.65 11.89 -24.93
CA VAL F 3 -42.59 11.10 -25.71
C VAL F 3 -42.09 10.83 -27.15
N LEU F 4 -41.12 11.65 -27.66
CA LEU F 4 -40.59 11.54 -29.02
C LEU F 4 -39.59 10.39 -29.04
N THR F 5 -39.49 9.71 -30.19
CA THR F 5 -38.63 8.52 -30.29
C THR F 5 -37.51 8.76 -31.26
N GLN F 6 -36.38 8.10 -31.07
CA GLN F 6 -35.26 8.39 -31.94
C GLN F 6 -34.89 7.26 -32.88
N SER F 7 -33.90 7.53 -33.72
CA SER F 7 -33.39 6.53 -34.67
C SER F 7 -32.06 6.96 -35.32
N PRO F 8 -31.29 5.98 -35.85
CA PRO F 8 -31.37 4.53 -35.81
C PRO F 8 -30.94 4.08 -34.44
N ALA F 9 -31.28 2.88 -33.99
CA ALA F 9 -30.77 2.52 -32.68
C ALA F 9 -29.23 2.57 -32.64
N THR F 10 -28.59 2.12 -33.72
CA THR F 10 -27.14 2.19 -33.79
C THR F 10 -26.69 2.85 -35.08
N LEU F 11 -25.84 3.85 -34.94
CA LEU F 11 -25.24 4.56 -36.05
C LEU F 11 -23.75 4.27 -36.06
N SER F 12 -23.21 3.75 -37.18
CA SER F 12 -21.79 3.39 -37.23
C SER F 12 -21.06 4.24 -38.25
N LEU F 13 -20.20 5.11 -37.73
CA LEU F 13 -19.48 6.11 -38.53
C LEU F 13 -18.01 6.17 -38.26
N SER F 14 -17.23 6.46 -39.30
CA SER F 14 -15.81 6.60 -39.14
C SER F 14 -15.54 7.96 -38.49
N PRO F 15 -14.43 8.15 -37.79
CA PRO F 15 -14.03 9.45 -37.32
C PRO F 15 -13.91 10.31 -38.55
N GLY F 16 -14.29 11.57 -38.45
CA GLY F 16 -14.21 12.48 -39.58
C GLY F 16 -15.50 12.53 -40.40
N GLU F 17 -16.43 11.60 -40.16
CA GLU F 17 -17.68 11.59 -40.90
C GLU F 17 -18.74 12.38 -40.18
N ARG F 18 -19.74 12.82 -40.94
CA ARG F 18 -20.85 13.58 -40.39
C ARG F 18 -21.93 12.65 -39.86
N ALA F 19 -22.35 12.90 -38.62
CA ALA F 19 -23.35 12.06 -37.99
C ALA F 19 -24.69 12.72 -37.88
N THR F 20 -25.71 12.02 -38.34
CA THR F 20 -27.04 12.56 -38.18
C THR F 20 -27.83 11.62 -37.32
N LEU F 21 -28.48 12.17 -36.31
CA LEU F 21 -29.29 11.42 -35.37
C LEU F 21 -30.71 11.96 -35.46
N SER F 22 -31.72 11.08 -35.42
CA SER F 22 -33.09 11.57 -35.54
C SER F 22 -33.93 11.44 -34.28
N CYS F 23 -34.94 12.33 -34.19
CA CYS F 23 -35.96 12.36 -33.15
C CYS F 23 -37.34 12.56 -33.78
N ARG F 24 -38.03 11.45 -33.95
CA ARG F 24 -39.31 11.35 -34.65
C ARG F 24 -40.55 11.74 -33.85
N ALA F 25 -41.48 12.38 -34.56
CA ALA F 25 -42.76 12.76 -34.01
C ALA F 25 -43.53 11.54 -33.55
N SER F 26 -44.21 11.65 -32.42
CA SER F 26 -45.03 10.58 -31.89
C SER F 26 -46.27 11.22 -31.37
N GLN F 27 -46.07 12.44 -30.89
CA GLN F 27 -47.12 13.24 -30.28
C GLN F 27 -47.01 14.67 -30.77
N SER F 28 -48.13 15.37 -30.76
CA SER F 28 -48.18 16.77 -31.18
C SER F 28 -47.66 17.72 -30.11
N VAL F 29 -46.38 17.59 -29.81
CA VAL F 29 -45.73 18.42 -28.81
C VAL F 29 -44.74 19.33 -29.52
N SER F 30 -45.07 20.62 -29.62
CA SER F 30 -44.25 21.54 -30.41
C SER F 30 -43.42 22.51 -29.60
N ARG F 31 -42.10 22.31 -29.65
CA ARG F 31 -41.12 23.13 -28.94
C ARG F 31 -39.72 22.72 -29.40
N SER F 32 -38.72 23.57 -29.15
CA SER F 32 -37.35 23.17 -29.46
C SER F 32 -36.83 22.25 -28.36
N LEU F 33 -36.53 21.00 -28.71
CA LEU F 33 -36.09 20.00 -27.76
C LEU F 33 -34.60 20.03 -27.62
N ALA F 34 -34.08 19.54 -26.52
CA ALA F 34 -32.64 19.53 -26.36
C ALA F 34 -32.05 18.15 -26.49
N TRP F 35 -30.81 18.10 -26.95
CA TRP F 35 -30.06 16.87 -27.00
C TRP F 35 -28.96 16.83 -25.92
N TYR F 36 -28.77 15.62 -25.39
CA TYR F 36 -27.79 15.24 -24.36
C TYR F 36 -26.86 14.12 -24.81
N GLN F 37 -25.66 14.09 -24.24
CA GLN F 37 -24.67 13.06 -24.50
C GLN F 37 -24.21 12.28 -23.28
N GLN F 38 -24.26 10.96 -23.35
CA GLN F 38 -23.80 10.15 -22.24
C GLN F 38 -22.66 9.21 -22.58
N LYS F 39 -21.54 9.42 -21.94
CA LYS F 39 -20.39 8.57 -22.15
C LYS F 39 -20.58 7.40 -21.19
N PRO F 40 -20.11 6.20 -21.49
CA PRO F 40 -20.24 5.08 -20.58
C PRO F 40 -19.62 5.39 -19.24
N GLY F 41 -20.33 5.07 -18.18
CA GLY F 41 -19.84 5.28 -16.83
C GLY F 41 -19.99 6.71 -16.32
N GLN F 42 -20.60 7.59 -17.12
CA GLN F 42 -20.71 8.97 -16.71
C GLN F 42 -22.14 9.49 -16.78
N ALA F 43 -22.41 10.51 -15.97
CA ALA F 43 -23.68 11.19 -16.04
C ALA F 43 -23.70 11.90 -17.38
N PRO F 44 -24.86 12.09 -18.01
CA PRO F 44 -25.00 12.77 -19.28
C PRO F 44 -24.71 14.24 -19.17
N ARG F 45 -24.35 14.85 -20.30
CA ARG F 45 -24.15 16.29 -20.36
C ARG F 45 -25.03 16.89 -21.43
N LEU F 46 -25.39 18.15 -21.25
CA LEU F 46 -26.17 18.84 -22.26
C LEU F 46 -25.32 19.18 -23.46
N LEU F 47 -25.82 18.94 -24.66
CA LEU F 47 -25.08 19.36 -25.83
C LEU F 47 -25.55 20.68 -26.33
N ILE F 48 -26.87 20.80 -26.37
CA ILE F 48 -27.47 22.02 -26.89
C ILE F 48 -28.58 22.55 -25.99
N TYR F 49 -28.75 23.88 -25.90
CA TYR F 49 -29.87 24.42 -25.13
C TYR F 49 -31.11 24.54 -25.99
N GLY F 50 -31.59 23.39 -26.40
CA GLY F 50 -32.71 23.28 -27.32
C GLY F 50 -32.16 23.14 -28.74
N SER F 51 -32.91 22.55 -29.66
CA SER F 51 -32.45 22.36 -31.03
C SER F 51 -32.64 23.59 -31.89
N SER F 52 -31.95 24.64 -31.46
CA SER F 52 -31.94 25.95 -32.04
C SER F 52 -30.79 26.74 -31.44
N ASN F 53 -30.08 26.10 -30.50
CA ASN F 53 -28.97 26.75 -29.78
C ASN F 53 -27.89 25.72 -29.40
N ARG F 54 -26.82 26.17 -28.73
CA ARG F 54 -25.74 25.25 -28.30
C ARG F 54 -25.39 25.44 -26.81
N ALA F 55 -24.91 24.37 -26.14
CA ALA F 55 -24.46 24.49 -24.77
C ALA F 55 -23.20 25.32 -24.70
N THR F 56 -23.04 26.10 -23.66
CA THR F 56 -21.82 26.88 -23.53
C THR F 56 -20.64 25.93 -23.41
N GLY F 57 -19.60 26.16 -24.20
CA GLY F 57 -18.38 25.37 -24.15
C GLY F 57 -18.32 24.19 -25.12
N ILE F 58 -19.44 23.86 -25.76
CA ILE F 58 -19.40 22.74 -26.70
C ILE F 58 -18.80 23.26 -28.00
N PRO F 59 -17.92 22.52 -28.68
CA PRO F 59 -17.40 22.89 -29.97
C PRO F 59 -18.56 23.01 -30.93
N ALA F 60 -18.46 23.95 -31.87
CA ALA F 60 -19.54 24.15 -32.83
C ALA F 60 -19.43 23.15 -33.97
N ARG F 61 -19.58 21.90 -33.58
CA ARG F 61 -19.56 20.75 -34.44
C ARG F 61 -20.91 20.17 -34.21
N PHE F 62 -21.43 20.48 -33.02
CA PHE F 62 -22.74 19.97 -32.61
C PHE F 62 -23.81 21.00 -32.76
N SER F 63 -24.82 20.70 -33.55
CA SER F 63 -25.92 21.63 -33.75
C SER F 63 -27.25 20.91 -33.94
N GLY F 64 -28.27 21.31 -33.18
CA GLY F 64 -29.57 20.69 -33.31
C GLY F 64 -30.38 21.47 -34.31
N SER F 65 -31.31 20.79 -34.98
CA SER F 65 -32.17 21.46 -35.94
C SER F 65 -33.50 20.74 -36.13
N GLY F 66 -34.54 21.52 -36.40
CA GLY F 66 -35.85 20.93 -36.66
C GLY F 66 -36.95 21.84 -36.17
N SER F 67 -38.16 21.31 -36.18
CA SER F 67 -39.30 22.11 -35.76
C SER F 67 -40.44 21.25 -35.31
N GLY F 68 -41.38 21.86 -34.60
CA GLY F 68 -42.56 21.10 -34.25
C GLY F 68 -42.19 19.90 -33.41
N THR F 69 -42.53 18.75 -33.96
CA THR F 69 -42.34 17.42 -33.41
C THR F 69 -41.24 16.57 -34.06
N ASP F 70 -40.53 17.10 -35.06
CA ASP F 70 -39.50 16.33 -35.78
C ASP F 70 -38.14 17.05 -35.82
N PHE F 71 -37.16 16.45 -35.16
CA PHE F 71 -35.82 17.03 -35.02
C PHE F 71 -34.68 16.08 -35.30
N THR F 72 -33.54 16.66 -35.66
CA THR F 72 -32.31 15.91 -35.78
C THR F 72 -31.16 16.61 -35.08
N LEU F 73 -30.11 15.85 -34.80
CA LEU F 73 -28.86 16.37 -34.28
C LEU F 73 -27.79 16.06 -35.27
N THR F 74 -27.01 17.07 -35.62
CA THR F 74 -25.94 16.80 -36.55
C THR F 74 -24.61 17.12 -35.94
N ILE F 75 -23.69 16.17 -36.11
CA ILE F 75 -22.33 16.38 -35.67
C ILE F 75 -21.58 16.53 -36.97
N SER F 76 -21.04 17.72 -37.23
CA SER F 76 -20.47 17.99 -38.55
C SER F 76 -19.30 17.08 -38.91
N SER F 77 -18.56 16.66 -37.91
CA SER F 77 -17.43 15.76 -38.08
C SER F 77 -17.17 15.08 -36.76
N LEU F 78 -17.17 13.75 -36.76
CA LEU F 78 -16.92 12.98 -35.54
C LEU F 78 -15.48 12.91 -35.09
N GLU F 79 -15.32 13.02 -33.79
CA GLU F 79 -14.06 12.87 -33.08
C GLU F 79 -14.29 11.75 -32.06
N PRO F 80 -13.26 11.07 -31.53
CA PRO F 80 -13.39 10.01 -30.53
C PRO F 80 -14.27 10.40 -29.33
N GLU F 81 -14.29 11.68 -28.98
CA GLU F 81 -15.07 12.18 -27.85
C GLU F 81 -16.57 12.20 -28.09
N ASP F 82 -16.97 12.00 -29.35
CA ASP F 82 -18.36 12.06 -29.72
C ASP F 82 -18.98 10.68 -29.74
N PHE F 83 -18.21 9.64 -29.46
CA PHE F 83 -18.84 8.33 -29.57
C PHE F 83 -19.47 7.97 -28.24
N ALA F 84 -20.75 8.28 -28.19
CA ALA F 84 -21.59 8.25 -27.01
C ALA F 84 -23.06 7.97 -27.32
N VAL F 85 -23.84 7.79 -26.25
CA VAL F 85 -25.27 7.62 -26.40
C VAL F 85 -25.92 8.98 -26.36
N TYR F 86 -26.77 9.26 -27.32
CA TYR F 86 -27.41 10.54 -27.37
C TYR F 86 -28.87 10.45 -27.02
N TYR F 87 -29.36 11.45 -26.30
CA TYR F 87 -30.74 11.50 -25.87
C TYR F 87 -31.43 12.80 -26.20
N CYS F 88 -32.75 12.73 -26.30
CA CYS F 88 -33.57 13.92 -26.51
C CYS F 88 -34.45 14.20 -25.31
N GLN F 89 -34.68 15.47 -25.02
CA GLN F 89 -35.57 15.86 -23.93
C GLN F 89 -36.58 16.95 -24.28
N GLN F 90 -37.85 16.73 -23.90
CA GLN F 90 -38.87 17.73 -24.14
C GLN F 90 -39.49 18.22 -22.81
N ARG F 91 -40.41 19.18 -22.92
CA ARG F 91 -41.18 19.66 -21.77
C ARG F 91 -42.63 19.48 -22.11
N ILE F 92 -43.27 18.58 -21.41
CA ILE F 92 -44.63 18.23 -21.74
C ILE F 92 -45.52 18.56 -20.57
N HIS F 93 -46.36 19.57 -20.74
CA HIS F 93 -47.13 20.10 -19.64
C HIS F 93 -46.09 20.57 -18.63
N THR F 94 -45.98 19.91 -17.48
CA THR F 94 -44.99 20.32 -16.50
C THR F 94 -43.84 19.32 -16.35
N SER F 95 -43.93 18.18 -17.02
CA SER F 95 -42.93 17.13 -16.83
C SER F 95 -41.75 17.22 -17.77
N TRP F 96 -40.63 16.76 -17.26
CA TRP F 96 -39.42 16.67 -18.05
C TRP F 96 -39.39 15.27 -18.65
N THR F 97 -39.28 15.18 -19.98
CA THR F 97 -39.34 13.86 -20.65
C THR F 97 -38.03 13.57 -21.41
N PHE F 98 -37.53 12.34 -21.34
CA PHE F 98 -36.25 11.98 -22.02
C PHE F 98 -36.48 10.91 -23.09
N GLY F 99 -35.99 11.14 -24.31
CA GLY F 99 -36.08 10.14 -25.40
C GLY F 99 -35.18 8.94 -25.13
N GLN F 100 -35.61 7.75 -25.55
CA GLN F 100 -34.80 6.51 -25.38
C GLN F 100 -33.34 6.78 -25.75
N GLY F 101 -33.10 7.41 -26.91
CA GLY F 101 -31.76 7.69 -27.34
C GLY F 101 -31.26 6.74 -28.40
N THR F 102 -30.10 7.09 -28.96
CA THR F 102 -29.42 6.29 -29.98
C THR F 102 -27.94 6.25 -29.67
N LYS F 103 -27.22 5.29 -30.21
CA LYS F 103 -25.78 5.32 -29.98
C LYS F 103 -24.96 5.49 -31.24
N VAL F 104 -23.89 6.27 -31.12
CA VAL F 104 -22.98 6.42 -32.24
C VAL F 104 -21.69 5.63 -31.94
N GLU F 105 -21.40 4.64 -32.76
CA GLU F 105 -20.24 3.77 -32.62
C GLU F 105 -19.19 4.08 -33.68
N ILE F 106 -17.95 3.73 -33.38
CA ILE F 106 -16.86 3.94 -34.31
C ILE F 106 -16.80 2.87 -35.38
N LYS F 107 -16.75 3.31 -36.63
CA LYS F 107 -16.58 2.42 -37.77
C LYS F 107 -15.08 2.29 -37.99
N ARG F 108 -14.61 1.07 -38.17
CA ARG F 108 -13.19 0.82 -38.38
C ARG F 108 -12.99 -0.50 -39.13
N THR F 109 -11.75 -0.83 -39.41
CA THR F 109 -11.34 -2.04 -40.09
C THR F 109 -11.81 -3.30 -39.36
N VAL F 110 -12.36 -4.23 -40.12
CA VAL F 110 -12.84 -5.48 -39.57
C VAL F 110 -11.68 -6.39 -39.21
N ALA F 111 -11.70 -6.91 -37.99
CA ALA F 111 -10.63 -7.81 -37.57
C ALA F 111 -11.09 -8.85 -36.57
N ALA F 112 -10.51 -10.04 -36.69
CA ALA F 112 -10.77 -11.16 -35.81
C ALA F 112 -10.19 -10.89 -34.44
N PRO F 113 -10.77 -11.44 -33.37
CA PRO F 113 -10.25 -11.42 -32.03
C PRO F 113 -9.12 -12.37 -31.83
N SER F 114 -8.27 -12.04 -30.89
CA SER F 114 -7.33 -13.02 -30.40
C SER F 114 -8.18 -13.87 -29.49
N VAL F 115 -8.00 -15.19 -29.49
CA VAL F 115 -8.86 -15.99 -28.63
C VAL F 115 -8.07 -16.73 -27.58
N PHE F 116 -8.47 -16.59 -26.32
CA PHE F 116 -7.77 -17.24 -25.23
C PHE F 116 -8.73 -18.06 -24.36
N ILE F 117 -8.28 -19.22 -23.89
CA ILE F 117 -9.13 -20.02 -22.98
C ILE F 117 -8.50 -20.15 -21.62
N PHE F 118 -9.30 -19.86 -20.61
CA PHE F 118 -8.88 -19.94 -19.23
C PHE F 118 -9.58 -21.02 -18.41
N PRO F 119 -8.92 -22.14 -18.10
CA PRO F 119 -9.47 -23.23 -17.33
C PRO F 119 -9.79 -22.69 -15.93
N PRO F 120 -10.73 -23.29 -15.16
CA PRO F 120 -11.09 -22.96 -13.79
C PRO F 120 -9.88 -23.10 -12.88
N SER F 121 -9.80 -22.28 -11.82
CA SER F 121 -8.68 -22.39 -10.89
C SER F 121 -8.90 -23.53 -9.91
N ASP F 122 -7.87 -23.94 -9.20
CA ASP F 122 -8.05 -25.03 -8.24
C ASP F 122 -8.92 -24.59 -7.08
N GLU F 123 -8.79 -23.32 -6.70
CA GLU F 123 -9.65 -22.76 -5.61
C GLU F 123 -11.08 -22.66 -6.12
N GLN F 124 -11.26 -22.25 -7.39
CA GLN F 124 -12.62 -22.19 -7.97
C GLN F 124 -13.19 -23.62 -8.00
N LEU F 125 -12.35 -24.58 -8.38
CA LEU F 125 -12.77 -26.01 -8.34
C LEU F 125 -13.05 -26.38 -6.89
N LYS F 126 -12.20 -25.90 -5.97
CA LYS F 126 -12.33 -26.25 -4.52
C LYS F 126 -13.68 -25.74 -4.02
N SER F 127 -14.09 -24.54 -4.47
CA SER F 127 -15.36 -23.95 -4.00
C SER F 127 -16.50 -24.88 -4.44
N GLY F 128 -16.42 -25.43 -5.65
CA GLY F 128 -17.45 -26.37 -6.13
C GLY F 128 -18.04 -25.90 -7.45
N THR F 129 -17.53 -24.78 -7.97
CA THR F 129 -18.01 -24.25 -9.25
C THR F 129 -16.91 -24.22 -10.26
N ALA F 130 -17.19 -24.62 -11.48
CA ALA F 130 -16.19 -24.56 -12.52
C ALA F 130 -16.57 -23.55 -13.58
N SER F 131 -15.92 -22.42 -13.59
CA SER F 131 -16.28 -21.43 -14.60
C SER F 131 -15.15 -21.37 -15.61
N VAL F 132 -15.46 -21.72 -16.85
CA VAL F 132 -14.45 -21.77 -17.89
C VAL F 132 -14.60 -20.47 -18.67
N VAL F 133 -13.53 -19.73 -18.88
CA VAL F 133 -13.70 -18.44 -19.56
C VAL F 133 -13.02 -18.33 -20.92
N CYS F 134 -13.80 -17.90 -21.92
CA CYS F 134 -13.29 -17.65 -23.26
C CYS F 134 -13.21 -16.16 -23.51
N LEU F 135 -12.02 -15.72 -23.81
CA LEU F 135 -11.79 -14.33 -24.06
C LEU F 135 -11.55 -14.00 -25.50
N LEU F 136 -12.30 -13.03 -26.00
CA LEU F 136 -12.09 -12.52 -27.34
C LEU F 136 -11.45 -11.17 -27.16
N ASN F 137 -10.25 -11.00 -27.66
CA ASN F 137 -9.58 -9.74 -27.44
C ASN F 137 -9.34 -8.91 -28.69
N ASN F 138 -9.60 -7.61 -28.56
CA ASN F 138 -9.35 -6.62 -29.60
C ASN F 138 -10.01 -6.87 -30.97
N PHE F 139 -11.33 -7.07 -31.02
CA PHE F 139 -12.00 -7.35 -32.30
C PHE F 139 -13.02 -6.32 -32.74
N TYR F 140 -13.32 -6.33 -34.03
CA TYR F 140 -14.31 -5.40 -34.55
C TYR F 140 -14.98 -5.91 -35.81
N PRO F 141 -16.30 -5.77 -35.99
CA PRO F 141 -17.40 -5.21 -35.19
C PRO F 141 -17.90 -6.11 -34.09
N ARG F 142 -18.84 -5.60 -33.30
CA ARG F 142 -19.44 -6.38 -32.22
C ARG F 142 -20.50 -7.35 -32.72
N GLU F 143 -20.07 -8.30 -33.51
CA GLU F 143 -20.92 -9.33 -34.07
C GLU F 143 -20.43 -10.72 -33.74
N ALA F 144 -19.51 -10.82 -32.79
CA ALA F 144 -18.95 -12.12 -32.49
C ALA F 144 -19.99 -13.05 -31.93
N LYS F 145 -19.92 -14.30 -32.37
CA LYS F 145 -20.77 -15.34 -31.86
C LYS F 145 -19.88 -16.40 -31.25
N VAL F 146 -20.07 -16.63 -29.96
CA VAL F 146 -19.20 -17.55 -29.28
C VAL F 146 -19.92 -18.75 -28.73
N GLN F 147 -19.47 -19.92 -29.13
CA GLN F 147 -20.12 -21.14 -28.69
C GLN F 147 -19.21 -22.05 -27.90
N TRP F 148 -19.75 -22.60 -26.84
CA TRP F 148 -19.01 -23.54 -26.02
C TRP F 148 -19.30 -24.97 -26.38
N LYS F 149 -18.27 -25.78 -26.34
CA LYS F 149 -18.41 -27.20 -26.55
C LYS F 149 -17.71 -27.99 -25.46
N VAL F 150 -18.33 -29.08 -25.05
CA VAL F 150 -17.71 -29.96 -24.07
C VAL F 150 -17.71 -31.38 -24.60
N ASP F 151 -16.54 -31.97 -24.79
CA ASP F 151 -16.41 -33.30 -25.38
C ASP F 151 -17.19 -33.36 -26.69
N ASN F 152 -17.07 -32.28 -27.45
CA ASN F 152 -17.68 -32.00 -28.74
C ASN F 152 -19.19 -31.84 -28.73
N ALA F 153 -19.81 -31.77 -27.56
CA ALA F 153 -21.24 -31.50 -27.49
C ALA F 153 -21.43 -30.01 -27.41
N LEU F 154 -22.40 -29.48 -28.13
CA LEU F 154 -22.65 -28.05 -28.06
C LEU F 154 -23.41 -27.72 -26.78
N GLN F 155 -22.93 -26.71 -26.07
CA GLN F 155 -23.57 -26.27 -24.84
C GLN F 155 -24.55 -25.15 -25.07
N SER F 156 -25.59 -25.12 -24.26
CA SER F 156 -26.51 -24.01 -24.27
C SER F 156 -27.19 -23.87 -22.92
N GLY F 157 -27.59 -22.64 -22.58
CA GLY F 157 -28.37 -22.37 -21.37
C GLY F 157 -27.52 -22.29 -20.10
N ASN F 158 -26.22 -22.49 -20.24
CA ASN F 158 -25.30 -22.50 -19.13
C ASN F 158 -24.15 -21.54 -19.32
N SER F 159 -24.41 -20.44 -20.01
CA SER F 159 -23.36 -19.48 -20.21
C SER F 159 -23.85 -18.07 -20.10
N GLN F 160 -22.90 -17.21 -19.79
CA GLN F 160 -23.12 -15.80 -19.63
C GLN F 160 -22.20 -15.03 -20.54
N GLU F 161 -22.59 -13.82 -20.93
CA GLU F 161 -21.74 -13.00 -21.79
C GLU F 161 -21.70 -11.55 -21.41
N SER F 162 -20.51 -10.98 -21.47
CA SER F 162 -20.29 -9.56 -21.22
C SER F 162 -19.34 -9.00 -22.24
N VAL F 163 -19.71 -7.88 -22.82
CA VAL F 163 -18.92 -7.25 -23.85
C VAL F 163 -18.58 -5.84 -23.44
N THR F 164 -17.35 -5.44 -23.70
CA THR F 164 -16.90 -4.14 -23.31
C THR F 164 -17.35 -3.13 -24.32
N GLU F 165 -17.17 -1.88 -23.96
CA GLU F 165 -17.46 -0.81 -24.86
C GLU F 165 -16.26 -0.71 -25.78
N GLN F 166 -16.30 0.21 -26.73
CA GLN F 166 -15.16 0.36 -27.60
C GLN F 166 -14.08 1.06 -26.82
N ASP F 167 -12.83 0.66 -27.01
CA ASP F 167 -11.76 1.35 -26.32
C ASP F 167 -11.48 2.72 -26.96
N SER F 168 -10.71 3.56 -26.27
CA SER F 168 -10.38 4.91 -26.74
C SER F 168 -9.22 5.04 -27.75
N LYS F 169 -8.49 3.97 -28.05
CA LYS F 169 -7.33 4.09 -28.94
C LYS F 169 -7.41 3.24 -30.23
N ASP F 170 -7.83 1.98 -30.10
CA ASP F 170 -7.93 1.04 -31.21
C ASP F 170 -9.36 1.03 -31.72
N SER F 171 -10.25 1.36 -30.79
CA SER F 171 -11.70 1.36 -30.95
C SER F 171 -12.28 -0.01 -31.27
N THR F 172 -11.81 -1.01 -30.55
CA THR F 172 -12.25 -2.38 -30.71
C THR F 172 -13.01 -2.84 -29.48
N TYR F 173 -13.56 -4.03 -29.56
CA TYR F 173 -14.33 -4.60 -28.47
C TYR F 173 -13.65 -5.83 -27.90
N SER F 174 -13.89 -6.09 -26.62
CA SER F 174 -13.45 -7.36 -26.08
C SER F 174 -14.71 -8.08 -25.60
N LEU F 175 -14.67 -9.40 -25.56
CA LEU F 175 -15.81 -10.20 -25.12
C LEU F 175 -15.41 -11.29 -24.16
N SER F 176 -16.18 -11.45 -23.11
CA SER F 176 -15.95 -12.51 -22.17
C SER F 176 -17.14 -13.41 -22.09
N SER F 177 -16.90 -14.65 -22.48
CA SER F 177 -17.94 -15.67 -22.49
C SER F 177 -17.62 -16.68 -21.41
N THR F 178 -18.55 -16.84 -20.48
CA THR F 178 -18.29 -17.74 -19.37
C THR F 178 -19.21 -18.93 -19.41
N LEU F 179 -18.61 -20.11 -19.35
CA LEU F 179 -19.38 -21.33 -19.30
C LEU F 179 -19.42 -21.78 -17.86
N THR F 180 -20.62 -21.87 -17.28
CA THR F 180 -20.66 -22.25 -15.87
C THR F 180 -21.11 -23.69 -15.73
N LEU F 181 -20.22 -24.49 -15.17
CA LEU F 181 -20.43 -25.90 -14.93
C LEU F 181 -20.33 -26.12 -13.43
N SER F 182 -21.01 -27.12 -12.87
CA SER F 182 -20.75 -27.34 -11.46
C SER F 182 -19.41 -28.05 -11.41
N LYS F 183 -18.78 -28.12 -10.24
CA LYS F 183 -17.51 -28.85 -10.15
C LYS F 183 -17.66 -30.24 -10.76
N ALA F 184 -18.79 -30.88 -10.45
CA ALA F 184 -19.11 -32.21 -10.91
C ALA F 184 -19.20 -32.31 -12.42
N ASP F 185 -19.64 -31.26 -13.11
CA ASP F 185 -19.83 -31.37 -14.54
C ASP F 185 -18.50 -31.20 -15.21
N TYR F 186 -17.67 -30.37 -14.59
CA TYR F 186 -16.34 -30.15 -15.08
C TYR F 186 -15.58 -31.49 -15.00
N GLU F 187 -15.73 -32.18 -13.85
CA GLU F 187 -15.12 -33.48 -13.65
C GLU F 187 -15.68 -34.57 -14.59
N LYS F 188 -16.99 -34.58 -14.86
CA LYS F 188 -17.51 -35.60 -15.78
C LYS F 188 -16.89 -35.49 -17.16
N HIS F 189 -16.71 -34.28 -17.66
CA HIS F 189 -16.17 -34.09 -18.98
C HIS F 189 -14.68 -33.75 -19.04
N LYS F 190 -14.02 -34.13 -20.12
CA LYS F 190 -12.57 -33.89 -20.20
C LYS F 190 -12.10 -32.76 -21.11
N VAL F 191 -12.72 -32.61 -22.28
CA VAL F 191 -12.25 -31.64 -23.25
C VAL F 191 -13.14 -30.41 -23.33
N TYR F 192 -12.55 -29.28 -23.07
CA TYR F 192 -13.31 -28.05 -23.06
C TYR F 192 -12.85 -27.18 -24.20
N ALA F 193 -13.80 -26.66 -24.95
CA ALA F 193 -13.41 -25.87 -26.10
C ALA F 193 -14.39 -24.78 -26.42
N CYS F 194 -13.90 -23.77 -27.12
CA CYS F 194 -14.81 -22.73 -27.52
C CYS F 194 -14.52 -22.26 -28.93
N GLU F 195 -15.60 -22.20 -29.71
CA GLU F 195 -15.62 -21.86 -31.12
C GLU F 195 -16.07 -20.42 -31.35
N VAL F 196 -15.26 -19.65 -32.08
CA VAL F 196 -15.60 -18.25 -32.31
C VAL F 196 -15.84 -17.90 -33.78
N THR F 197 -17.04 -17.36 -34.04
CA THR F 197 -17.38 -16.93 -35.42
C THR F 197 -17.48 -15.40 -35.45
N HIS F 198 -16.48 -14.74 -36.05
CA HIS F 198 -16.47 -13.26 -36.14
C HIS F 198 -16.12 -12.88 -37.58
N GLN F 199 -16.50 -11.68 -38.02
CA GLN F 199 -16.26 -11.32 -39.45
C GLN F 199 -14.76 -11.34 -39.73
N GLY F 200 -13.94 -10.83 -38.81
CA GLY F 200 -12.50 -10.76 -39.10
C GLY F 200 -11.90 -12.13 -39.30
N LEU F 201 -12.27 -13.12 -38.48
CA LEU F 201 -11.80 -14.52 -38.71
C LEU F 201 -12.51 -15.08 -39.94
N SER F 202 -11.83 -15.96 -40.69
CA SER F 202 -12.46 -16.61 -41.87
C SER F 202 -13.24 -17.83 -41.41
N SER F 203 -12.55 -18.88 -40.96
CA SER F 203 -13.20 -20.09 -40.53
C SER F 203 -13.25 -19.97 -39.04
N PRO F 204 -14.22 -20.58 -38.34
CA PRO F 204 -14.36 -20.48 -36.91
C PRO F 204 -13.09 -20.86 -36.20
N VAL F 205 -12.75 -20.08 -35.20
CA VAL F 205 -11.55 -20.30 -34.41
C VAL F 205 -11.84 -21.11 -33.20
N THR F 206 -11.16 -22.23 -33.04
CA THR F 206 -11.43 -23.04 -31.86
C THR F 206 -10.20 -23.18 -31.01
N LYS F 207 -10.36 -22.86 -29.74
CA LYS F 207 -9.30 -22.99 -28.76
C LYS F 207 -9.78 -23.96 -27.71
N SER F 208 -8.86 -24.68 -27.08
CA SER F 208 -9.28 -25.69 -26.10
C SER F 208 -8.22 -26.10 -25.09
N PHE F 209 -8.68 -26.82 -24.07
CA PHE F 209 -7.78 -27.31 -23.00
C PHE F 209 -8.42 -28.56 -22.38
N ASN F 210 -7.70 -29.27 -21.52
CA ASN F 210 -8.29 -30.45 -20.83
C ASN F 210 -8.40 -30.15 -19.33
N GLN G 4 31.56 19.13 -6.36
CA GLN G 4 30.57 19.99 -5.72
C GLN G 4 29.39 19.17 -5.16
N LEU G 5 28.62 18.50 -6.03
CA LEU G 5 27.41 17.74 -5.69
C LEU G 5 27.58 16.24 -5.80
N LEU G 6 27.45 15.57 -4.66
CA LEU G 6 27.62 14.13 -4.58
C LEU G 6 26.34 13.50 -4.08
N GLU G 7 25.89 12.45 -4.75
CA GLU G 7 24.60 11.89 -4.38
C GLU G 7 24.43 10.39 -4.40
N SER G 8 23.45 9.96 -3.60
CA SER G 8 23.02 8.58 -3.43
C SER G 8 21.63 8.52 -2.84
N GLY G 9 21.23 7.32 -2.42
CA GLY G 9 19.88 7.17 -1.88
C GLY G 9 18.85 6.73 -2.91
N GLY G 10 19.33 6.17 -4.01
CA GLY G 10 18.44 5.68 -5.06
C GLY G 10 18.36 4.18 -4.90
N GLY G 11 18.34 3.47 -6.01
CA GLY G 11 18.19 2.03 -5.95
C GLY G 11 16.87 1.58 -6.50
N LEU G 12 16.60 0.30 -6.37
CA LEU G 12 15.41 -0.32 -6.90
C LEU G 12 14.29 -0.59 -5.91
N VAL G 13 13.09 -0.12 -6.27
CA VAL G 13 11.89 -0.28 -5.45
C VAL G 13 10.72 -0.84 -6.27
N GLN G 14 9.83 -1.60 -5.63
CA GLN G 14 8.62 -2.09 -6.25
C GLN G 14 7.65 -0.92 -6.50
N PRO G 15 6.81 -0.94 -7.55
CA PRO G 15 5.82 0.07 -7.82
C PRO G 15 4.91 0.21 -6.62
N GLY G 16 4.60 1.44 -6.28
CA GLY G 16 3.77 1.77 -5.16
C GLY G 16 4.61 2.06 -3.92
N GLY G 17 5.90 1.73 -3.99
CA GLY G 17 6.79 1.93 -2.87
C GLY G 17 7.45 3.28 -2.89
N SER G 18 8.53 3.41 -2.13
CA SER G 18 9.21 4.67 -2.03
C SER G 18 10.71 4.56 -1.84
N LEU G 19 11.39 5.64 -2.20
CA LEU G 19 12.82 5.84 -2.06
C LEU G 19 13.13 7.26 -1.59
N ARG G 20 14.13 7.42 -0.73
CA ARG G 20 14.52 8.76 -0.27
C ARG G 20 15.91 9.10 -0.72
N LEU G 21 15.98 9.97 -1.71
CA LEU G 21 17.18 10.36 -2.42
C LEU G 21 17.81 11.60 -1.81
N SER G 22 19.13 11.66 -1.77
CA SER G 22 19.74 12.87 -1.26
C SER G 22 21.09 13.24 -1.87
N CYS G 23 21.41 14.53 -1.78
CA CYS G 23 22.69 15.04 -2.28
C CYS G 23 23.37 16.05 -1.39
N ALA G 24 24.64 15.79 -1.12
CA ALA G 24 25.42 16.66 -0.28
C ALA G 24 26.23 17.64 -1.10
N ALA G 25 26.34 18.86 -0.60
CA ALA G 25 27.16 19.85 -1.28
C ALA G 25 28.45 20.15 -0.53
N SER G 26 29.54 20.29 -1.29
CA SER G 26 30.82 20.70 -0.74
C SER G 26 31.58 21.62 -1.67
N GLY G 27 31.81 22.86 -1.24
CA GLY G 27 32.49 23.87 -2.05
C GLY G 27 31.71 25.16 -2.01
N PHE G 28 30.64 25.22 -2.79
CA PHE G 28 29.74 26.36 -2.71
C PHE G 28 28.85 26.12 -1.52
N THR G 29 28.60 27.16 -0.74
CA THR G 29 27.74 27.00 0.39
C THR G 29 26.34 26.62 -0.06
N PHE G 30 25.83 25.55 0.51
CA PHE G 30 24.52 25.02 0.19
C PHE G 30 23.44 26.04 0.42
N THR G 31 23.57 26.72 1.54
CA THR G 31 22.57 27.61 2.04
C THR G 31 22.60 28.97 1.34
N SER G 32 23.51 29.15 0.38
CA SER G 32 23.60 30.38 -0.39
C SER G 32 22.92 30.25 -1.77
N TYR G 33 22.46 29.03 -2.13
CA TYR G 33 21.87 28.80 -3.46
C TYR G 33 20.54 28.06 -3.48
N ALA G 34 19.76 28.35 -4.52
CA ALA G 34 18.55 27.58 -4.82
C ALA G 34 19.00 26.23 -5.36
N MET G 35 18.22 25.18 -5.11
CA MET G 35 18.62 23.82 -5.51
C MET G 35 17.48 23.02 -6.13
N SER G 36 17.78 22.10 -7.06
CA SER G 36 16.72 21.30 -7.67
C SER G 36 17.08 19.91 -8.16
N TRP G 37 16.04 19.14 -8.49
CA TRP G 37 16.19 17.80 -9.04
C TRP G 37 15.67 17.69 -10.48
N VAL G 38 16.49 17.03 -11.29
CA VAL G 38 16.22 16.75 -12.71
C VAL G 38 16.34 15.27 -12.95
N ARG G 39 15.50 14.67 -13.77
CA ARG G 39 15.64 13.25 -14.02
C ARG G 39 15.73 12.91 -15.49
N GLN G 40 16.35 11.79 -15.79
CA GLN G 40 16.41 11.31 -17.16
C GLN G 40 16.17 9.83 -17.30
N ALA G 41 15.06 9.47 -17.95
CA ALA G 41 14.75 8.07 -18.13
C ALA G 41 15.77 7.51 -19.09
N PRO G 42 16.15 6.24 -19.02
CA PRO G 42 17.09 5.66 -19.95
C PRO G 42 16.57 5.85 -21.36
N GLY G 43 17.43 6.33 -22.25
CA GLY G 43 17.08 6.53 -23.65
C GLY G 43 16.31 7.84 -23.93
N LYS G 44 16.06 8.63 -22.90
CA LYS G 44 15.28 9.86 -23.03
C LYS G 44 16.08 11.11 -22.73
N GLY G 45 15.46 12.26 -22.96
CA GLY G 45 16.05 13.54 -22.67
C GLY G 45 15.79 13.89 -21.22
N LEU G 46 16.06 15.13 -20.86
CA LEU G 46 15.94 15.56 -19.48
C LEU G 46 14.52 15.99 -19.14
N GLU G 47 14.12 15.77 -17.89
CA GLU G 47 12.83 16.22 -17.36
C GLU G 47 13.04 16.86 -15.99
N TRP G 48 12.47 18.03 -15.75
CA TRP G 48 12.61 18.60 -14.42
C TRP G 48 11.63 17.93 -13.49
N VAL G 49 12.03 17.64 -12.27
CA VAL G 49 11.13 17.02 -11.33
C VAL G 49 10.61 17.99 -10.31
N SER G 50 11.53 18.60 -9.59
CA SER G 50 11.13 19.46 -8.50
C SER G 50 12.27 20.33 -8.04
N GLY G 51 11.98 21.33 -7.22
CA GLY G 51 13.07 22.13 -6.65
C GLY G 51 12.67 23.18 -5.62
N ILE G 52 13.68 23.73 -4.96
CA ILE G 52 13.45 24.68 -3.89
C ILE G 52 14.10 26.01 -4.19
N SER G 53 13.32 27.07 -4.08
CA SER G 53 13.81 28.40 -4.31
C SER G 53 14.78 28.80 -3.24
N TYR G 54 15.60 29.78 -3.50
CA TYR G 54 16.47 30.18 -2.42
C TYR G 54 15.61 30.68 -1.26
N GLY G 55 15.89 30.21 -0.05
CA GLY G 55 15.11 30.60 1.11
C GLY G 55 14.37 29.38 1.64
N SER G 56 13.45 29.57 2.56
CA SER G 56 12.75 28.45 3.16
C SER G 56 11.49 28.09 2.36
N GLY G 57 11.14 26.80 2.33
CA GLY G 57 9.92 26.34 1.68
C GLY G 57 9.95 26.71 0.20
N ASP G 58 8.86 27.26 -0.31
CA ASP G 58 8.82 27.66 -1.71
C ASP G 58 9.28 26.51 -2.63
N THR G 59 8.57 25.39 -2.49
CA THR G 59 8.86 24.17 -3.23
C THR G 59 8.00 24.03 -4.46
N TYR G 60 8.63 23.70 -5.58
CA TYR G 60 7.94 23.52 -6.84
C TYR G 60 8.10 22.14 -7.40
N TYR G 61 7.06 21.68 -8.10
CA TYR G 61 7.06 20.36 -8.69
C TYR G 61 6.55 20.40 -10.12
N ALA G 62 7.01 19.46 -10.96
CA ALA G 62 6.49 19.28 -12.30
C ALA G 62 5.13 18.63 -12.16
N ASP G 63 4.22 18.89 -13.10
CA ASP G 63 2.90 18.24 -12.99
C ASP G 63 2.98 16.72 -12.97
N SER G 64 3.94 16.18 -13.71
CA SER G 64 4.13 14.74 -13.86
C SER G 64 4.53 14.01 -12.59
N VAL G 65 4.95 14.77 -11.57
CA VAL G 65 5.37 14.18 -10.31
C VAL G 65 4.51 14.60 -9.12
N LYS G 66 3.46 15.38 -9.36
CA LYS G 66 2.67 15.85 -8.24
C LYS G 66 1.88 14.71 -7.63
N GLY G 67 1.86 14.70 -6.30
CA GLY G 67 1.15 13.69 -5.55
C GLY G 67 2.06 12.50 -5.23
N ARG G 68 3.25 12.49 -5.82
CA ARG G 68 4.21 11.41 -5.61
C ARG G 68 5.53 11.93 -5.03
N PHE G 69 6.00 13.08 -5.51
CA PHE G 69 7.30 13.58 -5.07
C PHE G 69 7.19 14.77 -4.12
N THR G 70 7.99 14.72 -3.04
CA THR G 70 8.10 15.78 -2.03
C THR G 70 9.54 16.21 -1.81
N ILE G 71 9.79 17.50 -1.65
CA ILE G 71 11.18 17.94 -1.42
C ILE G 71 11.40 18.79 -0.21
N SER G 72 12.65 18.77 0.23
CA SER G 72 13.11 19.54 1.36
C SER G 72 14.60 19.75 1.28
N ARG G 73 15.12 20.63 2.10
CA ARG G 73 16.54 20.86 2.15
C ARG G 73 16.97 21.05 3.58
N ASP G 74 18.09 20.46 3.94
CA ASP G 74 18.61 20.59 5.28
C ASP G 74 19.85 21.48 5.26
N ASN G 75 19.66 22.68 5.77
CA ASN G 75 20.68 23.70 5.70
C ASN G 75 21.78 23.52 6.74
N SER G 76 21.61 22.57 7.65
CA SER G 76 22.65 22.30 8.64
C SER G 76 23.51 21.16 8.11
N LYS G 77 22.88 20.28 7.33
CA LYS G 77 23.54 19.13 6.73
C LYS G 77 24.08 19.42 5.33
N ASN G 78 23.72 20.59 4.79
CA ASN G 78 24.11 21.01 3.45
C ASN G 78 23.71 19.95 2.44
N THR G 79 22.52 19.40 2.67
CA THR G 79 22.00 18.31 1.88
C THR G 79 20.59 18.52 1.33
N LEU G 80 20.42 18.21 0.04
CA LEU G 80 19.14 18.32 -0.64
C LEU G 80 18.45 16.97 -0.58
N TYR G 81 17.14 16.96 -0.34
CA TYR G 81 16.39 15.70 -0.31
C TYR G 81 15.21 15.63 -1.27
N LEU G 82 14.95 14.41 -1.76
CA LEU G 82 13.76 14.11 -2.56
C LEU G 82 13.10 12.83 -2.07
N GLN G 83 11.87 12.97 -1.63
CA GLN G 83 11.11 11.86 -1.13
C GLN G 83 10.20 11.39 -2.25
N MET G 84 10.44 10.19 -2.72
CA MET G 84 9.72 9.69 -3.87
C MET G 84 8.75 8.60 -3.45
N ASN G 85 7.45 8.92 -3.42
CA ASN G 85 6.42 8.00 -2.92
C ASN G 85 5.50 7.47 -4.00
N SER G 86 4.85 6.33 -3.74
CA SER G 86 3.84 5.80 -4.65
C SER G 86 4.35 5.80 -6.06
N LEU G 87 5.54 5.27 -6.24
CA LEU G 87 6.20 5.34 -7.54
C LEU G 87 5.73 4.34 -8.56
N ARG G 88 5.86 4.71 -9.83
CA ARG G 88 5.45 3.88 -10.95
C ARG G 88 6.60 3.66 -11.92
N ALA G 89 6.46 2.71 -12.84
CA ALA G 89 7.55 2.40 -13.76
C ALA G 89 8.04 3.62 -14.56
N GLU G 90 7.16 4.59 -14.86
CA GLU G 90 7.57 5.77 -15.61
C GLU G 90 8.51 6.69 -14.83
N ASP G 91 8.70 6.42 -13.54
CA ASP G 91 9.57 7.21 -12.70
C ASP G 91 11.00 6.69 -12.74
N THR G 92 11.26 5.61 -13.49
CA THR G 92 12.64 5.12 -13.58
C THR G 92 13.45 6.14 -14.32
N ALA G 93 14.52 6.58 -13.69
CA ALA G 93 15.36 7.58 -14.27
C ALA G 93 16.63 7.75 -13.49
N VAL G 94 17.61 8.38 -14.08
CA VAL G 94 18.71 8.80 -13.28
C VAL G 94 18.34 10.18 -12.80
N TYR G 95 18.44 10.41 -11.51
CA TYR G 95 18.08 11.69 -10.95
C TYR G 95 19.35 12.46 -10.68
N TYR G 96 19.32 13.75 -10.91
CA TYR G 96 20.47 14.59 -10.69
C TYR G 96 20.16 15.74 -9.80
N CYS G 97 21.09 16.06 -8.95
CA CYS G 97 21.00 17.23 -8.13
C CYS G 97 21.67 18.37 -8.85
N ALA G 98 21.05 19.53 -8.87
CA ALA G 98 21.71 20.65 -9.51
C ALA G 98 21.52 21.96 -8.77
N ARG G 99 22.57 22.78 -8.86
CA ARG G 99 22.65 24.11 -8.27
C ARG G 99 22.24 25.17 -9.27
N SER G 100 21.23 25.93 -8.89
CA SER G 100 20.66 26.98 -9.72
C SER G 100 21.48 28.24 -9.76
N ARG G 101 21.30 28.97 -10.83
CA ARG G 101 21.87 30.28 -11.11
C ARG G 101 20.74 31.28 -11.34
N GLY G 102 20.57 32.15 -10.35
CA GLY G 102 19.46 33.08 -10.38
C GLY G 102 18.21 32.22 -10.39
N SER G 103 17.31 32.55 -11.29
CA SER G 103 16.07 31.83 -11.46
C SER G 103 16.00 31.14 -12.82
N GLN G 104 17.11 31.17 -13.57
CA GLN G 104 17.05 30.65 -14.93
C GLN G 104 17.86 29.44 -15.32
N THR G 105 19.00 29.23 -14.67
CA THR G 105 19.95 28.21 -15.13
C THR G 105 20.47 27.24 -14.08
N PHE G 106 20.89 26.05 -14.51
CA PHE G 106 21.48 25.05 -13.58
C PHE G 106 23.00 25.09 -13.75
N ASP G 107 23.68 25.93 -12.96
CA ASP G 107 25.15 26.11 -13.12
C ASP G 107 25.91 24.82 -12.85
N TYR G 108 25.52 24.04 -11.84
CA TYR G 108 26.33 22.85 -11.47
C TYR G 108 25.47 21.59 -11.35
N TRP G 109 26.06 20.42 -11.60
CA TRP G 109 25.32 19.18 -11.57
C TRP G 109 26.04 18.09 -10.82
N GLY G 110 25.28 17.25 -10.15
CA GLY G 110 25.85 16.11 -9.45
C GLY G 110 26.10 15.00 -10.43
N GLN G 111 26.64 13.92 -9.91
CA GLN G 111 27.00 12.77 -10.72
C GLN G 111 25.82 12.01 -11.31
N GLY G 112 24.73 11.96 -10.57
CA GLY G 112 23.53 11.27 -11.00
C GLY G 112 23.33 9.95 -10.28
N THR G 113 22.13 9.74 -9.76
CA THR G 113 21.78 8.53 -9.04
C THR G 113 20.70 7.75 -9.74
N LEU G 114 20.93 6.47 -9.95
CA LEU G 114 19.89 5.68 -10.57
C LEU G 114 18.80 5.31 -9.59
N VAL G 115 17.58 5.61 -9.99
CA VAL G 115 16.38 5.28 -9.26
C VAL G 115 15.54 4.40 -10.17
N THR G 116 15.25 3.20 -9.75
CA THR G 116 14.52 2.31 -10.62
C THR G 116 13.24 1.86 -9.98
N VAL G 117 12.17 1.92 -10.74
CA VAL G 117 10.91 1.46 -10.21
C VAL G 117 10.48 0.30 -11.08
N SER G 118 10.38 -0.86 -10.47
CA SER G 118 10.07 -2.04 -11.24
C SER G 118 9.59 -3.20 -10.44
N SER G 119 8.70 -3.97 -11.04
CA SER G 119 8.16 -5.18 -10.46
C SER G 119 9.19 -6.29 -10.44
N ALA G 120 10.22 -6.16 -11.28
CA ALA G 120 11.25 -7.15 -11.41
C ALA G 120 12.10 -7.20 -10.16
N SER G 121 12.48 -8.40 -9.76
CA SER G 121 13.35 -8.61 -8.63
C SER G 121 14.80 -8.42 -9.06
N THR G 122 15.72 -8.33 -8.10
CA THR G 122 17.13 -8.25 -8.45
C THR G 122 17.52 -9.61 -9.01
N LYS G 123 18.24 -9.60 -10.12
CA LYS G 123 18.69 -10.82 -10.78
C LYS G 123 20.04 -10.58 -11.42
N GLY G 124 20.98 -11.49 -11.21
CA GLY G 124 22.29 -11.34 -11.85
C GLY G 124 22.21 -11.92 -13.24
N PRO G 125 23.12 -11.54 -14.15
CA PRO G 125 23.23 -11.97 -15.53
C PRO G 125 23.72 -13.36 -15.75
N SER G 126 23.33 -13.90 -16.89
CA SER G 126 23.85 -15.12 -17.43
C SER G 126 24.70 -14.69 -18.61
N VAL G 127 25.77 -15.40 -18.90
CA VAL G 127 26.60 -14.97 -20.01
C VAL G 127 26.69 -16.05 -21.06
N PHE G 128 26.38 -15.65 -22.28
CA PHE G 128 26.34 -16.52 -23.43
C PHE G 128 27.32 -16.08 -24.52
N PRO G 129 28.53 -16.64 -24.58
CA PRO G 129 29.58 -16.29 -25.51
C PRO G 129 29.18 -16.37 -26.97
N LEU G 130 29.70 -15.42 -27.73
CA LEU G 130 29.51 -15.28 -29.16
C LEU G 130 30.83 -15.70 -29.80
N ALA G 131 30.94 -16.98 -30.16
CA ALA G 131 32.24 -17.48 -30.58
C ALA G 131 32.68 -16.94 -31.95
N PRO G 132 34.01 -16.70 -32.16
CA PRO G 132 34.65 -16.36 -33.41
C PRO G 132 34.58 -17.55 -34.39
N SER G 133 34.38 -18.74 -33.81
CA SER G 133 34.31 -20.02 -34.52
C SER G 133 35.24 -20.07 -35.71
N SER G 134 34.72 -20.59 -36.82
CA SER G 134 35.39 -20.51 -38.12
C SER G 134 34.53 -19.69 -39.08
N LYS G 135 33.33 -19.33 -38.61
CA LYS G 135 32.30 -18.64 -39.38
C LYS G 135 32.10 -17.16 -39.01
N SER G 136 32.65 -16.71 -37.87
CA SER G 136 32.45 -15.34 -37.37
C SER G 136 33.76 -14.60 -37.61
N THR G 137 34.62 -15.24 -38.39
CA THR G 137 35.95 -14.79 -38.75
C THR G 137 36.09 -14.65 -40.26
N SER G 138 36.66 -13.53 -40.71
CA SER G 138 36.85 -13.30 -42.14
C SER G 138 38.27 -12.80 -42.44
N GLY G 139 39.04 -13.64 -43.12
CA GLY G 139 40.40 -13.28 -43.44
C GLY G 139 41.21 -13.07 -42.18
N GLY G 140 41.81 -11.89 -42.07
CA GLY G 140 42.66 -11.52 -40.95
C GLY G 140 41.88 -10.88 -39.78
N THR G 141 40.57 -10.72 -39.90
CA THR G 141 39.81 -10.07 -38.82
C THR G 141 38.76 -11.00 -38.22
N ALA G 142 38.80 -11.14 -36.90
CA ALA G 142 37.83 -11.99 -36.22
C ALA G 142 36.97 -11.20 -35.28
N ALA G 143 35.70 -11.56 -35.18
CA ALA G 143 34.85 -10.92 -34.20
C ALA G 143 34.51 -11.90 -33.11
N LEU G 144 34.74 -11.51 -31.88
CA LEU G 144 34.36 -12.38 -30.78
C LEU G 144 33.70 -11.57 -29.72
N GLY G 145 32.84 -12.18 -28.93
CA GLY G 145 32.24 -11.41 -27.85
C GLY G 145 31.35 -12.26 -26.98
N CYS G 146 30.59 -11.60 -26.13
CA CYS G 146 29.64 -12.23 -25.23
C CYS G 146 28.34 -11.48 -25.10
N LEU G 147 27.26 -12.24 -25.03
CA LEU G 147 25.98 -11.65 -24.77
C LEU G 147 25.62 -11.81 -23.31
N VAL G 148 25.38 -10.69 -22.64
CA VAL G 148 25.05 -10.71 -21.24
C VAL G 148 23.57 -10.49 -21.13
N LYS G 149 22.84 -11.42 -20.53
CA LYS G 149 21.40 -11.25 -20.54
C LYS G 149 20.68 -11.69 -19.28
N ASP G 150 19.41 -11.29 -19.24
CA ASP G 150 18.44 -11.57 -18.21
C ASP G 150 18.81 -11.11 -16.82
N TYR G 151 19.38 -9.90 -16.73
CA TYR G 151 19.72 -9.29 -15.42
C TYR G 151 18.88 -8.03 -15.28
N PHE G 152 17.91 -8.02 -14.35
CA PHE G 152 17.04 -6.82 -14.31
C PHE G 152 17.81 -5.54 -13.96
N PRO G 153 18.76 -5.51 -13.00
CA PRO G 153 19.52 -4.29 -12.71
C PRO G 153 20.40 -3.90 -13.91
N GLU G 154 20.54 -2.60 -14.19
CA GLU G 154 21.28 -2.14 -15.40
C GLU G 154 22.80 -2.01 -15.19
N PRO G 155 23.33 -1.50 -14.03
CA PRO G 155 24.76 -1.28 -13.91
C PRO G 155 25.67 -2.52 -13.90
N VAL G 156 25.77 -3.12 -15.09
CA VAL G 156 26.67 -4.23 -15.37
C VAL G 156 27.90 -3.68 -16.09
N THR G 157 29.07 -3.96 -15.53
CA THR G 157 30.32 -3.51 -16.13
C THR G 157 31.02 -4.67 -16.79
N VAL G 158 31.40 -4.51 -18.05
CA VAL G 158 32.08 -5.58 -18.75
C VAL G 158 33.41 -5.13 -19.30
N SER G 159 34.42 -5.93 -19.06
CA SER G 159 35.76 -5.66 -19.57
C SER G 159 36.37 -6.97 -20.03
N TRP G 160 37.44 -6.89 -20.80
CA TRP G 160 38.06 -8.12 -21.28
C TRP G 160 39.46 -8.35 -20.74
N ASN G 161 39.77 -9.62 -20.52
CA ASN G 161 41.08 -10.05 -20.05
C ASN G 161 41.48 -9.27 -18.80
N SER G 162 40.53 -9.13 -17.88
CA SER G 162 40.66 -8.42 -16.62
C SER G 162 41.11 -6.97 -16.75
N GLY G 163 40.71 -6.31 -17.84
CA GLY G 163 41.04 -4.90 -18.03
C GLY G 163 42.23 -4.72 -18.96
N ALA G 164 42.90 -5.82 -19.31
CA ALA G 164 44.04 -5.77 -20.20
C ALA G 164 43.63 -5.51 -21.65
N LEU G 165 42.45 -5.97 -22.06
CA LEU G 165 42.03 -5.79 -23.43
C LEU G 165 40.98 -4.71 -23.53
N THR G 166 41.37 -3.61 -24.15
CA THR G 166 40.53 -2.45 -24.31
C THR G 166 40.57 -2.13 -25.77
N SER G 167 41.61 -2.66 -26.39
CA SER G 167 41.86 -2.38 -27.78
C SER G 167 40.94 -3.18 -28.66
N GLY G 168 40.12 -2.47 -29.42
CA GLY G 168 39.14 -3.08 -30.28
C GLY G 168 37.86 -3.45 -29.55
N VAL G 169 37.74 -3.04 -28.28
CA VAL G 169 36.58 -3.41 -27.49
C VAL G 169 35.46 -2.38 -27.60
N HIS G 170 34.28 -2.88 -27.92
CA HIS G 170 33.09 -2.06 -28.05
C HIS G 170 31.95 -2.66 -27.28
N THR G 171 31.32 -1.85 -26.44
CA THR G 171 30.19 -2.35 -25.69
C THR G 171 29.00 -1.50 -26.00
N PHE G 172 27.86 -2.08 -25.84
CA PHE G 172 26.63 -1.41 -26.14
C PHE G 172 25.89 -1.01 -24.88
N PRO G 173 25.08 0.06 -24.91
CA PRO G 173 24.21 0.45 -23.84
C PRO G 173 23.27 -0.69 -23.58
N ALA G 174 22.92 -0.89 -22.31
CA ALA G 174 22.00 -1.96 -21.97
C ALA G 174 20.63 -1.62 -22.51
N VAL G 175 19.92 -2.64 -22.93
CA VAL G 175 18.58 -2.47 -23.45
C VAL G 175 17.57 -3.22 -22.63
N LEU G 176 16.52 -2.52 -22.25
CA LEU G 176 15.44 -3.12 -21.50
C LEU G 176 14.60 -3.96 -22.45
N GLN G 177 14.36 -5.20 -22.07
CA GLN G 177 13.62 -6.13 -22.90
C GLN G 177 12.16 -6.15 -22.53
N SER G 178 11.36 -6.88 -23.30
CA SER G 178 9.93 -6.99 -23.07
C SER G 178 9.57 -7.75 -21.81
N SER G 179 10.51 -8.55 -21.32
CA SER G 179 10.35 -9.35 -20.12
C SER G 179 10.49 -8.51 -18.87
N GLY G 180 11.03 -7.30 -19.02
CA GLY G 180 11.35 -6.43 -17.91
C GLY G 180 12.81 -6.51 -17.51
N LEU G 181 13.55 -7.47 -18.07
CA LEU G 181 14.97 -7.63 -17.77
C LEU G 181 15.80 -6.94 -18.81
N TYR G 182 17.05 -6.67 -18.49
CA TYR G 182 17.99 -6.02 -19.40
C TYR G 182 18.98 -6.98 -20.02
N SER G 183 19.49 -6.59 -21.19
CA SER G 183 20.57 -7.31 -21.84
C SER G 183 21.62 -6.34 -22.40
N LEU G 184 22.84 -6.83 -22.51
CA LEU G 184 23.98 -6.07 -23.00
C LEU G 184 24.93 -6.85 -23.91
N SER G 185 25.36 -6.20 -24.98
CA SER G 185 26.32 -6.79 -25.89
C SER G 185 27.73 -6.26 -25.65
N SER G 186 28.70 -7.17 -25.58
CA SER G 186 30.11 -6.80 -25.45
C SER G 186 30.96 -7.55 -26.45
N VAL G 187 31.56 -6.83 -27.39
CA VAL G 187 32.34 -7.49 -28.42
C VAL G 187 33.70 -6.87 -28.61
N VAL G 188 34.61 -7.66 -29.09
CA VAL G 188 35.92 -7.16 -29.41
C VAL G 188 36.39 -7.64 -30.77
N THR G 189 37.00 -6.74 -31.53
CA THR G 189 37.56 -7.12 -32.81
C THR G 189 39.01 -7.42 -32.60
N VAL G 190 39.43 -8.60 -33.01
CA VAL G 190 40.81 -9.01 -32.79
C VAL G 190 41.37 -9.56 -34.10
N PRO G 191 42.70 -9.65 -34.27
CA PRO G 191 43.33 -10.33 -35.37
C PRO G 191 42.88 -11.77 -35.36
N SER G 192 42.61 -12.33 -36.54
CA SER G 192 42.18 -13.72 -36.62
C SER G 192 43.34 -14.64 -36.31
N SER G 193 44.55 -14.08 -36.36
CA SER G 193 45.78 -14.79 -36.07
C SER G 193 45.89 -15.13 -34.59
N SER G 194 45.08 -14.47 -33.76
CA SER G 194 45.09 -14.73 -32.33
C SER G 194 44.21 -15.93 -32.02
N LEU G 195 43.42 -16.38 -32.99
CA LEU G 195 42.53 -17.47 -32.67
C LEU G 195 43.32 -18.74 -32.59
N GLY G 196 43.06 -19.51 -31.54
CA GLY G 196 43.75 -20.78 -31.33
C GLY G 196 44.96 -20.62 -30.43
N THR G 197 45.36 -19.37 -30.17
CA THR G 197 46.50 -19.11 -29.31
C THR G 197 46.13 -18.24 -28.11
N GLN G 198 45.24 -17.26 -28.32
CA GLN G 198 44.82 -16.39 -27.24
C GLN G 198 43.39 -16.72 -26.85
N THR G 199 43.18 -17.02 -25.58
CA THR G 199 41.82 -17.24 -25.09
C THR G 199 41.32 -15.90 -24.66
N TYR G 200 40.10 -15.55 -25.03
CA TYR G 200 39.63 -14.26 -24.60
C TYR G 200 38.71 -14.44 -23.41
N ILE G 201 38.88 -13.60 -22.41
CA ILE G 201 38.02 -13.71 -21.24
C ILE G 201 37.11 -12.53 -21.10
N CYS G 202 35.84 -12.82 -21.00
CA CYS G 202 34.87 -11.77 -20.78
C CYS G 202 34.59 -11.68 -19.31
N ASN G 203 34.91 -10.56 -18.70
CA ASN G 203 34.74 -10.37 -17.28
C ASN G 203 33.53 -9.49 -16.99
N VAL G 204 32.46 -10.12 -16.51
CA VAL G 204 31.19 -9.42 -16.29
C VAL G 204 30.89 -9.19 -14.82
N ASN G 205 30.75 -7.92 -14.43
CA ASN G 205 30.53 -7.55 -13.04
C ASN G 205 29.22 -6.81 -12.80
N HIS G 206 28.30 -7.45 -12.08
CA HIS G 206 27.01 -6.83 -11.83
C HIS G 206 27.00 -6.40 -10.38
N LYS G 207 26.93 -5.10 -10.16
CA LYS G 207 27.10 -4.69 -8.77
C LYS G 207 26.00 -5.07 -7.77
N PRO G 208 24.71 -4.72 -7.94
CA PRO G 208 23.67 -4.98 -6.96
C PRO G 208 23.34 -6.45 -6.71
N SER G 209 23.71 -7.32 -7.63
CA SER G 209 23.39 -8.70 -7.47
C SER G 209 24.57 -9.49 -6.94
N ASN G 210 25.73 -8.82 -6.71
CA ASN G 210 26.93 -9.52 -6.29
C ASN G 210 27.27 -10.64 -7.26
N THR G 211 27.21 -10.35 -8.56
CA THR G 211 27.47 -11.39 -9.53
C THR G 211 28.69 -11.12 -10.38
N LYS G 212 29.59 -12.09 -10.44
CA LYS G 212 30.76 -11.97 -11.29
C LYS G 212 30.92 -13.21 -12.14
N VAL G 213 30.92 -13.01 -13.45
CA VAL G 213 31.01 -14.12 -14.37
C VAL G 213 32.19 -14.00 -15.32
N ASP G 214 33.04 -15.03 -15.32
CA ASP G 214 34.21 -15.04 -16.20
C ASP G 214 34.07 -16.10 -17.30
N LYS G 215 33.89 -15.68 -18.54
CA LYS G 215 33.74 -16.67 -19.61
C LYS G 215 34.87 -16.73 -20.60
N LYS G 216 35.21 -17.95 -20.99
CA LYS G 216 36.21 -18.20 -22.01
C LYS G 216 35.58 -18.17 -23.38
N VAL G 217 36.07 -17.26 -24.23
CA VAL G 217 35.52 -17.12 -25.60
C VAL G 217 36.63 -17.41 -26.60
N GLU G 218 36.50 -18.51 -27.36
CA GLU G 218 37.55 -18.90 -28.34
C GLU G 218 36.89 -19.36 -29.64
N VAL H 3 8.02 23.23 -23.71
CA VAL H 3 7.06 23.32 -24.80
C VAL H 3 7.73 23.47 -26.20
N LEU H 4 9.00 23.93 -26.23
CA LEU H 4 9.81 24.25 -27.42
C LEU H 4 10.45 23.00 -27.99
N THR H 5 10.65 22.99 -29.30
CA THR H 5 11.27 21.83 -29.93
C THR H 5 12.60 22.19 -30.54
N GLN H 6 13.43 21.17 -30.78
CA GLN H 6 14.77 21.42 -31.31
C GLN H 6 15.01 20.73 -32.62
N SER H 7 15.91 21.31 -33.39
CA SER H 7 16.32 20.74 -34.67
C SER H 7 17.69 21.27 -35.08
N PRO H 8 18.42 20.59 -35.99
CA PRO H 8 18.17 19.37 -36.76
C PRO H 8 18.01 18.21 -35.81
N ALA H 9 17.30 17.15 -36.15
CA ALA H 9 17.22 16.06 -35.16
C ALA H 9 18.62 15.53 -34.87
N THR H 10 19.42 15.43 -35.93
CA THR H 10 20.81 15.02 -35.87
C THR H 10 21.63 16.01 -36.67
N LEU H 11 22.71 16.47 -36.09
CA LEU H 11 23.64 17.36 -36.76
C LEU H 11 24.95 16.63 -36.99
N SER H 12 25.46 16.64 -38.22
CA SER H 12 26.69 15.90 -38.52
C SER H 12 27.73 16.82 -39.13
N LEU H 13 28.80 16.98 -38.35
CA LEU H 13 29.86 17.93 -38.68
C LEU H 13 31.25 17.37 -38.63
N SER H 14 32.07 17.72 -39.59
CA SER H 14 33.44 17.25 -39.59
C SER H 14 34.13 17.93 -38.44
N PRO H 15 35.17 17.36 -37.83
CA PRO H 15 35.91 18.04 -36.82
C PRO H 15 36.37 19.34 -37.44
N GLY H 16 36.25 20.43 -36.69
CA GLY H 16 36.65 21.75 -37.16
C GLY H 16 35.51 22.58 -37.75
N GLU H 17 34.36 21.98 -38.04
CA GLU H 17 33.23 22.70 -38.63
C GLU H 17 32.32 23.36 -37.61
N ARG H 18 31.63 24.40 -38.08
CA ARG H 18 30.66 25.18 -37.31
C ARG H 18 29.35 24.45 -37.05
N ALA H 19 28.88 24.49 -35.82
CA ALA H 19 27.63 23.84 -35.46
C ALA H 19 26.52 24.77 -35.17
N THR H 20 25.41 24.60 -35.85
CA THR H 20 24.26 25.42 -35.55
C THR H 20 23.14 24.54 -35.07
N LEU H 21 22.59 24.91 -33.92
CA LEU H 21 21.52 24.20 -33.25
C LEU H 21 20.36 25.13 -32.93
N SER H 22 19.14 24.73 -33.27
CA SER H 22 17.98 25.60 -33.03
C SER H 22 16.99 25.08 -32.01
N CYS H 23 16.28 26.03 -31.39
CA CYS H 23 15.17 25.76 -30.47
C CYS H 23 14.04 26.71 -30.81
N ARG H 24 12.87 26.15 -31.12
CA ARG H 24 11.79 26.96 -31.67
C ARG H 24 10.44 26.90 -30.95
N ALA H 25 9.70 28.00 -31.13
CA ALA H 25 8.38 28.23 -30.57
C ALA H 25 7.36 27.20 -30.99
N SER H 26 6.46 26.89 -30.06
CA SER H 26 5.35 25.97 -30.27
C SER H 26 4.13 26.70 -29.77
N GLN H 27 4.45 27.64 -28.91
CA GLN H 27 3.59 28.57 -28.23
C GLN H 27 4.55 29.64 -27.86
N SER H 28 4.05 30.77 -27.38
CA SER H 28 4.94 31.79 -26.92
C SER H 28 5.27 31.70 -25.44
N VAL H 29 6.56 31.58 -25.18
CA VAL H 29 7.23 31.56 -23.90
C VAL H 29 8.41 32.52 -24.03
N SER H 30 8.17 33.81 -23.91
CA SER H 30 9.23 34.77 -24.23
C SER H 30 10.16 35.02 -23.05
N ARG H 31 11.37 34.51 -23.18
CA ARG H 31 12.42 34.57 -22.17
C ARG H 31 13.67 33.93 -22.79
N SER H 32 14.87 34.26 -22.32
CA SER H 32 16.04 33.56 -22.82
C SER H 32 16.25 32.17 -22.21
N LEU H 33 16.36 31.15 -23.07
CA LEU H 33 16.59 29.76 -22.67
C LEU H 33 18.07 29.45 -22.64
N ALA H 34 18.47 28.46 -21.87
CA ALA H 34 19.89 28.07 -21.83
C ALA H 34 20.16 26.74 -22.52
N TRP H 35 21.37 26.59 -23.05
CA TRP H 35 21.78 25.32 -23.63
C TRP H 35 22.79 24.56 -22.74
N TYR H 36 22.61 23.24 -22.75
CA TYR H 36 23.38 22.22 -22.03
C TYR H 36 23.88 21.13 -22.96
N GLN H 37 24.94 20.41 -22.59
CA GLN H 37 25.32 19.25 -23.41
C GLN H 37 25.50 18.01 -22.55
N GLN H 38 25.31 16.84 -23.13
CA GLN H 38 25.48 15.60 -22.39
C GLN H 38 26.15 14.46 -23.16
N LYS H 39 27.00 13.74 -22.46
CA LYS H 39 27.63 12.54 -22.96
C LYS H 39 27.06 11.38 -22.16
N PRO H 40 27.01 10.16 -22.69
CA PRO H 40 26.47 9.02 -21.98
C PRO H 40 27.29 8.74 -20.76
N GLY H 41 26.60 8.41 -19.68
CA GLY H 41 27.27 8.10 -18.44
C GLY H 41 27.64 9.35 -17.66
N GLN H 42 27.28 10.53 -18.17
CA GLN H 42 27.64 11.77 -17.50
C GLN H 42 26.45 12.69 -17.28
N ALA H 43 26.54 13.53 -16.26
CA ALA H 43 25.54 14.55 -16.01
C ALA H 43 25.68 15.58 -17.11
N PRO H 44 24.61 16.29 -17.49
CA PRO H 44 24.66 17.32 -18.47
C PRO H 44 25.45 18.48 -17.92
N ARG H 45 26.08 19.22 -18.81
CA ARG H 45 26.86 20.38 -18.44
C ARG H 45 26.30 21.63 -19.07
N LEU H 46 26.34 22.73 -18.36
CA LEU H 46 25.87 23.98 -18.90
C LEU H 46 26.82 24.51 -19.93
N LEU H 47 26.32 24.93 -21.08
CA LEU H 47 27.19 25.51 -22.07
C LEU H 47 27.14 26.99 -22.01
N ILE H 48 25.92 27.48 -21.91
CA ILE H 48 25.74 28.91 -21.88
C ILE H 48 24.78 29.36 -20.80
N TYR H 49 25.02 30.54 -20.22
CA TYR H 49 24.10 31.11 -19.25
C TYR H 49 23.00 31.87 -19.95
N GLY H 50 22.19 31.12 -20.68
CA GLY H 50 21.12 31.66 -21.48
C GLY H 50 21.60 31.86 -22.91
N SER H 51 20.67 31.89 -23.86
CA SER H 51 21.00 32.04 -25.27
C SER H 51 21.32 33.48 -25.69
N SER H 52 22.39 34.00 -25.10
CA SER H 52 22.96 35.33 -25.34
C SER H 52 24.27 35.43 -24.57
N ASN H 53 24.66 34.31 -23.95
CA ASN H 53 25.82 34.27 -23.05
C ASN H 53 26.65 32.98 -23.17
N ARG H 54 27.72 32.88 -22.34
CA ARG H 54 28.61 31.69 -22.25
C ARG H 54 28.88 31.30 -20.79
N ALA H 55 28.83 30.00 -20.49
CA ALA H 55 29.09 29.50 -19.14
C ALA H 55 30.58 29.37 -18.83
N THR H 56 30.91 29.50 -17.56
CA THR H 56 32.27 29.36 -17.09
C THR H 56 32.76 27.95 -17.35
N GLY H 57 33.97 27.83 -17.92
CA GLY H 57 34.58 26.53 -18.19
C GLY H 57 34.32 26.02 -19.61
N ILE H 58 33.49 26.73 -20.35
CA ILE H 58 33.15 26.35 -21.70
C ILE H 58 34.03 27.10 -22.70
N PRO H 59 34.66 26.42 -23.67
CA PRO H 59 35.54 27.01 -24.65
C PRO H 59 34.85 28.15 -25.38
N ALA H 60 35.60 29.22 -25.68
CA ALA H 60 35.02 30.38 -26.33
C ALA H 60 34.89 30.18 -27.82
N ARG H 61 34.08 29.19 -28.14
CA ARG H 61 33.72 28.77 -29.45
C ARG H 61 32.23 28.71 -29.40
N PHE H 62 31.74 28.48 -28.19
CA PHE H 62 30.32 28.29 -27.94
C PHE H 62 29.68 29.64 -27.66
N SER H 63 28.63 30.01 -28.38
CA SER H 63 27.97 31.29 -28.12
C SER H 63 26.45 31.25 -28.32
N GLY H 64 25.69 31.62 -27.26
CA GLY H 64 24.24 31.63 -27.40
C GLY H 64 23.76 32.89 -28.11
N SER H 65 22.63 32.79 -28.83
CA SER H 65 22.04 33.95 -29.51
C SER H 65 20.55 33.78 -29.80
N GLY H 66 19.80 34.89 -29.81
CA GLY H 66 18.38 34.83 -30.18
C GLY H 66 17.53 35.82 -29.40
N SER H 67 16.22 35.72 -29.55
CA SER H 67 15.32 36.65 -28.86
C SER H 67 13.92 36.08 -28.73
N GLY H 68 13.12 36.67 -27.86
CA GLY H 68 11.73 36.25 -27.82
C GLY H 68 11.57 34.79 -27.44
N THR H 69 10.96 34.07 -28.37
CA THR H 69 10.65 32.66 -28.26
C THR H 69 11.50 31.74 -29.14
N ASP H 70 12.47 32.30 -29.89
CA ASP H 70 13.24 31.50 -30.83
C ASP H 70 14.75 31.76 -30.71
N PHE H 71 15.48 30.71 -30.32
CA PHE H 71 16.91 30.83 -30.03
C PHE H 71 17.77 29.77 -30.67
N THR H 72 19.04 30.11 -30.86
CA THR H 72 20.00 29.15 -31.36
C THR H 72 21.28 29.14 -30.55
N LEU H 73 22.04 28.07 -30.73
CA LEU H 73 23.39 27.94 -30.22
C LEU H 73 24.32 27.75 -31.38
N THR H 74 25.34 28.57 -31.45
CA THR H 74 26.29 28.41 -32.52
C THR H 74 27.64 28.12 -31.94
N ILE H 75 28.28 27.09 -32.45
CA ILE H 75 29.61 26.79 -32.00
C ILE H 75 30.47 27.06 -33.21
N SER H 76 31.40 28.00 -33.11
CA SER H 76 32.15 28.42 -34.29
C SER H 76 32.94 27.31 -34.97
N SER H 77 33.38 26.34 -34.19
CA SER H 77 34.11 25.21 -34.67
C SER H 77 34.05 24.13 -33.61
N LEU H 78 33.82 22.86 -33.96
CA LEU H 78 33.82 21.79 -32.97
C LEU H 78 35.11 20.98 -32.92
N GLU H 79 35.49 20.57 -31.72
CA GLU H 79 36.60 19.64 -31.55
C GLU H 79 35.93 18.29 -31.35
N PRO H 80 36.60 17.14 -31.56
CA PRO H 80 36.02 15.80 -31.37
C PRO H 80 35.36 15.60 -30.00
N GLU H 81 35.77 16.39 -28.99
CA GLU H 81 35.22 16.29 -27.66
C GLU H 81 33.96 17.13 -27.40
N ASP H 82 33.53 17.90 -28.41
CA ASP H 82 32.35 18.76 -28.33
C ASP H 82 31.14 18.11 -28.99
N PHE H 83 31.29 16.84 -29.31
CA PHE H 83 30.22 16.08 -29.91
C PHE H 83 29.50 15.39 -28.75
N ALA H 84 28.29 15.86 -28.52
CA ALA H 84 27.43 15.55 -27.39
C ALA H 84 25.97 15.81 -27.76
N VAL H 85 25.03 15.39 -26.91
CA VAL H 85 23.64 15.74 -27.17
C VAL H 85 23.37 17.07 -26.52
N TYR H 86 22.83 18.00 -27.29
CA TYR H 86 22.56 19.34 -26.82
C TYR H 86 21.10 19.54 -26.43
N TYR H 87 20.89 20.15 -25.26
CA TYR H 87 19.56 20.37 -24.70
C TYR H 87 19.21 21.80 -24.41
N CYS H 88 17.92 22.09 -24.45
CA CYS H 88 17.41 23.42 -24.12
C CYS H 88 16.59 23.48 -22.85
N GLN H 89 16.82 24.52 -22.06
CA GLN H 89 16.07 24.75 -20.82
C GLN H 89 15.34 26.08 -20.78
N GLN H 90 14.02 25.99 -20.72
CA GLN H 90 13.14 27.17 -20.74
C GLN H 90 12.35 27.33 -19.44
N ARG H 91 12.44 28.50 -18.79
CA ARG H 91 11.68 28.66 -17.54
C ARG H 91 10.27 29.19 -17.89
N ILE H 92 9.25 28.39 -17.58
CA ILE H 92 7.88 28.69 -17.94
C ILE H 92 7.00 28.85 -16.71
N HIS H 93 6.53 30.07 -16.46
CA HIS H 93 5.83 30.34 -15.22
C HIS H 93 6.82 29.97 -14.12
N THR H 94 6.56 28.90 -13.39
CA THR H 94 7.46 28.50 -12.33
C THR H 94 8.26 27.24 -12.68
N SER H 95 7.84 26.50 -13.70
CA SER H 95 8.47 25.23 -14.02
C SER H 95 9.72 25.38 -14.85
N TRP H 96 10.61 24.42 -14.74
CA TRP H 96 11.80 24.40 -15.55
C TRP H 96 11.54 23.36 -16.62
N THR H 97 11.46 23.75 -17.88
CA THR H 97 11.11 22.77 -18.89
C THR H 97 12.25 22.46 -19.83
N PHE H 98 12.47 21.17 -20.03
CA PHE H 98 13.51 20.71 -20.91
C PHE H 98 12.98 20.27 -22.25
N GLY H 99 13.78 20.49 -23.28
CA GLY H 99 13.47 20.08 -24.63
C GLY H 99 13.87 18.63 -24.88
N GLN H 100 13.80 18.20 -26.14
CA GLN H 100 14.08 16.81 -26.48
C GLN H 100 15.55 16.60 -26.73
N GLY H 101 16.19 17.63 -27.24
CA GLY H 101 17.62 17.63 -27.51
C GLY H 101 18.01 17.23 -28.93
N THR H 102 19.17 17.73 -29.35
CA THR H 102 19.77 17.45 -30.67
C THR H 102 21.05 16.71 -30.55
N LYS H 103 21.15 15.59 -31.25
CA LYS H 103 22.39 14.84 -31.17
C LYS H 103 23.37 15.37 -32.18
N VAL H 104 24.61 15.65 -31.75
CA VAL H 104 25.60 16.14 -32.67
C VAL H 104 26.67 15.06 -32.80
N GLU H 105 26.93 14.64 -34.03
CA GLU H 105 27.85 13.56 -34.34
C GLU H 105 28.96 14.02 -35.28
N ILE H 106 30.07 13.31 -35.23
CA ILE H 106 31.22 13.64 -36.05
C ILE H 106 31.03 13.14 -37.45
N LYS H 107 31.27 14.01 -38.42
CA LYS H 107 31.18 13.66 -39.83
C LYS H 107 32.52 13.12 -40.26
N ARG H 108 32.46 12.11 -41.07
CA ARG H 108 33.60 11.44 -41.64
C ARG H 108 33.03 10.85 -42.90
N THR H 109 33.82 10.12 -43.66
CA THR H 109 33.28 9.54 -44.87
C THR H 109 32.44 8.33 -44.58
N VAL H 110 31.80 7.86 -45.63
CA VAL H 110 30.92 6.72 -45.49
C VAL H 110 31.68 5.41 -45.43
N ALA H 111 31.36 4.61 -44.43
CA ALA H 111 32.03 3.33 -44.29
C ALA H 111 31.05 2.19 -44.11
N ALA H 112 31.14 1.21 -45.00
CA ALA H 112 30.29 0.05 -44.91
C ALA H 112 30.69 -0.72 -43.66
N PRO H 113 29.78 -1.39 -42.97
CA PRO H 113 30.07 -2.25 -41.84
C PRO H 113 30.69 -3.55 -42.22
N SER H 114 31.51 -4.06 -41.32
CA SER H 114 31.95 -5.43 -41.41
C SER H 114 30.81 -6.17 -40.78
N VAL H 115 30.32 -7.25 -41.38
CA VAL H 115 29.16 -7.89 -40.80
C VAL H 115 29.44 -9.30 -40.36
N PHE H 116 29.09 -9.60 -39.10
CA PHE H 116 29.32 -10.91 -38.55
C PHE H 116 28.02 -11.49 -37.99
N ILE H 117 27.79 -12.79 -38.17
CA ILE H 117 26.61 -13.41 -37.58
C ILE H 117 27.02 -14.44 -36.56
N PHE H 118 26.47 -14.30 -35.36
CA PHE H 118 26.77 -15.22 -34.30
C PHE H 118 25.57 -16.12 -33.95
N PRO H 119 25.61 -17.44 -34.26
CA PRO H 119 24.59 -18.43 -33.97
C PRO H 119 24.45 -18.49 -32.46
N PRO H 120 23.35 -19.05 -31.91
CA PRO H 120 23.09 -19.16 -30.50
C PRO H 120 24.11 -20.04 -29.81
N SER H 121 24.35 -19.75 -28.54
CA SER H 121 25.22 -20.54 -27.69
C SER H 121 24.54 -21.83 -27.27
N ASP H 122 25.32 -22.88 -27.09
CA ASP H 122 24.78 -24.16 -26.63
C ASP H 122 24.08 -23.98 -25.29
N GLU H 123 24.55 -23.02 -24.50
CA GLU H 123 23.99 -22.78 -23.19
C GLU H 123 22.59 -22.16 -23.30
N GLN H 124 22.35 -21.36 -24.35
CA GLN H 124 21.04 -20.74 -24.50
C GLN H 124 20.06 -21.80 -24.86
N LEU H 125 20.52 -22.73 -25.70
CA LEU H 125 19.65 -23.79 -26.14
C LEU H 125 19.35 -24.74 -25.00
N LYS H 126 20.34 -25.06 -24.17
CA LYS H 126 20.08 -25.92 -23.02
C LYS H 126 19.08 -25.25 -22.07
N SER H 127 19.12 -23.91 -22.02
CA SER H 127 18.25 -23.11 -21.18
C SER H 127 16.85 -22.91 -21.77
N GLY H 128 16.62 -23.38 -23.01
CA GLY H 128 15.32 -23.27 -23.68
C GLY H 128 15.09 -22.07 -24.60
N THR H 129 16.12 -21.27 -24.88
CA THR H 129 15.98 -20.10 -25.73
C THR H 129 17.05 -20.03 -26.78
N ALA H 130 16.97 -19.05 -27.65
CA ALA H 130 18.01 -18.87 -28.62
C ALA H 130 18.09 -17.45 -29.10
N SER H 131 19.24 -17.02 -29.52
CA SER H 131 19.30 -15.73 -30.14
C SER H 131 20.41 -15.71 -31.14
N VAL H 132 20.24 -14.90 -32.15
CA VAL H 132 21.25 -14.77 -33.16
C VAL H 132 21.67 -13.32 -33.20
N VAL H 133 22.96 -13.08 -33.17
CA VAL H 133 23.40 -11.69 -33.18
C VAL H 133 24.09 -11.25 -34.44
N CYS H 134 23.58 -10.18 -35.04
CA CYS H 134 24.19 -9.59 -36.22
C CYS H 134 24.96 -8.38 -35.78
N LEU H 135 26.25 -8.46 -35.96
CA LEU H 135 27.12 -7.41 -35.54
C LEU H 135 27.65 -6.63 -36.68
N LEU H 136 27.48 -5.32 -36.60
CA LEU H 136 28.01 -4.45 -37.63
C LEU H 136 29.17 -3.69 -37.02
N ASN H 137 30.36 -3.82 -37.57
CA ASN H 137 31.47 -3.07 -37.02
C ASN H 137 32.02 -2.00 -37.92
N ASN H 138 32.50 -0.93 -37.30
CA ASN H 138 33.21 0.16 -37.95
C ASN H 138 32.47 0.82 -39.12
N PHE H 139 31.22 1.21 -38.92
CA PHE H 139 30.47 1.82 -40.03
C PHE H 139 30.09 3.25 -39.78
N TYR H 140 29.79 3.96 -40.84
CA TYR H 140 29.37 5.34 -40.71
C TYR H 140 28.56 5.82 -41.88
N PRO H 141 27.46 6.57 -41.68
CA PRO H 141 26.73 7.06 -40.50
C PRO H 141 25.80 6.03 -39.91
N ARG H 142 25.08 6.40 -38.83
CA ARG H 142 24.10 5.46 -38.24
C ARG H 142 22.80 5.34 -39.01
N GLU H 143 22.90 4.86 -40.24
CA GLU H 143 21.73 4.65 -41.08
C GLU H 143 21.59 3.19 -41.47
N ALA H 144 22.34 2.31 -40.82
CA ALA H 144 22.27 0.91 -41.16
C ALA H 144 20.91 0.36 -40.83
N LYS H 145 20.40 -0.48 -41.70
CA LYS H 145 19.13 -1.11 -41.45
C LYS H 145 19.37 -2.59 -41.50
N VAL H 146 19.08 -3.25 -40.40
CA VAL H 146 19.39 -4.66 -40.32
C VAL H 146 18.12 -5.49 -40.32
N GLN H 147 17.97 -6.29 -41.36
CA GLN H 147 16.79 -7.07 -41.60
C GLN H 147 16.98 -8.58 -41.40
N TRP H 148 16.34 -9.11 -40.38
CA TRP H 148 16.48 -10.52 -40.08
C TRP H 148 15.54 -11.35 -40.90
N LYS H 149 16.05 -12.46 -41.40
CA LYS H 149 15.24 -13.38 -42.15
C LYS H 149 15.44 -14.80 -41.64
N VAL H 150 14.39 -15.60 -41.67
CA VAL H 150 14.53 -17.00 -41.32
C VAL H 150 13.95 -17.82 -42.45
N ASP H 151 14.78 -18.66 -43.06
CA ASP H 151 14.39 -19.44 -44.23
C ASP H 151 13.78 -18.50 -45.27
N ASN H 152 14.44 -17.34 -45.41
CA ASN H 152 14.14 -16.23 -46.30
C ASN H 152 12.83 -15.49 -46.00
N ALA H 153 12.20 -15.77 -44.87
CA ALA H 153 11.01 -15.03 -44.48
C ALA H 153 11.43 -13.84 -43.64
N LEU H 154 10.94 -12.66 -43.97
CA LEU H 154 11.35 -11.51 -43.19
C LEU H 154 10.72 -11.54 -41.81
N GLN H 155 11.53 -11.28 -40.80
CA GLN H 155 11.09 -11.25 -39.41
C GLN H 155 10.74 -9.83 -39.02
N SER H 156 9.82 -9.70 -38.07
CA SER H 156 9.50 -8.39 -37.53
C SER H 156 8.92 -8.49 -36.13
N GLY H 157 9.34 -7.56 -35.26
CA GLY H 157 8.81 -7.47 -33.89
C GLY H 157 9.47 -8.43 -32.89
N ASN H 158 10.45 -9.18 -33.36
CA ASN H 158 11.15 -10.16 -32.54
C ASN H 158 12.64 -9.91 -32.48
N SER H 159 13.03 -8.65 -32.57
CA SER H 159 14.43 -8.30 -32.50
C SER H 159 14.66 -6.96 -31.83
N GLN H 160 15.85 -6.83 -31.27
CA GLN H 160 16.32 -5.61 -30.62
C GLN H 160 17.49 -4.98 -31.31
N GLU H 161 17.67 -3.68 -31.11
CA GLU H 161 18.81 -2.97 -31.67
C GLU H 161 19.47 -2.02 -30.69
N SER H 162 20.80 -2.04 -30.68
CA SER H 162 21.59 -1.12 -29.88
C SER H 162 22.80 -0.62 -30.66
N VAL H 163 23.05 0.67 -30.57
CA VAL H 163 24.15 1.28 -31.30
C VAL H 163 25.05 2.05 -30.38
N THR H 164 26.36 1.95 -30.61
CA THR H 164 27.36 2.61 -29.80
C THR H 164 27.46 4.06 -30.21
N GLU H 165 28.19 4.80 -29.45
CA GLU H 165 28.49 6.17 -29.81
C GLU H 165 29.55 6.06 -30.88
N GLN H 166 29.76 7.11 -31.66
CA GLN H 166 30.85 7.00 -32.61
C GLN H 166 32.08 6.91 -31.73
N ASP H 167 32.90 5.88 -31.93
CA ASP H 167 34.06 5.65 -31.03
C ASP H 167 35.33 6.11 -31.76
N SER H 168 36.18 6.90 -31.11
CA SER H 168 37.33 7.46 -31.86
C SER H 168 38.29 6.37 -32.37
N LYS H 169 38.62 5.35 -31.55
CA LYS H 169 39.60 4.36 -32.10
C LYS H 169 38.97 3.65 -33.29
N ASP H 170 37.70 3.23 -33.18
CA ASP H 170 36.99 2.65 -34.34
C ASP H 170 36.83 3.76 -35.39
N SER H 171 36.55 4.99 -34.93
CA SER H 171 36.34 6.16 -35.83
C SER H 171 34.91 6.13 -36.38
N THR H 172 34.06 5.22 -35.89
CA THR H 172 32.70 5.09 -36.47
C THR H 172 31.73 4.48 -35.45
N TYR H 173 30.76 3.68 -35.91
CA TYR H 173 29.80 3.03 -35.04
C TYR H 173 29.81 1.54 -35.11
N SER H 174 29.37 0.94 -34.03
CA SER H 174 29.10 -0.48 -34.08
C SER H 174 27.62 -0.63 -33.77
N LEU H 175 27.03 -1.69 -34.30
CA LEU H 175 25.61 -1.97 -34.09
C LEU H 175 25.37 -3.41 -33.76
N SER H 176 24.53 -3.64 -32.79
CA SER H 176 24.18 -4.99 -32.42
C SER H 176 22.70 -5.23 -32.57
N SER H 177 22.37 -6.14 -33.47
CA SER H 177 20.99 -6.49 -33.75
C SER H 177 20.75 -7.91 -33.32
N THR H 178 19.82 -8.11 -32.40
CA THR H 178 19.61 -9.45 -31.88
C THR H 178 18.23 -9.99 -32.19
N LEU H 179 18.22 -11.16 -32.79
CA LEU H 179 16.99 -11.86 -33.12
C LEU H 179 16.65 -12.81 -31.99
N THR H 180 15.46 -12.70 -31.43
CA THR H 180 15.06 -13.55 -30.31
C THR H 180 14.13 -14.65 -30.77
N LEU H 181 14.52 -15.88 -30.47
CA LEU H 181 13.81 -17.08 -30.84
C LEU H 181 13.60 -17.96 -29.61
N SER H 182 12.51 -18.71 -29.55
CA SER H 182 12.46 -19.68 -28.47
C SER H 182 13.33 -20.82 -28.96
N LYS H 183 13.73 -21.78 -28.12
CA LYS H 183 14.50 -22.91 -28.64
C LYS H 183 13.77 -23.55 -29.81
N ALA H 184 12.45 -23.69 -29.67
CA ALA H 184 11.62 -24.29 -30.67
C ALA H 184 11.65 -23.53 -31.98
N ASP H 185 11.80 -22.21 -31.97
CA ASP H 185 11.74 -21.50 -33.24
C ASP H 185 13.07 -21.66 -33.90
N TYR H 186 14.11 -21.66 -33.06
CA TYR H 186 15.43 -21.81 -33.59
C TYR H 186 15.58 -23.15 -34.27
N GLU H 187 15.17 -24.22 -33.58
CA GLU H 187 15.28 -25.56 -34.14
C GLU H 187 14.33 -25.88 -35.30
N LYS H 188 13.09 -25.34 -35.30
CA LYS H 188 12.21 -25.66 -36.42
C LYS H 188 12.77 -25.15 -37.75
N HIS H 189 13.36 -23.96 -37.75
CA HIS H 189 13.93 -23.38 -38.95
C HIS H 189 15.38 -23.80 -39.19
N LYS H 190 15.83 -23.78 -40.45
CA LYS H 190 17.23 -24.19 -40.69
C LYS H 190 18.21 -23.09 -41.07
N VAL H 191 17.77 -22.11 -41.85
CA VAL H 191 18.69 -21.08 -42.31
C VAL H 191 18.40 -19.71 -41.75
N TYR H 192 19.41 -19.16 -41.13
CA TYR H 192 19.29 -17.87 -40.53
C TYR H 192 20.08 -16.90 -41.33
N ALA H 193 19.52 -15.74 -41.55
CA ALA H 193 20.24 -14.79 -42.35
C ALA H 193 19.91 -13.37 -42.01
N CYS H 194 20.81 -12.48 -42.32
CA CYS H 194 20.50 -11.11 -42.09
C CYS H 194 21.07 -10.19 -43.14
N GLU H 195 20.19 -9.37 -43.69
CA GLU H 195 20.49 -8.42 -44.73
C GLU H 195 20.77 -7.04 -44.17
N VAL H 196 21.92 -6.49 -44.50
CA VAL H 196 22.26 -5.18 -43.99
C VAL H 196 22.33 -4.12 -45.07
N THR H 197 21.49 -3.12 -44.93
CA THR H 197 21.44 -2.02 -45.87
C THR H 197 22.24 -0.88 -45.29
N HIS H 198 23.12 -0.30 -46.09
CA HIS H 198 23.94 0.81 -45.63
C HIS H 198 24.44 1.66 -46.78
N GLN H 199 24.71 2.93 -46.49
CA GLN H 199 25.20 3.88 -47.49
C GLN H 199 26.52 3.48 -48.14
N GLY H 200 27.38 2.77 -47.41
CA GLY H 200 28.68 2.39 -47.92
C GLY H 200 28.64 1.11 -48.72
N LEU H 201 27.47 0.51 -48.85
CA LEU H 201 27.37 -0.72 -49.58
C LEU H 201 26.83 -0.46 -50.96
N SER H 202 27.37 -1.16 -51.95
CA SER H 202 26.87 -1.05 -53.33
C SER H 202 25.52 -1.73 -53.45
N SER H 203 25.27 -2.64 -52.52
CA SER H 203 24.04 -3.39 -52.42
C SER H 203 23.97 -3.91 -50.98
N PRO H 204 22.79 -4.14 -50.41
CA PRO H 204 22.66 -4.70 -49.08
C PRO H 204 23.42 -6.01 -49.02
N VAL H 205 24.07 -6.26 -47.90
CA VAL H 205 24.88 -7.46 -47.78
C VAL H 205 24.23 -8.48 -46.88
N THR H 206 24.17 -9.72 -47.33
CA THR H 206 23.56 -10.73 -46.49
C THR H 206 24.56 -11.75 -46.01
N LYS H 207 24.53 -11.96 -44.70
CA LYS H 207 25.37 -12.98 -44.07
C LYS H 207 24.42 -14.03 -43.52
N SER H 208 24.87 -15.27 -43.47
CA SER H 208 23.98 -16.33 -43.02
C SER H 208 24.65 -17.58 -42.53
N PHE H 209 23.86 -18.43 -41.88
CA PHE H 209 24.40 -19.69 -41.31
C PHE H 209 23.27 -20.71 -41.17
N ASN H 210 23.59 -22.00 -41.17
CA ASN H 210 22.56 -23.03 -40.93
C ASN H 210 22.94 -23.78 -39.64
N ARG H 211 21.99 -23.92 -38.71
CA ARG H 211 22.26 -24.62 -37.43
C ARG H 211 23.11 -25.87 -37.71
#